data_7C7Q
#
_entry.id   7C7Q
#
_cell.length_a   1.00
_cell.length_b   1.00
_cell.length_c   1.00
_cell.angle_alpha   90.00
_cell.angle_beta   90.00
_cell.angle_gamma   90.00
#
_symmetry.space_group_name_H-M   'P 1'
#
loop_
_entity.id
_entity.type
_entity.pdbx_description
1 polymer 'Gamma-aminobutyric acid type B receptor subunit 1'
2 polymer 'Gamma-aminobutyric acid type B receptor subunit 2'
3 non-polymer 2-acetamido-2-deoxy-beta-D-glucopyranose
4 non-polymer (3S)-5,7-ditert-butyl-3-oxidanyl-3-(trifluoromethyl)-1-benzofuran-2-one
5 non-polymer baclofen
#
loop_
_entity_poly.entity_id
_entity_poly.type
_entity_poly.pdbx_seq_one_letter_code
_entity_poly.pdbx_strand_id
1 'polypeptide(L)'
;MKTIIALSYIFCLVFAPGAGGAQTPNATSEGCQIIHPPWEGGIRYRGLTRDQVKAINFLPVDYEIEYVCRGEREVVGPKV
RKCLANGSWTDMDTPSRCVRICSKSYLTLENGKVFLTGGDLPALDGARVDFRCDPDFHLVGSSRSICSQGQWSTPKPHCQ
VNRTPHSERRAVYIGALFPMSGGWPGGQACQPAVEMALEDVNSRRDILPDYELKLIHHDSKCDPGQATKYLYELLYNDPI
KIILMPGCSSVSTLVAEAARMWNLIVLSYGSSSPALSNRQRFPTFFRTHPSATLHNPTRVKLFEKWGWKKIATIQQTTEV
FTSTLDDLEERVKEAGIEITFRQSFFSDPAVPVKNLKRQDARIIVGLFYETEARKVFCEVYKERLFGKKYVWFLIGWYAD
NWFKIYDPSINCTVDEMTEAVEGHITTEIVMLNPANTRSISNMTSQEFVEKLTKRLKRHPEETGGFQEAPLAYDAIWALA
LALNKTSGGGGRSGVRLEDFNYNNQTITDQIYRAMNSSSFEGVSGHVVFDASGSRMAWTLIEQLQGGSYKKIGYYDSTKD
DLSWSKTDKWIGGSPPADQTLVIKTFRFLSQKLFISVSVLSSLGIVLAVVCLSFNIYNSHVRYIQNSQPNLNNLTAVGCS
LALAAVFPLGLDGYHIGRNQFPFVCQARLWLLGLGFSLGYGSMFTKIWWVHTVFTKKEEKKEWRKTLEPWKLYATVGLLV
GMDVLTLAIWQIVDPLHRTIETFAKEEPKEDIDVSILPQLEHCSSRKMNTWLGIFYGYKGLLLLLGIFLAYETKSVSTEK
INDHRAVGMAIYNVAVLCLITAPVTMILSSQQDAAFAFASLAIVFSSYITLVVLFVPKMRRLITEVLFQGPHHHHHHHH
;
A
2 'polypeptide(L)'
;MKTIIALSYIFCLVFADYKDDDDKGSGGSGWARGAPRPPPSSPPLSIMGLMPLTKEVAKGSIGRGVLPAVELAIEQIRNE
SLLRPYFLDLRLYDTECDNAKGLKAFYDAIKYGPNHLMVFGGVCPSVTSIIAESLQGWNLVQLSFAATTPVLADKKKYPY
FFRTVPSDNAVNPAILKLLKHYQWKRVGTLTQDVQRFSEVRNDLTGVLYGEDIEISDTESFSNDPCTSVKKLKGNDVRII
LGQFDQNMAAKVFCCAYEENMYGSKYQWIIPGWYEPSWWEQVHTEANSSRCLRKNLLAAMEGYIGVDFEPLSSKQIKTIS
GKTPQQYEREYNNKRSGVGPSKFHGYAYDGIWVIAKTLQRAMETLHASSRHQRIQDFNYTDHTLGRIILNAMNETNFFGV
TGQVVFRNGERMGTIKFTQFQDSREVKVGEYNAVADTLEIINDTIRFQGSEPPKDKTIILEQLRKISLPLYSILSALTIL
GMIMASAFLFFNIKNRNQKLIKMSSPYMNNLIILGGMLSYASIFLFGLDGSFVSEKTFETLCTVRTWILTVGYTTAFGAM
FAKTWRVHAIFKNVKMKKKIIKDQKLLVIVGGMLLIDLCILICWQAVDPLRRTVEKYSMEPDPAGRDISIRPLLEHCENT
HMTIWLGIVYAYKGLLMLFGCFLAWETRNVSIPALNDSKYIGMSVYNVGIMCIIGAAVSFLTRDQPNVQFCIVALVIIFC
STITLCLVFVPKLITLRTNPDAATQNRRFQFTQNQKKEDSKTSTSVTSV
;
B
#
# COMPACT_ATOMS: atom_id res chain seq x y z
N GLU A 168 6.57 -56.97 48.64
CA GLU A 168 7.13 -55.67 49.01
C GLU A 168 8.05 -55.13 47.91
N ARG A 169 7.95 -53.83 47.67
CA ARG A 169 8.78 -53.12 46.70
C ARG A 169 8.67 -53.74 45.30
N ARG A 170 7.43 -53.87 44.83
CA ARG A 170 7.17 -54.32 43.47
C ARG A 170 7.32 -53.13 42.53
N ALA A 171 8.25 -53.22 41.59
CA ALA A 171 8.64 -52.08 40.76
C ALA A 171 7.54 -51.75 39.77
N VAL A 172 6.98 -50.55 39.89
CA VAL A 172 6.03 -50.02 38.92
C VAL A 172 6.79 -49.06 38.02
N TYR A 173 6.95 -49.42 36.75
CA TYR A 173 7.78 -48.65 35.83
C TYR A 173 6.94 -47.61 35.09
N ILE A 174 7.60 -46.52 34.69
CA ILE A 174 6.99 -45.48 33.89
C ILE A 174 7.92 -45.19 32.71
N GLY A 175 7.33 -44.91 31.55
CA GLY A 175 8.10 -44.54 30.39
C GLY A 175 8.22 -43.03 30.24
N ALA A 176 9.32 -42.59 29.67
CA ALA A 176 9.56 -41.15 29.54
C ALA A 176 10.38 -40.89 28.28
N LEU A 177 10.21 -39.68 27.75
CA LEU A 177 10.93 -39.24 26.54
C LEU A 177 11.44 -37.84 26.82
N PHE A 178 12.75 -37.72 27.07
CA PHE A 178 13.36 -36.45 27.43
C PHE A 178 14.12 -35.89 26.23
N PRO A 179 13.72 -34.74 25.68
CA PRO A 179 14.44 -34.16 24.54
C PRO A 179 15.73 -33.49 24.99
N MET A 180 16.86 -34.08 24.63
CA MET A 180 18.15 -33.51 24.97
C MET A 180 18.66 -32.53 23.92
N SER A 181 18.03 -32.46 22.75
CA SER A 181 18.44 -31.55 21.70
C SER A 181 17.24 -31.26 20.82
N GLY A 182 17.47 -30.52 19.74
CA GLY A 182 16.42 -30.21 18.80
C GLY A 182 15.82 -28.83 18.99
N GLY A 183 14.53 -28.69 18.68
CA GLY A 183 13.87 -27.40 18.79
C GLY A 183 13.79 -26.85 20.20
N TRP A 184 13.73 -27.72 21.20
CA TRP A 184 13.66 -27.31 22.59
C TRP A 184 14.33 -28.36 23.46
N PRO A 185 15.56 -28.13 23.89
CA PRO A 185 16.29 -29.13 24.70
C PRO A 185 15.88 -29.09 26.17
N GLY A 186 14.62 -29.46 26.43
CA GLY A 186 14.11 -29.42 27.79
C GLY A 186 14.68 -30.51 28.68
N GLY A 187 15.06 -31.65 28.09
CA GLY A 187 15.55 -32.77 28.86
C GLY A 187 16.89 -32.56 29.52
N GLN A 188 17.61 -31.49 29.18
CA GLN A 188 18.90 -31.25 29.81
C GLN A 188 18.77 -30.87 31.28
N ALA A 189 17.58 -30.42 31.70
CA ALA A 189 17.32 -30.13 33.10
C ALA A 189 16.03 -30.76 33.62
N CYS A 190 15.13 -31.20 32.75
CA CYS A 190 13.92 -31.87 33.20
C CYS A 190 14.17 -33.33 33.59
N GLN A 191 15.28 -33.93 33.14
CA GLN A 191 15.61 -35.27 33.61
C GLN A 191 16.13 -35.26 35.04
N PRO A 192 17.11 -34.41 35.41
CA PRO A 192 17.47 -34.33 36.83
C PRO A 192 16.33 -33.93 37.74
N ALA A 193 15.28 -33.31 37.19
CA ALA A 193 14.11 -32.96 37.99
C ALA A 193 13.31 -34.21 38.38
N VAL A 194 13.09 -35.13 37.45
CA VAL A 194 12.37 -36.35 37.79
C VAL A 194 13.29 -37.32 38.52
N GLU A 195 14.57 -37.40 38.12
CA GLU A 195 15.51 -38.26 38.82
C GLU A 195 15.60 -37.91 40.30
N MET A 196 15.39 -36.63 40.63
CA MET A 196 15.28 -36.24 42.03
C MET A 196 13.90 -36.54 42.59
N ALA A 197 12.85 -36.24 41.81
CA ALA A 197 11.49 -36.42 42.33
C ALA A 197 11.18 -37.87 42.61
N LEU A 198 11.81 -38.80 41.90
CA LEU A 198 11.61 -40.22 42.17
C LEU A 198 12.31 -40.66 43.45
N GLU A 199 13.38 -39.97 43.87
CA GLU A 199 14.04 -40.34 45.10
C GLU A 199 13.28 -39.83 46.32
N ASP A 200 12.74 -38.61 46.25
CA ASP A 200 11.99 -38.06 47.36
C ASP A 200 10.65 -38.77 47.53
N VAL A 201 10.08 -39.30 46.46
CA VAL A 201 8.80 -39.97 46.60
C VAL A 201 8.98 -41.41 47.05
N ASN A 202 10.12 -42.03 46.74
CA ASN A 202 10.41 -43.38 47.19
C ASN A 202 10.96 -43.43 48.60
N SER A 203 11.55 -42.34 49.09
CA SER A 203 12.06 -42.31 50.45
C SER A 203 10.96 -42.13 51.48
N ARG A 204 9.79 -41.65 51.09
CA ARG A 204 8.68 -41.48 52.01
C ARG A 204 7.83 -42.74 52.07
N ARG A 205 7.49 -43.15 53.30
CA ARG A 205 6.74 -44.37 53.51
C ARG A 205 5.23 -44.18 53.42
N ASP A 206 4.74 -42.96 53.60
CA ASP A 206 3.31 -42.74 53.59
C ASP A 206 2.73 -42.62 52.19
N ILE A 207 3.57 -42.51 51.17
CA ILE A 207 3.08 -42.32 49.81
C ILE A 207 2.73 -43.67 49.18
N LEU A 208 3.72 -44.53 49.02
CA LEU A 208 3.53 -45.86 48.41
C LEU A 208 4.46 -46.84 49.11
N PRO A 209 3.96 -47.57 50.10
CA PRO A 209 4.84 -48.48 50.85
C PRO A 209 5.09 -49.79 50.12
N ASP A 210 4.13 -50.24 49.32
CA ASP A 210 4.22 -51.54 48.67
C ASP A 210 4.89 -51.48 47.31
N TYR A 211 4.94 -50.32 46.68
CA TYR A 211 5.42 -50.20 45.30
C TYR A 211 6.68 -49.34 45.26
N GLU A 212 7.27 -49.28 44.07
CA GLU A 212 8.46 -48.47 43.83
C GLU A 212 8.42 -47.94 42.41
N LEU A 213 8.44 -46.62 42.26
CA LEU A 213 8.39 -46.00 40.95
C LEU A 213 9.78 -46.00 40.32
N LYS A 214 9.89 -46.56 39.12
CA LYS A 214 11.14 -46.58 38.37
C LYS A 214 10.92 -45.95 37.00
N LEU A 215 12.01 -45.50 36.40
CA LEU A 215 11.96 -44.71 35.17
C LEU A 215 12.71 -45.41 34.06
N ILE A 216 12.09 -45.48 32.89
CA ILE A 216 12.72 -45.94 31.66
C ILE A 216 12.59 -44.82 30.65
N HIS A 217 13.71 -44.22 30.25
CA HIS A 217 13.70 -43.00 29.46
C HIS A 217 14.54 -43.16 28.20
N HIS A 218 14.18 -42.37 27.19
CA HIS A 218 14.93 -42.29 25.94
C HIS A 218 15.07 -40.82 25.56
N ASP A 219 15.70 -40.58 24.41
CA ASP A 219 16.00 -39.22 23.94
C ASP A 219 15.20 -38.98 22.66
N SER A 220 14.10 -38.23 22.78
CA SER A 220 13.25 -37.99 21.61
C SER A 220 13.80 -36.91 20.70
N LYS A 221 14.56 -35.96 21.25
CA LYS A 221 15.21 -34.89 20.50
C LYS A 221 14.23 -34.01 19.74
N CYS A 222 12.99 -33.88 20.22
CA CYS A 222 11.89 -33.16 19.58
C CYS A 222 11.56 -33.69 18.19
N ASP A 223 12.13 -34.81 17.76
CA ASP A 223 11.87 -35.33 16.44
C ASP A 223 10.88 -36.48 16.54
N PRO A 224 9.68 -36.34 16.00
CA PRO A 224 8.71 -37.45 16.06
C PRO A 224 9.19 -38.73 15.40
N GLY A 225 10.14 -38.64 14.47
CA GLY A 225 10.66 -39.85 13.85
C GLY A 225 11.41 -40.74 14.82
N GLN A 226 12.20 -40.13 15.70
CA GLN A 226 12.86 -40.89 16.76
C GLN A 226 11.86 -41.31 17.83
N ALA A 227 10.86 -40.46 18.08
CA ALA A 227 9.86 -40.76 19.10
C ALA A 227 9.02 -41.96 18.72
N THR A 228 8.77 -42.18 17.42
CA THR A 228 8.01 -43.35 17.02
C THR A 228 8.77 -44.64 17.28
N LYS A 229 10.05 -44.67 16.94
CA LYS A 229 10.88 -45.84 17.21
C LYS A 229 11.01 -46.10 18.70
N TYR A 230 11.20 -45.05 19.49
CA TYR A 230 11.32 -45.23 20.93
C TYR A 230 10.01 -45.60 21.60
N LEU A 231 8.88 -45.11 21.09
CA LEU A 231 7.59 -45.56 21.58
C LEU A 231 7.33 -47.01 21.24
N TYR A 232 7.79 -47.47 20.07
CA TYR A 232 7.74 -48.88 19.77
C TYR A 232 8.57 -49.70 20.75
N GLU A 233 9.79 -49.23 21.02
CA GLU A 233 10.64 -49.95 21.96
C GLU A 233 10.11 -49.92 23.39
N LEU A 234 9.31 -48.91 23.74
CA LEU A 234 8.71 -48.84 25.06
C LEU A 234 7.47 -49.71 25.19
N LEU A 235 6.62 -49.72 24.17
CA LEU A 235 5.34 -50.42 24.26
C LEU A 235 5.44 -51.90 23.89
N TYR A 236 6.59 -52.36 23.39
CA TYR A 236 6.72 -53.74 22.95
C TYR A 236 7.94 -54.44 23.58
N ASN A 237 8.29 -54.07 24.81
CA ASN A 237 9.24 -54.81 25.60
C ASN A 237 8.58 -55.30 26.89
N ASP A 238 9.12 -56.38 27.44
CA ASP A 238 8.54 -57.14 28.55
C ASP A 238 8.06 -56.26 29.70
N PRO A 239 8.87 -55.35 30.26
CA PRO A 239 8.39 -54.56 31.41
C PRO A 239 7.26 -53.63 31.00
N ILE A 240 6.09 -53.83 31.60
CA ILE A 240 4.90 -53.07 31.24
C ILE A 240 4.93 -51.74 31.97
N LYS A 241 4.68 -50.66 31.23
CA LYS A 241 4.71 -49.30 31.76
C LYS A 241 3.31 -48.87 32.16
N ILE A 242 3.22 -48.16 33.29
CA ILE A 242 1.91 -47.74 33.81
C ILE A 242 1.47 -46.39 33.25
N ILE A 243 2.41 -45.54 32.83
CA ILE A 243 2.10 -44.20 32.35
C ILE A 243 3.26 -43.73 31.49
N LEU A 244 2.98 -42.78 30.60
CA LEU A 244 3.99 -42.23 29.70
C LEU A 244 4.17 -40.74 29.96
N MET A 245 5.41 -40.28 29.82
CA MET A 245 5.78 -38.89 30.06
C MET A 245 6.56 -38.35 28.87
N PRO A 246 5.87 -37.81 27.87
CA PRO A 246 6.56 -37.13 26.77
C PRO A 246 6.80 -35.67 27.07
N GLY A 247 7.76 -35.10 26.34
CA GLY A 247 8.13 -33.71 26.50
C GLY A 247 7.62 -32.82 25.37
N CYS A 248 8.46 -32.66 24.35
CA CYS A 248 8.22 -31.77 23.23
C CYS A 248 6.81 -31.97 22.67
N SER A 249 6.25 -30.90 22.11
CA SER A 249 4.82 -30.87 21.78
C SER A 249 4.44 -31.91 20.73
N SER A 250 5.29 -32.09 19.73
CA SER A 250 4.97 -33.06 18.68
C SER A 250 5.01 -34.48 19.20
N VAL A 251 6.03 -34.80 19.99
CA VAL A 251 6.10 -36.10 20.64
C VAL A 251 4.90 -36.32 21.55
N SER A 252 4.51 -35.29 22.28
CA SER A 252 3.36 -35.41 23.18
C SER A 252 2.06 -35.63 22.42
N THR A 253 1.88 -34.95 21.29
CA THR A 253 0.69 -35.17 20.48
C THR A 253 0.65 -36.57 19.91
N LEU A 254 1.78 -37.04 19.37
CA LEU A 254 1.84 -38.40 18.85
C LEU A 254 1.51 -39.42 19.93
N VAL A 255 2.15 -39.31 21.09
CA VAL A 255 1.95 -40.29 22.15
C VAL A 255 0.53 -40.22 22.69
N ALA A 256 -0.02 -39.01 22.87
CA ALA A 256 -1.34 -38.87 23.45
C ALA A 256 -2.43 -39.32 22.48
N GLU A 257 -2.17 -39.25 21.17
CA GLU A 257 -3.17 -39.74 20.23
C GLU A 257 -3.03 -41.24 20.00
N ALA A 258 -1.83 -41.79 20.21
CA ALA A 258 -1.66 -43.23 20.00
C ALA A 258 -2.00 -44.04 21.25
N ALA A 259 -1.89 -43.44 22.44
CA ALA A 259 -1.97 -44.22 23.68
C ALA A 259 -3.34 -44.81 23.95
N ARG A 260 -4.41 -44.29 23.31
CA ARG A 260 -5.73 -44.82 23.58
C ARG A 260 -5.91 -46.24 23.04
N MET A 261 -5.01 -46.70 22.17
CA MET A 261 -5.04 -48.07 21.68
C MET A 261 -4.42 -49.06 22.65
N TRP A 262 -3.68 -48.58 23.65
CA TRP A 262 -3.09 -49.44 24.67
C TRP A 262 -3.63 -49.16 26.06
N ASN A 263 -4.61 -48.28 26.20
CA ASN A 263 -5.22 -47.94 27.49
C ASN A 263 -4.15 -47.43 28.47
N LEU A 264 -3.41 -46.42 28.05
CA LEU A 264 -2.35 -45.83 28.86
C LEU A 264 -2.66 -44.37 29.14
N ILE A 265 -2.33 -43.92 30.35
CA ILE A 265 -2.39 -42.51 30.69
C ILE A 265 -1.12 -41.84 30.17
N VAL A 266 -1.26 -40.58 29.75
CA VAL A 266 -0.14 -39.79 29.28
C VAL A 266 -0.06 -38.55 30.16
N LEU A 267 1.15 -38.20 30.60
CA LEU A 267 1.37 -37.09 31.52
C LEU A 267 2.57 -36.30 31.03
N SER A 268 2.31 -35.24 30.27
CA SER A 268 3.39 -34.44 29.69
C SER A 268 3.77 -33.31 30.63
N TYR A 269 5.07 -33.14 30.86
CA TYR A 269 5.56 -32.11 31.75
C TYR A 269 5.90 -30.81 31.05
N GLY A 270 6.08 -30.82 29.73
CA GLY A 270 6.54 -29.64 29.03
C GLY A 270 5.85 -29.37 27.71
N SER A 271 4.58 -29.76 27.59
CA SER A 271 3.82 -29.55 26.37
C SER A 271 2.85 -28.39 26.56
N SER A 272 2.90 -27.42 25.65
CA SER A 272 2.10 -26.21 25.74
C SER A 272 1.10 -26.06 24.62
N SER A 273 0.99 -27.05 23.73
CA SER A 273 0.10 -26.94 22.58
C SER A 273 -1.35 -26.78 23.01
N PRO A 274 -2.01 -25.68 22.66
CA PRO A 274 -3.44 -25.54 23.00
C PRO A 274 -4.32 -26.59 22.36
N ALA A 275 -3.86 -27.29 21.32
CA ALA A 275 -4.66 -28.31 20.66
C ALA A 275 -4.87 -29.54 21.53
N LEU A 276 -4.08 -29.71 22.59
CA LEU A 276 -4.19 -30.89 23.45
C LEU A 276 -5.20 -30.72 24.57
N SER A 277 -6.03 -29.68 24.51
CA SER A 277 -6.96 -29.42 25.61
C SER A 277 -8.29 -30.16 25.43
N ASN A 278 -8.62 -30.58 24.22
CA ASN A 278 -9.89 -31.26 23.99
C ASN A 278 -9.77 -32.74 24.40
N ARG A 279 -10.78 -33.22 25.12
CA ARG A 279 -10.78 -34.56 25.67
C ARG A 279 -11.43 -35.58 24.73
N GLN A 280 -11.88 -35.17 23.56
CA GLN A 280 -12.42 -36.12 22.58
C GLN A 280 -11.33 -36.69 21.70
N ARG A 281 -10.27 -35.92 21.45
CA ARG A 281 -9.16 -36.36 20.62
C ARG A 281 -7.99 -36.90 21.45
N PHE A 282 -7.82 -36.43 22.68
CA PHE A 282 -6.81 -36.93 23.60
C PHE A 282 -7.50 -37.23 24.94
N PRO A 283 -8.22 -38.36 25.01
CA PRO A 283 -9.08 -38.59 26.18
C PRO A 283 -8.35 -39.02 27.45
N THR A 284 -7.06 -39.35 27.38
CA THR A 284 -6.31 -39.83 28.54
C THR A 284 -4.99 -39.06 28.64
N PHE A 285 -5.08 -37.74 28.56
CA PHE A 285 -3.88 -36.90 28.57
C PHE A 285 -3.99 -35.88 29.69
N PHE A 286 -2.86 -35.65 30.37
CA PHE A 286 -2.75 -34.64 31.41
C PHE A 286 -1.43 -33.92 31.22
N ARG A 287 -1.35 -32.70 31.76
CA ARG A 287 -0.11 -31.94 31.66
C ARG A 287 -0.03 -30.96 32.82
N THR A 288 1.15 -30.87 33.43
CA THR A 288 1.41 -29.83 34.41
C THR A 288 1.83 -28.52 33.75
N HIS A 289 2.23 -28.57 32.49
CA HIS A 289 2.58 -27.36 31.76
C HIS A 289 1.31 -26.59 31.40
N PRO A 290 1.29 -25.28 31.57
CA PRO A 290 0.11 -24.50 31.17
C PRO A 290 0.00 -24.38 29.66
N SER A 291 -1.23 -24.20 29.21
CA SER A 291 -1.49 -24.03 27.78
C SER A 291 -0.92 -22.70 27.29
N ALA A 292 -0.49 -22.69 26.03
CA ALA A 292 0.12 -21.49 25.45
C ALA A 292 -0.86 -20.36 25.21
N THR A 293 -2.15 -20.55 25.50
CA THR A 293 -3.12 -19.47 25.34
C THR A 293 -3.00 -18.41 26.41
N LEU A 294 -2.07 -18.55 27.36
CA LEU A 294 -1.85 -17.51 28.36
C LEU A 294 -1.03 -16.35 27.82
N HIS A 295 -0.31 -16.54 26.72
CA HIS A 295 0.46 -15.45 26.13
C HIS A 295 -0.44 -14.45 25.41
N ASN A 296 -1.61 -14.89 24.95
CA ASN A 296 -2.46 -14.09 24.08
C ASN A 296 -3.12 -12.91 24.79
N PRO A 297 -3.66 -13.07 26.01
CA PRO A 297 -4.17 -11.88 26.72
C PRO A 297 -3.11 -10.81 26.96
N THR A 298 -1.87 -11.21 27.26
CA THR A 298 -0.80 -10.24 27.42
C THR A 298 -0.51 -9.51 26.12
N ARG A 299 -0.51 -10.23 24.99
CA ARG A 299 -0.28 -9.61 23.71
C ARG A 299 -1.39 -8.62 23.35
N VAL A 300 -2.64 -9.01 23.61
CA VAL A 300 -3.76 -8.11 23.31
C VAL A 300 -3.72 -6.88 24.23
N LYS A 301 -3.29 -7.08 25.48
CA LYS A 301 -3.17 -5.93 26.38
C LYS A 301 -2.07 -4.98 25.93
N LEU A 302 -0.94 -5.51 25.45
CA LEU A 302 0.12 -4.64 24.96
C LEU A 302 -0.25 -3.99 23.63
N PHE A 303 -1.11 -4.63 22.84
CA PHE A 303 -1.61 -3.99 21.64
C PHE A 303 -2.60 -2.89 21.95
N GLU A 304 -3.44 -3.08 22.96
CA GLU A 304 -4.42 -2.06 23.34
C GLU A 304 -3.77 -0.90 24.07
N LYS A 305 -2.69 -1.15 24.81
CA LYS A 305 -2.03 -0.07 25.54
C LYS A 305 -1.36 0.91 24.59
N TRP A 306 -0.74 0.40 23.53
CA TRP A 306 0.02 1.22 22.59
C TRP A 306 -0.76 1.57 21.34
N GLY A 307 -2.07 1.31 21.32
CA GLY A 307 -2.91 1.77 20.24
C GLY A 307 -2.73 1.09 18.91
N TRP A 308 -2.14 -0.11 18.89
CA TRP A 308 -1.90 -0.82 17.64
C TRP A 308 -3.16 -1.58 17.24
N LYS A 309 -3.59 -1.41 15.98
CA LYS A 309 -4.80 -2.04 15.48
C LYS A 309 -4.55 -3.01 14.34
N LYS A 310 -3.35 -3.03 13.77
CA LYS A 310 -3.03 -3.87 12.62
C LYS A 310 -1.72 -4.59 12.88
N ILE A 311 -1.78 -5.91 13.07
CA ILE A 311 -0.60 -6.72 13.35
C ILE A 311 -0.45 -7.78 12.27
N ALA A 312 0.79 -8.21 12.06
CA ALA A 312 1.11 -9.29 11.15
C ALA A 312 1.66 -10.48 11.94
N THR A 313 1.56 -11.66 11.34
CA THR A 313 2.01 -12.88 11.99
C THR A 313 2.86 -13.70 11.04
N ILE A 314 3.87 -14.36 11.60
CA ILE A 314 4.69 -15.34 10.90
C ILE A 314 4.97 -16.49 11.86
N GLN A 315 4.54 -17.69 11.51
CA GLN A 315 4.72 -18.83 12.40
C GLN A 315 5.11 -20.07 11.59
N GLN A 316 5.84 -20.96 12.26
CA GLN A 316 6.13 -22.27 11.69
C GLN A 316 4.91 -23.18 11.82
N THR A 317 4.68 -23.99 10.79
CA THR A 317 3.43 -24.75 10.71
C THR A 317 3.45 -25.99 11.60
N THR A 318 3.65 -25.79 12.89
CA THR A 318 3.48 -26.85 13.89
C THR A 318 2.15 -26.60 14.59
N GLU A 319 1.49 -27.69 15.02
CA GLU A 319 0.14 -27.57 15.56
C GLU A 319 0.09 -26.64 16.77
N VAL A 320 1.14 -26.64 17.59
CA VAL A 320 1.19 -25.75 18.74
C VAL A 320 1.06 -24.28 18.29
N PHE A 321 1.87 -23.89 17.31
CA PHE A 321 1.84 -22.50 16.84
C PHE A 321 0.57 -22.18 16.07
N THR A 322 0.04 -23.15 15.32
CA THR A 322 -1.21 -22.91 14.60
C THR A 322 -2.37 -22.67 15.55
N SER A 323 -2.47 -23.48 16.60
CA SER A 323 -3.54 -23.29 17.58
C SER A 323 -3.35 -22.04 18.43
N THR A 324 -2.10 -21.72 18.80
CA THR A 324 -1.84 -20.46 19.48
C THR A 324 -2.25 -19.28 18.61
N LEU A 325 -1.95 -19.32 17.31
CA LEU A 325 -2.33 -18.24 16.42
C LEU A 325 -3.84 -18.16 16.24
N ASP A 326 -4.53 -19.31 16.23
CA ASP A 326 -5.99 -19.27 16.13
C ASP A 326 -6.60 -18.64 17.37
N ASP A 327 -6.11 -19.00 18.56
CA ASP A 327 -6.62 -18.37 19.77
C ASP A 327 -6.31 -16.88 19.80
N LEU A 328 -5.11 -16.49 19.36
CA LEU A 328 -4.77 -15.07 19.30
C LEU A 328 -5.67 -14.33 18.32
N GLU A 329 -6.00 -14.96 17.19
CA GLU A 329 -6.92 -14.37 16.23
C GLU A 329 -8.29 -14.13 16.85
N GLU A 330 -8.80 -15.12 17.59
CA GLU A 330 -10.08 -14.93 18.25
C GLU A 330 -10.02 -13.81 19.28
N ARG A 331 -8.94 -13.75 20.06
CA ARG A 331 -8.82 -12.71 21.08
C ARG A 331 -8.71 -11.32 20.49
N VAL A 332 -7.97 -11.16 19.39
CA VAL A 332 -7.84 -9.83 18.80
C VAL A 332 -9.13 -9.44 18.07
N LYS A 333 -9.83 -10.43 17.51
CA LYS A 333 -11.13 -10.13 16.91
C LYS A 333 -12.13 -9.68 17.96
N GLU A 334 -12.02 -10.20 19.19
CA GLU A 334 -12.89 -9.74 20.26
C GLU A 334 -12.60 -8.30 20.63
N ALA A 335 -11.33 -7.91 20.65
CA ALA A 335 -10.90 -6.61 21.14
C ALA A 335 -10.88 -5.53 20.07
N GLY A 336 -11.29 -5.84 18.85
CA GLY A 336 -11.28 -4.84 17.79
C GLY A 336 -9.97 -4.70 17.05
N ILE A 337 -9.04 -5.63 17.21
CA ILE A 337 -7.76 -5.62 16.52
C ILE A 337 -7.85 -6.57 15.34
N GLU A 338 -7.18 -6.23 14.25
CA GLU A 338 -7.23 -7.02 13.02
C GLU A 338 -5.85 -7.53 12.66
N ILE A 339 -5.78 -8.80 12.27
CA ILE A 339 -4.56 -9.40 11.74
C ILE A 339 -4.60 -9.19 10.23
N THR A 340 -3.81 -8.25 9.75
CA THR A 340 -3.88 -7.82 8.36
C THR A 340 -3.01 -8.63 7.42
N PHE A 341 -2.04 -9.39 7.94
CA PHE A 341 -1.19 -10.21 7.09
C PHE A 341 -0.80 -11.46 7.85
N ARG A 342 -0.63 -12.56 7.12
CA ARG A 342 -0.44 -13.87 7.72
C ARG A 342 0.52 -14.68 6.86
N GLN A 343 1.62 -15.12 7.45
CA GLN A 343 2.62 -15.89 6.76
C GLN A 343 2.94 -17.15 7.54
N SER A 344 3.33 -18.21 6.83
CA SER A 344 3.69 -19.47 7.46
C SER A 344 4.69 -20.21 6.58
N PHE A 345 5.53 -21.02 7.22
CA PHE A 345 6.58 -21.74 6.52
C PHE A 345 6.87 -23.03 7.25
N PHE A 346 7.38 -24.02 6.53
CA PHE A 346 7.73 -25.30 7.13
C PHE A 346 9.18 -25.36 7.57
N SER A 347 10.12 -25.06 6.67
CA SER A 347 11.52 -25.11 7.05
C SER A 347 12.38 -24.00 6.45
N ASP A 348 11.82 -23.08 5.68
CA ASP A 348 12.64 -22.01 5.11
C ASP A 348 11.87 -20.70 5.11
N PRO A 349 12.24 -19.75 5.95
CA PRO A 349 11.44 -18.53 6.13
C PRO A 349 11.84 -17.36 5.24
N ALA A 350 12.66 -17.56 4.20
CA ALA A 350 13.07 -16.45 3.36
C ALA A 350 11.88 -15.85 2.62
N VAL A 351 11.06 -16.69 2.01
CA VAL A 351 9.92 -16.18 1.23
C VAL A 351 8.91 -15.44 2.08
N PRO A 352 8.46 -15.96 3.23
CA PRO A 352 7.51 -15.18 4.05
C PRO A 352 8.10 -13.90 4.62
N VAL A 353 9.39 -13.87 4.94
CA VAL A 353 10.00 -12.63 5.40
C VAL A 353 10.05 -11.60 4.28
N LYS A 354 10.38 -12.03 3.06
CA LYS A 354 10.37 -11.10 1.93
C LYS A 354 8.96 -10.60 1.64
N ASN A 355 7.95 -11.46 1.79
CA ASN A 355 6.57 -11.01 1.60
C ASN A 355 6.14 -10.05 2.71
N LEU A 356 6.62 -10.26 3.93
CA LEU A 356 6.34 -9.30 5.00
C LEU A 356 6.97 -7.94 4.71
N LYS A 357 8.19 -7.95 4.16
CA LYS A 357 8.82 -6.68 3.82
C LYS A 357 8.12 -5.99 2.66
N ARG A 358 7.64 -6.77 1.67
CA ARG A 358 6.93 -6.17 0.56
C ARG A 358 5.56 -5.63 0.99
N GLN A 359 4.91 -6.31 1.93
CA GLN A 359 3.57 -5.91 2.34
C GLN A 359 3.56 -4.78 3.36
N ASP A 360 4.75 -4.34 3.81
CA ASP A 360 4.88 -3.23 4.75
C ASP A 360 4.22 -3.56 6.09
N ALA A 361 4.58 -4.68 6.69
CA ALA A 361 4.11 -5.05 8.01
C ALA A 361 4.97 -4.38 9.07
N ARG A 362 4.33 -3.77 10.07
CA ARG A 362 5.04 -3.02 11.10
C ARG A 362 5.17 -3.80 12.40
N ILE A 363 4.06 -4.27 12.95
CA ILE A 363 4.04 -4.97 14.23
C ILE A 363 3.95 -6.47 13.91
N ILE A 364 5.05 -7.19 14.10
CA ILE A 364 5.12 -8.59 13.71
C ILE A 364 5.12 -9.47 14.95
N VAL A 365 4.45 -10.62 14.87
CA VAL A 365 4.39 -11.59 15.94
C VAL A 365 4.98 -12.90 15.43
N GLY A 366 6.08 -13.34 16.03
CA GLY A 366 6.76 -14.55 15.62
C GLY A 366 6.46 -15.70 16.56
N LEU A 367 6.05 -16.83 15.97
CA LEU A 367 5.70 -18.05 16.71
C LEU A 367 6.46 -19.21 16.10
N PHE A 368 7.68 -19.44 16.59
CA PHE A 368 8.55 -20.49 16.08
C PHE A 368 9.68 -20.75 17.07
N TYR A 369 10.32 -21.90 16.91
CA TYR A 369 11.37 -22.33 17.82
C TYR A 369 12.65 -21.51 17.63
N GLU A 370 13.55 -21.64 18.59
CA GLU A 370 14.79 -20.85 18.58
C GLU A 370 15.68 -21.21 17.40
N THR A 371 15.84 -22.51 17.14
CA THR A 371 16.65 -22.95 16.00
C THR A 371 16.11 -22.39 14.70
N GLU A 372 14.80 -22.22 14.60
CA GLU A 372 14.20 -21.56 13.45
C GLU A 372 14.25 -20.04 13.58
N ALA A 373 14.26 -19.53 14.80
CA ALA A 373 14.34 -18.08 15.00
C ALA A 373 15.65 -17.51 14.50
N ARG A 374 16.75 -18.25 14.65
CA ARG A 374 18.02 -17.76 14.14
C ARG A 374 18.00 -17.57 12.63
N LYS A 375 17.43 -18.52 11.89
CA LYS A 375 17.31 -18.37 10.45
C LYS A 375 16.32 -17.27 10.08
N VAL A 376 15.18 -17.20 10.77
CA VAL A 376 14.22 -16.14 10.52
C VAL A 376 14.88 -14.78 10.62
N PHE A 377 15.66 -14.56 11.68
CA PHE A 377 16.25 -13.26 11.88
C PHE A 377 17.49 -13.03 11.03
N CYS A 378 18.15 -14.09 10.55
CA CYS A 378 19.19 -13.85 9.55
C CYS A 378 18.60 -13.34 8.24
N GLU A 379 17.51 -13.96 7.79
CA GLU A 379 16.83 -13.40 6.61
C GLU A 379 16.23 -12.04 6.90
N VAL A 380 15.80 -11.78 8.14
CA VAL A 380 15.32 -10.44 8.48
C VAL A 380 16.43 -9.41 8.37
N TYR A 381 17.63 -9.74 8.84
CA TYR A 381 18.75 -8.82 8.73
C TYR A 381 19.13 -8.59 7.27
N LYS A 382 19.16 -9.65 6.47
CA LYS A 382 19.47 -9.48 5.05
C LYS A 382 18.38 -8.70 4.33
N GLU A 383 17.14 -8.75 4.84
CA GLU A 383 16.02 -8.06 4.20
C GLU A 383 15.80 -6.65 4.74
N ARG A 384 16.50 -6.27 5.82
CA ARG A 384 16.35 -4.96 6.44
C ARG A 384 14.92 -4.76 6.93
N LEU A 385 14.46 -5.62 7.82
CA LEU A 385 13.11 -5.54 8.36
C LEU A 385 13.16 -5.26 9.85
N PHE A 386 14.04 -4.35 10.26
CA PHE A 386 14.19 -3.99 11.66
C PHE A 386 14.48 -2.50 11.74
N GLY A 387 14.43 -1.97 12.97
CA GLY A 387 14.78 -0.60 13.24
C GLY A 387 13.64 0.18 13.86
N LYS A 388 13.48 1.42 13.41
CA LYS A 388 12.51 2.33 14.00
C LYS A 388 11.08 2.01 13.60
N LYS A 389 10.86 1.36 12.46
CA LYS A 389 9.50 1.16 11.97
C LYS A 389 8.86 -0.14 12.41
N TYR A 390 9.65 -1.12 12.86
CA TYR A 390 9.15 -2.46 13.11
C TYR A 390 9.42 -2.88 14.54
N VAL A 391 8.50 -3.68 15.10
CA VAL A 391 8.66 -4.25 16.43
C VAL A 391 8.17 -5.69 16.40
N TRP A 392 8.95 -6.58 17.01
CA TRP A 392 8.69 -8.01 17.02
C TRP A 392 8.20 -8.46 18.39
N PHE A 393 7.26 -9.41 18.38
CA PHE A 393 6.76 -10.07 19.58
C PHE A 393 7.12 -11.54 19.47
N LEU A 394 8.14 -11.95 20.22
CA LEU A 394 8.61 -13.31 20.21
C LEU A 394 8.14 -14.05 21.47
N ILE A 395 8.58 -15.29 21.62
CA ILE A 395 8.27 -16.12 22.78
C ILE A 395 9.48 -16.11 23.70
N GLY A 396 9.23 -15.99 25.00
CA GLY A 396 10.29 -15.82 25.97
C GLY A 396 10.97 -17.08 26.44
N TRP A 397 10.73 -18.22 25.80
CA TRP A 397 11.30 -19.48 26.23
C TRP A 397 12.70 -19.73 25.66
N TYR A 398 13.23 -18.81 24.86
CA TYR A 398 14.53 -19.03 24.26
C TYR A 398 15.63 -18.79 25.31
N ALA A 399 16.81 -19.31 25.01
CA ALA A 399 17.98 -19.00 25.83
C ALA A 399 18.28 -17.51 25.76
N ASP A 400 18.91 -16.99 26.82
CA ASP A 400 19.19 -15.55 26.89
C ASP A 400 20.30 -15.12 25.94
N ASN A 401 20.88 -16.07 25.19
CA ASN A 401 21.92 -15.72 24.22
C ASN A 401 21.74 -16.46 22.91
N TRP A 402 20.49 -16.72 22.49
CA TRP A 402 20.25 -17.53 21.31
C TRP A 402 20.78 -16.89 20.05
N PHE A 403 20.88 -15.56 20.02
CA PHE A 403 21.37 -14.86 18.84
C PHE A 403 22.90 -14.77 18.79
N LYS A 404 23.59 -15.11 19.87
CA LYS A 404 25.05 -15.13 19.89
C LYS A 404 25.64 -16.51 19.67
N ILE A 405 24.80 -17.54 19.58
CA ILE A 405 25.30 -18.90 19.42
C ILE A 405 25.78 -19.12 17.99
N TYR A 406 26.93 -19.78 17.86
CA TYR A 406 27.44 -20.14 16.55
C TYR A 406 26.51 -21.18 15.91
N ASP A 407 26.13 -20.93 14.66
CA ASP A 407 25.26 -21.83 13.92
C ASP A 407 25.74 -21.86 12.47
N PRO A 408 26.05 -23.04 11.93
CA PRO A 408 26.55 -23.11 10.54
C PRO A 408 25.45 -23.05 9.50
N SER A 409 24.19 -23.26 9.86
CA SER A 409 23.12 -23.25 8.88
C SER A 409 22.70 -21.84 8.49
N ILE A 410 23.11 -20.85 9.28
CA ILE A 410 22.78 -19.44 9.02
C ILE A 410 24.01 -18.56 8.83
N ASN A 411 23.98 -17.79 7.75
CA ASN A 411 25.05 -16.87 7.36
C ASN A 411 25.38 -15.62 8.20
N CYS A 412 24.36 -14.93 8.76
CA CYS A 412 24.60 -13.66 9.40
C CYS A 412 25.60 -13.80 10.54
N THR A 413 26.61 -12.94 10.55
CA THR A 413 27.55 -12.91 11.66
C THR A 413 26.84 -12.47 12.93
N VAL A 414 27.32 -12.95 14.07
CA VAL A 414 26.67 -12.68 15.35
C VAL A 414 26.64 -11.18 15.64
N ASP A 415 27.66 -10.44 15.22
CA ASP A 415 27.65 -9.00 15.39
C ASP A 415 26.65 -8.33 14.47
N GLU A 416 26.39 -8.93 13.31
CA GLU A 416 25.36 -8.42 12.41
C GLU A 416 23.97 -8.82 12.88
N MET A 417 23.85 -9.99 13.52
CA MET A 417 22.55 -10.45 13.98
C MET A 417 22.13 -9.78 15.28
N THR A 418 23.09 -9.31 16.08
CA THR A 418 22.74 -8.60 17.30
C THR A 418 21.99 -7.31 17.03
N GLU A 419 22.11 -6.76 15.81
CA GLU A 419 21.36 -5.57 15.44
C GLU A 419 19.95 -5.92 15.00
N ALA A 420 19.76 -7.10 14.40
CA ALA A 420 18.44 -7.50 13.93
C ALA A 420 17.50 -7.78 15.09
N VAL A 421 18.00 -8.41 16.15
CA VAL A 421 17.24 -8.63 17.37
C VAL A 421 17.58 -7.48 18.31
N GLU A 422 16.70 -6.49 18.38
CA GLU A 422 16.93 -5.34 19.23
C GLU A 422 15.58 -4.72 19.58
N GLY A 423 15.27 -4.66 20.87
CA GLY A 423 14.03 -4.06 21.30
C GLY A 423 12.79 -4.93 21.13
N HIS A 424 12.96 -6.19 20.74
CA HIS A 424 11.81 -7.06 20.55
C HIS A 424 11.26 -7.51 21.89
N ILE A 425 9.94 -7.53 22.00
CA ILE A 425 9.24 -7.86 23.23
C ILE A 425 8.99 -9.36 23.29
N THR A 426 9.17 -9.94 24.47
CA THR A 426 8.97 -11.37 24.67
C THR A 426 8.15 -11.61 25.94
N THR A 427 7.23 -12.56 25.87
CA THR A 427 6.34 -12.90 26.97
C THR A 427 6.56 -14.35 27.38
N GLU A 428 6.54 -14.60 28.69
CA GLU A 428 6.65 -15.94 29.23
C GLU A 428 5.78 -16.04 30.48
N ILE A 429 5.76 -17.22 31.10
CA ILE A 429 4.99 -17.47 32.31
C ILE A 429 5.95 -17.76 33.46
N VAL A 430 5.52 -17.45 34.67
CA VAL A 430 6.42 -17.50 35.83
C VAL A 430 6.75 -18.96 36.17
N MET A 431 5.73 -19.81 36.33
CA MET A 431 5.84 -21.25 36.56
C MET A 431 6.51 -21.61 37.88
N LEU A 432 6.88 -20.63 38.71
CA LEU A 432 7.51 -20.91 39.99
C LEU A 432 6.88 -20.02 41.04
N ASN A 433 6.46 -20.63 42.15
CA ASN A 433 5.78 -19.88 43.19
C ASN A 433 6.77 -18.98 43.92
N PRO A 434 6.62 -17.66 43.86
CA PRO A 434 7.58 -16.77 44.52
C PRO A 434 7.43 -16.71 46.03
N ALA A 435 6.35 -17.24 46.59
CA ALA A 435 6.15 -17.22 48.03
C ALA A 435 7.09 -18.19 48.71
N ASN A 436 7.51 -17.84 49.92
CA ASN A 436 8.42 -18.67 50.70
C ASN A 436 7.72 -19.81 51.43
N THR A 437 6.51 -20.16 51.02
CA THR A 437 5.79 -21.26 51.64
C THR A 437 6.33 -22.60 51.14
N ARG A 438 6.17 -23.63 51.97
CA ARG A 438 6.66 -24.95 51.65
C ARG A 438 5.59 -25.78 50.96
N SER A 439 6.01 -26.57 49.97
CA SER A 439 5.09 -27.37 49.18
C SER A 439 4.86 -28.73 49.86
N ILE A 440 4.17 -29.63 49.13
CA ILE A 440 3.92 -30.96 49.66
C ILE A 440 5.22 -31.73 49.86
N SER A 441 6.22 -31.47 49.02
CA SER A 441 7.53 -32.08 49.16
C SER A 441 8.34 -31.48 50.30
N ASN A 442 7.75 -30.55 51.04
CA ASN A 442 8.42 -29.87 52.16
C ASN A 442 9.67 -29.05 51.82
N MET A 443 9.66 -28.38 50.67
CA MET A 443 10.79 -27.53 50.27
C MET A 443 10.25 -26.31 49.56
N THR A 444 10.87 -25.16 49.81
CA THR A 444 10.49 -23.94 49.13
C THR A 444 11.08 -23.92 47.73
N SER A 445 10.64 -22.93 46.94
CA SER A 445 11.10 -22.83 45.56
C SER A 445 12.60 -22.55 45.48
N GLN A 446 13.12 -21.76 46.42
CA GLN A 446 14.54 -21.39 46.37
C GLN A 446 15.43 -22.60 46.67
N GLU A 447 15.08 -23.40 47.67
CA GLU A 447 15.84 -24.61 47.94
C GLU A 447 15.76 -25.58 46.78
N PHE A 448 14.62 -25.65 46.11
CA PHE A 448 14.49 -26.52 44.94
C PHE A 448 15.43 -26.06 43.82
N VAL A 449 15.46 -24.75 43.55
CA VAL A 449 16.35 -24.24 42.52
C VAL A 449 17.80 -24.49 42.89
N GLU A 450 18.15 -24.31 44.16
CA GLU A 450 19.54 -24.51 44.58
C GLU A 450 19.95 -25.97 44.46
N LYS A 451 19.07 -26.89 44.85
CA LYS A 451 19.37 -28.31 44.73
C LYS A 451 19.46 -28.75 43.28
N LEU A 452 18.58 -28.24 42.42
CA LEU A 452 18.64 -28.57 41.01
C LEU A 452 19.92 -28.03 40.37
N THR A 453 20.35 -26.84 40.80
CA THR A 453 21.60 -26.29 40.30
C THR A 453 22.80 -27.11 40.78
N LYS A 454 22.72 -27.66 41.99
CA LYS A 454 23.79 -28.56 42.44
C LYS A 454 23.78 -29.87 41.67
N ARG A 455 22.62 -30.34 41.22
CA ARG A 455 22.56 -31.59 40.47
C ARG A 455 22.96 -31.43 39.01
N LEU A 456 23.09 -30.20 38.50
CA LEU A 456 23.41 -29.97 37.11
C LEU A 456 24.92 -29.93 36.90
N LYS A 457 25.36 -30.30 35.69
CA LYS A 457 26.77 -30.33 35.34
C LYS A 457 27.33 -28.95 35.01
N ARG A 458 26.43 -28.01 34.70
CA ARG A 458 26.77 -26.66 34.25
C ARG A 458 25.79 -25.59 34.74
N HIS A 459 26.17 -24.32 34.63
CA HIS A 459 25.34 -23.22 35.12
C HIS A 459 23.95 -23.30 34.51
N PRO A 460 22.90 -22.93 35.27
CA PRO A 460 21.55 -22.91 34.71
C PRO A 460 21.39 -21.97 33.53
N GLU A 461 22.22 -20.95 33.42
CA GLU A 461 22.14 -20.02 32.29
C GLU A 461 22.55 -20.68 30.97
N GLU A 462 23.14 -21.88 31.03
CA GLU A 462 23.52 -22.59 29.81
C GLU A 462 22.90 -23.97 29.75
N THR A 463 21.96 -24.28 30.64
CA THR A 463 21.25 -25.55 30.64
C THR A 463 19.83 -25.34 30.12
N GLY A 464 19.46 -26.13 29.13
CA GLY A 464 18.15 -25.99 28.53
C GLY A 464 17.05 -26.60 29.39
N GLY A 465 15.88 -25.97 29.35
CA GLY A 465 14.74 -26.44 30.10
C GLY A 465 14.78 -26.16 31.59
N PHE A 466 15.65 -25.24 32.03
CA PHE A 466 15.74 -24.96 33.46
C PHE A 466 14.50 -24.27 33.98
N GLN A 467 13.74 -23.59 33.12
CA GLN A 467 12.55 -22.88 33.58
C GLN A 467 11.37 -23.81 33.77
N GLU A 468 11.35 -24.96 33.09
CA GLU A 468 10.23 -25.88 33.12
C GLU A 468 10.46 -27.07 34.05
N ALA A 469 11.57 -27.09 34.79
CA ALA A 469 11.85 -28.21 35.68
C ALA A 469 10.86 -28.37 36.83
N PRO A 470 10.33 -27.30 37.45
CA PRO A 470 9.29 -27.51 38.47
C PRO A 470 8.10 -28.30 37.96
N LEU A 471 7.76 -28.16 36.68
CA LEU A 471 6.64 -28.93 36.13
C LEU A 471 6.96 -30.42 36.06
N ALA A 472 8.18 -30.77 35.66
CA ALA A 472 8.58 -32.17 35.68
C ALA A 472 8.66 -32.71 37.10
N TYR A 473 9.01 -31.85 38.07
CA TYR A 473 9.01 -32.27 39.46
C TYR A 473 7.59 -32.56 39.96
N ASP A 474 6.65 -31.66 39.64
CA ASP A 474 5.28 -31.83 40.09
C ASP A 474 4.53 -32.94 39.36
N ALA A 475 4.93 -33.28 38.14
CA ALA A 475 4.26 -34.37 37.44
C ALA A 475 4.47 -35.71 38.12
N ILE A 476 5.68 -35.96 38.61
CA ILE A 476 5.94 -37.20 39.35
C ILE A 476 5.12 -37.26 40.62
N TRP A 477 4.99 -36.14 41.34
CA TRP A 477 4.21 -36.13 42.57
C TRP A 477 2.73 -36.31 42.28
N ALA A 478 2.24 -35.73 41.19
CA ALA A 478 0.84 -35.94 40.83
C ALA A 478 0.58 -37.39 40.47
N LEU A 479 1.50 -38.02 39.74
CA LEU A 479 1.37 -39.43 39.41
C LEU A 479 1.36 -40.28 40.68
N ALA A 480 2.27 -40.00 41.62
CA ALA A 480 2.34 -40.78 42.84
C ALA A 480 1.09 -40.59 43.71
N LEU A 481 0.61 -39.36 43.84
CA LEU A 481 -0.58 -39.11 44.63
C LEU A 481 -1.83 -39.66 43.97
N ALA A 482 -1.84 -39.85 42.65
CA ALA A 482 -2.97 -40.49 42.00
C ALA A 482 -2.91 -42.00 42.12
N LEU A 483 -1.71 -42.59 42.07
CA LEU A 483 -1.60 -44.02 42.31
C LEU A 483 -1.79 -44.37 43.78
N ASN A 484 -1.64 -43.40 44.68
CA ASN A 484 -1.86 -43.67 46.10
C ASN A 484 -3.33 -43.83 46.42
N LYS A 485 -4.20 -42.99 45.85
CA LYS A 485 -5.62 -43.10 46.13
C LYS A 485 -6.26 -44.32 45.49
N THR A 486 -5.61 -44.92 44.49
CA THR A 486 -6.06 -46.18 43.92
C THR A 486 -5.45 -47.38 44.60
N SER A 487 -4.52 -47.17 45.53
CA SER A 487 -3.82 -48.24 46.26
C SER A 487 -3.11 -49.18 45.29
N ARG A 496 -4.75 -52.50 42.78
CA ARG A 496 -3.80 -53.47 42.25
C ARG A 496 -3.16 -52.94 40.98
N LEU A 497 -1.83 -52.97 40.91
CA LEU A 497 -1.09 -52.39 39.80
C LEU A 497 -0.27 -53.38 38.98
N GLU A 498 0.01 -54.57 39.50
CA GLU A 498 0.75 -55.57 38.75
C GLU A 498 -0.12 -56.33 37.77
N ASP A 499 -1.43 -56.31 37.94
CA ASP A 499 -2.35 -56.95 37.01
C ASP A 499 -2.69 -56.06 35.83
N PHE A 500 -2.11 -54.87 35.75
CA PHE A 500 -2.38 -53.98 34.63
C PHE A 500 -1.74 -54.50 33.36
N ASN A 501 -2.52 -54.53 32.28
CA ASN A 501 -2.04 -54.90 30.97
C ASN A 501 -2.70 -54.01 29.94
N TYR A 502 -2.11 -53.96 28.74
CA TYR A 502 -2.56 -53.05 27.71
C TYR A 502 -3.94 -53.42 27.15
N ASN A 503 -4.50 -54.53 27.61
CA ASN A 503 -5.82 -54.97 27.17
C ASN A 503 -6.93 -54.69 28.17
N ASN A 504 -6.60 -54.14 29.33
CA ASN A 504 -7.62 -53.85 30.35
C ASN A 504 -7.73 -52.37 30.68
N GLN A 505 -8.96 -51.86 30.65
CA GLN A 505 -9.20 -50.44 30.92
C GLN A 505 -9.74 -50.06 32.31
N THR A 506 -9.92 -51.02 33.22
CA THR A 506 -10.45 -50.65 34.53
C THR A 506 -9.40 -49.93 35.37
N ILE A 507 -8.16 -50.45 35.37
CA ILE A 507 -7.10 -49.77 36.07
C ILE A 507 -6.82 -48.40 35.44
N THR A 508 -6.94 -48.32 34.11
CA THR A 508 -6.75 -47.04 33.44
C THR A 508 -7.82 -46.04 33.86
N ASP A 509 -9.07 -46.48 33.94
CA ASP A 509 -10.13 -45.56 34.38
C ASP A 509 -9.97 -45.16 35.83
N GLN A 510 -9.51 -46.07 36.69
CA GLN A 510 -9.30 -45.72 38.08
C GLN A 510 -8.18 -44.69 38.22
N ILE A 511 -7.06 -44.91 37.53
CA ILE A 511 -5.96 -43.96 37.58
C ILE A 511 -6.36 -42.63 36.96
N TYR A 512 -7.22 -42.66 35.94
CA TYR A 512 -7.68 -41.42 35.31
C TYR A 512 -8.55 -40.61 36.27
N ARG A 513 -9.49 -41.27 36.94
CA ARG A 513 -10.33 -40.56 37.90
C ARG A 513 -9.55 -40.16 39.16
N ALA A 514 -8.42 -40.81 39.42
CA ALA A 514 -7.57 -40.37 40.53
C ALA A 514 -6.68 -39.19 40.14
N MET A 515 -6.24 -39.13 38.88
CA MET A 515 -5.46 -38.00 38.41
C MET A 515 -6.33 -36.76 38.24
N ASN A 516 -7.53 -36.94 37.71
CA ASN A 516 -8.41 -35.82 37.41
C ASN A 516 -8.75 -35.00 38.64
N SER A 517 -8.95 -35.68 39.76
CA SER A 517 -9.33 -35.03 41.01
C SER A 517 -8.14 -34.65 41.86
N SER A 518 -6.96 -34.49 41.28
CA SER A 518 -5.76 -34.17 42.04
C SER A 518 -5.65 -32.67 42.25
N SER A 519 -5.35 -32.27 43.49
CA SER A 519 -5.15 -30.87 43.83
C SER A 519 -4.16 -30.81 44.97
N PHE A 520 -2.98 -30.23 44.74
CA PHE A 520 -1.98 -30.22 45.79
C PHE A 520 -1.02 -29.06 45.58
N GLU A 521 -0.39 -28.63 46.67
CA GLU A 521 0.53 -27.50 46.63
C GLU A 521 1.93 -28.01 46.28
N GLY A 522 2.33 -27.84 45.03
CA GLY A 522 3.66 -28.21 44.58
C GLY A 522 4.55 -27.00 44.37
N VAL A 523 5.75 -27.27 43.85
CA VAL A 523 6.76 -26.22 43.70
C VAL A 523 6.28 -25.15 42.72
N SER A 524 5.47 -25.52 41.74
CA SER A 524 4.92 -24.57 40.78
C SER A 524 3.58 -23.97 41.24
N GLY A 525 3.28 -24.04 42.53
CA GLY A 525 2.03 -23.50 43.03
C GLY A 525 0.95 -24.53 43.19
N HIS A 526 -0.31 -24.12 43.08
CA HIS A 526 -1.42 -25.06 43.25
C HIS A 526 -1.57 -25.89 41.98
N VAL A 527 -1.13 -27.15 42.04
CA VAL A 527 -1.22 -28.07 40.91
C VAL A 527 -2.61 -28.68 40.91
N VAL A 528 -3.31 -28.53 39.80
CA VAL A 528 -4.63 -29.12 39.55
C VAL A 528 -4.78 -29.30 38.05
N PHE A 529 -5.43 -30.40 37.65
CA PHE A 529 -5.57 -30.72 36.24
C PHE A 529 -6.97 -30.36 35.75
N ASP A 530 -7.15 -29.08 35.45
CA ASP A 530 -8.38 -28.60 34.86
C ASP A 530 -8.41 -28.91 33.37
N ALA A 531 -9.57 -28.67 32.75
CA ALA A 531 -9.75 -29.03 31.35
C ALA A 531 -9.05 -28.06 30.40
N SER A 532 -9.03 -26.77 30.72
CA SER A 532 -8.45 -25.78 29.84
C SER A 532 -6.95 -25.60 30.03
N GLY A 533 -6.42 -25.97 31.20
CA GLY A 533 -5.00 -25.87 31.45
C GLY A 533 -4.53 -24.45 31.74
N SER A 534 -5.19 -23.79 32.68
CA SER A 534 -4.85 -22.41 33.06
C SER A 534 -4.83 -22.34 34.58
N ARG A 535 -3.64 -22.42 35.17
CA ARG A 535 -3.49 -22.29 36.62
C ARG A 535 -2.40 -21.33 37.04
N MET A 536 -1.53 -20.88 36.14
CA MET A 536 -0.56 -19.83 36.42
C MET A 536 -1.08 -18.52 35.84
N ALA A 537 -1.24 -17.51 36.69
CA ALA A 537 -1.85 -16.25 36.27
C ALA A 537 -0.84 -15.22 35.80
N TRP A 538 0.31 -15.13 36.47
CA TRP A 538 1.27 -14.08 36.15
C TRP A 538 2.02 -14.39 34.86
N THR A 539 2.11 -13.38 34.00
CA THR A 539 2.92 -13.45 32.77
C THR A 539 3.98 -12.36 32.84
N LEU A 540 5.21 -12.73 32.51
CA LEU A 540 6.34 -11.81 32.52
C LEU A 540 6.57 -11.27 31.12
N ILE A 541 6.78 -9.96 31.01
CA ILE A 541 7.08 -9.27 29.77
C ILE A 541 8.48 -8.69 29.88
N GLU A 542 9.29 -8.91 28.85
CA GLU A 542 10.64 -8.38 28.86
C GLU A 542 11.01 -7.92 27.47
N GLN A 543 12.12 -7.18 27.39
CA GLN A 543 12.58 -6.58 26.15
C GLN A 543 14.09 -6.69 26.06
N LEU A 544 14.59 -6.95 24.86
CA LEU A 544 16.02 -7.01 24.61
C LEU A 544 16.56 -5.60 24.46
N GLN A 545 17.34 -5.13 25.44
CA GLN A 545 17.87 -3.78 25.45
C GLN A 545 19.39 -3.86 25.47
N GLY A 546 20.02 -3.60 24.32
CA GLY A 546 21.46 -3.61 24.26
C GLY A 546 22.11 -4.98 24.33
N GLY A 547 21.40 -6.02 23.90
CA GLY A 547 21.94 -7.37 23.96
C GLY A 547 21.73 -8.09 25.27
N SER A 548 20.79 -7.62 26.10
CA SER A 548 20.48 -8.29 27.36
C SER A 548 19.02 -8.03 27.69
N TYR A 549 18.32 -9.06 28.16
CA TYR A 549 16.91 -8.94 28.46
C TYR A 549 16.70 -8.13 29.73
N LYS A 550 15.67 -7.28 29.72
CA LYS A 550 15.25 -6.52 30.88
C LYS A 550 13.74 -6.67 31.05
N LYS A 551 13.31 -6.94 32.28
CA LYS A 551 11.90 -7.16 32.57
C LYS A 551 11.19 -5.82 32.61
N ILE A 552 10.20 -5.63 31.73
CA ILE A 552 9.50 -4.35 31.65
C ILE A 552 8.15 -4.37 32.36
N GLY A 553 7.67 -5.53 32.78
CA GLY A 553 6.44 -5.56 33.55
C GLY A 553 5.88 -6.96 33.68
N TYR A 554 4.74 -7.03 34.37
CA TYR A 554 4.00 -8.26 34.58
C TYR A 554 2.53 -7.99 34.29
N TYR A 555 1.77 -9.06 34.10
CA TYR A 555 0.35 -8.92 33.80
C TYR A 555 -0.43 -10.13 34.31
N ASP A 556 -1.54 -9.87 34.99
CA ASP A 556 -2.48 -10.91 35.40
C ASP A 556 -3.80 -10.69 34.67
N SER A 557 -4.19 -11.68 33.87
CA SER A 557 -5.38 -11.55 33.05
C SER A 557 -6.66 -11.98 33.78
N THR A 558 -6.54 -12.78 34.83
CA THR A 558 -7.72 -13.19 35.59
C THR A 558 -8.27 -12.05 36.44
N LYS A 559 -7.41 -11.13 36.88
CA LYS A 559 -7.84 -9.92 37.56
C LYS A 559 -7.73 -8.68 36.69
N ASP A 560 -7.07 -8.80 35.54
CA ASP A 560 -6.87 -7.70 34.60
C ASP A 560 -6.06 -6.58 35.24
N ASP A 561 -4.88 -6.90 35.77
CA ASP A 561 -4.01 -5.90 36.36
C ASP A 561 -2.62 -6.02 35.78
N LEU A 562 -2.08 -4.91 35.31
CA LEU A 562 -0.78 -4.84 34.65
C LEU A 562 0.17 -4.04 35.52
N SER A 563 1.23 -4.68 36.00
CA SER A 563 2.25 -4.02 36.81
C SER A 563 3.39 -3.60 35.88
N TRP A 564 3.42 -2.33 35.53
CA TRP A 564 4.43 -1.78 34.64
C TRP A 564 5.59 -1.20 35.43
N SER A 565 6.80 -1.55 35.04
CA SER A 565 8.00 -1.05 35.70
C SER A 565 8.54 0.22 35.07
N LYS A 566 8.07 0.59 33.88
CA LYS A 566 8.49 1.82 33.19
C LYS A 566 10.00 1.79 32.89
N THR A 567 10.43 0.75 32.19
CA THR A 567 11.83 0.63 31.80
C THR A 567 12.00 0.23 30.34
N ASP A 568 10.96 0.35 29.52
CA ASP A 568 11.04 -0.01 28.11
C ASP A 568 11.67 1.14 27.34
N LYS A 569 12.80 0.87 26.70
CA LYS A 569 13.49 1.88 25.90
C LYS A 569 13.08 1.75 24.43
N TRP A 570 12.78 2.88 23.81
CA TRP A 570 12.43 2.93 22.39
C TRP A 570 13.29 3.97 21.71
N ILE A 571 13.50 3.78 20.41
CA ILE A 571 14.23 4.77 19.61
C ILE A 571 13.30 5.95 19.38
N GLY A 572 13.63 7.10 19.96
CA GLY A 572 12.79 8.26 19.90
C GLY A 572 11.87 8.45 21.09
N GLY A 573 11.88 7.52 22.05
CA GLY A 573 11.08 7.68 23.25
C GLY A 573 9.62 7.37 23.10
N SER A 574 9.21 6.71 22.01
CA SER A 574 7.82 6.37 21.80
C SER A 574 7.72 5.07 21.01
N PRO A 575 6.67 4.29 21.23
CA PRO A 575 6.51 3.03 20.49
C PRO A 575 6.17 3.29 19.04
N PRO A 576 6.86 2.62 18.11
CA PRO A 576 6.56 2.77 16.68
C PRO A 576 5.11 2.49 16.33
N ALA A 577 4.44 3.46 15.72
CA ALA A 577 3.06 3.28 15.29
C ALA A 577 3.00 2.78 13.85
N ASP A 578 2.10 1.85 13.60
CA ASP A 578 1.91 1.28 12.28
C ASP A 578 1.07 2.21 11.40
N GLN A 579 0.85 1.76 10.16
CA GLN A 579 -0.17 2.34 9.28
C GLN A 579 -0.04 3.86 9.19
N THR A 580 1.01 4.35 8.51
CA THR A 580 1.24 5.78 8.41
C THR A 580 -0.02 6.49 7.94
N LEU A 581 -0.61 7.28 8.84
CA LEU A 581 -1.94 7.85 8.68
C LEU A 581 -1.88 9.10 7.80
N VAL A 582 -2.97 9.85 7.77
CA VAL A 582 -3.05 11.11 7.04
C VAL A 582 -3.18 12.23 8.06
N ILE A 583 -2.30 13.23 7.95
CA ILE A 583 -2.35 14.42 8.79
C ILE A 583 -2.89 15.56 7.94
N LYS A 584 -3.97 16.17 8.40
CA LYS A 584 -4.64 17.22 7.63
C LYS A 584 -4.10 18.57 8.09
N THR A 585 -3.25 19.18 7.28
CA THR A 585 -2.70 20.50 7.56
C THR A 585 -3.29 21.53 6.60
N PHE A 586 -3.44 22.76 7.10
CA PHE A 586 -3.95 23.85 6.30
C PHE A 586 -2.82 24.67 5.71
N ARG A 587 -3.06 25.26 4.55
CA ARG A 587 -2.12 26.20 3.94
C ARG A 587 -2.53 27.62 4.32
N PHE A 588 -1.59 28.37 4.88
CA PHE A 588 -1.84 29.71 5.37
C PHE A 588 -1.18 30.76 4.50
N LEU A 589 -1.57 32.01 4.72
CA LEU A 589 -0.90 33.14 4.07
C LEU A 589 0.42 33.43 4.77
N SER A 590 1.46 33.64 3.96
CA SER A 590 2.76 33.99 4.52
C SER A 590 2.63 35.30 5.28
N GLN A 591 2.75 35.23 6.60
CA GLN A 591 2.39 36.37 7.45
C GLN A 591 3.28 37.58 7.25
N LYS A 592 4.47 37.42 6.66
CA LYS A 592 5.27 38.59 6.29
C LYS A 592 4.53 39.46 5.30
N LEU A 593 3.97 38.83 4.25
CA LEU A 593 3.21 39.55 3.23
C LEU A 593 1.94 40.17 3.79
N PHE A 594 1.21 39.43 4.63
CA PHE A 594 -0.02 39.98 5.21
C PHE A 594 0.27 41.16 6.10
N ILE A 595 1.33 41.07 6.93
CA ILE A 595 1.72 42.19 7.77
C ILE A 595 2.13 43.39 6.93
N SER A 596 2.87 43.16 5.84
CA SER A 596 3.29 44.28 5.00
C SER A 596 2.08 44.99 4.38
N VAL A 597 1.15 44.21 3.83
CA VAL A 597 -0.03 44.83 3.22
C VAL A 597 -0.92 45.49 4.27
N SER A 598 -0.95 44.95 5.49
CA SER A 598 -1.71 45.61 6.55
C SER A 598 -1.09 46.95 6.93
N VAL A 599 0.24 47.02 6.96
CA VAL A 599 0.90 48.30 7.21
C VAL A 599 0.58 49.29 6.09
N LEU A 600 0.61 48.82 4.83
CA LEU A 600 0.26 49.71 3.73
C LEU A 600 -1.17 50.21 3.84
N SER A 601 -2.10 49.36 4.25
CA SER A 601 -3.49 49.81 4.39
C SER A 601 -3.65 50.78 5.55
N SER A 602 -2.89 50.59 6.62
CA SER A 602 -2.95 51.54 7.73
C SER A 602 -2.43 52.92 7.30
N LEU A 603 -1.30 52.95 6.59
CA LEU A 603 -0.85 54.22 6.02
C LEU A 603 -1.83 54.79 5.02
N GLY A 604 -2.57 53.94 4.32
CA GLY A 604 -3.55 54.43 3.37
C GLY A 604 -4.73 55.09 4.04
N ILE A 605 -5.21 54.52 5.15
CA ILE A 605 -6.31 55.17 5.85
C ILE A 605 -5.85 56.42 6.58
N VAL A 606 -4.59 56.49 7.05
CA VAL A 606 -4.16 57.76 7.62
C VAL A 606 -4.01 58.83 6.54
N LEU A 607 -3.56 58.45 5.34
CA LEU A 607 -3.54 59.42 4.24
C LEU A 607 -4.95 59.88 3.90
N ALA A 608 -5.91 58.95 3.88
CA ALA A 608 -7.28 59.33 3.59
C ALA A 608 -7.84 60.28 4.64
N VAL A 609 -7.52 60.06 5.91
CA VAL A 609 -8.06 60.96 6.93
C VAL A 609 -7.35 62.31 6.87
N VAL A 610 -6.08 62.35 6.48
CA VAL A 610 -5.40 63.64 6.30
C VAL A 610 -6.05 64.44 5.18
N CYS A 611 -6.26 63.81 4.02
CA CYS A 611 -6.89 64.53 2.92
C CYS A 611 -8.33 64.90 3.24
N LEU A 612 -9.03 64.08 4.03
CA LEU A 612 -10.39 64.44 4.41
C LEU A 612 -10.41 65.63 5.36
N SER A 613 -9.53 65.65 6.35
CA SER A 613 -9.45 66.80 7.24
C SER A 613 -9.06 68.06 6.48
N PHE A 614 -8.18 67.93 5.47
CA PHE A 614 -7.87 69.08 4.62
C PHE A 614 -9.09 69.56 3.86
N ASN A 615 -9.74 68.67 3.11
CA ASN A 615 -10.80 69.11 2.21
C ASN A 615 -12.05 69.53 2.97
N ILE A 616 -12.18 69.14 4.24
CA ILE A 616 -13.32 69.63 5.03
C ILE A 616 -12.94 70.78 5.96
N TYR A 617 -11.65 71.04 6.16
CA TYR A 617 -11.25 72.24 6.88
C TYR A 617 -11.45 73.48 6.02
N ASN A 618 -10.97 73.44 4.78
CA ASN A 618 -11.25 74.47 3.78
C ASN A 618 -12.56 74.18 3.06
N SER A 619 -13.66 74.11 3.79
CA SER A 619 -14.95 73.76 3.18
C SER A 619 -15.34 74.76 2.11
N HIS A 620 -15.40 76.05 2.46
CA HIS A 620 -15.68 77.08 1.48
C HIS A 620 -14.74 78.28 1.64
N VAL A 621 -13.64 78.13 2.35
CA VAL A 621 -12.70 79.23 2.55
C VAL A 621 -12.18 79.75 1.21
N ARG A 622 -12.11 78.87 0.21
CA ARG A 622 -11.59 79.25 -1.10
C ARG A 622 -12.35 78.49 -2.18
N TYR A 623 -11.74 78.38 -3.38
CA TYR A 623 -12.40 77.76 -4.52
C TYR A 623 -12.64 76.27 -4.34
N ILE A 624 -12.31 75.70 -3.17
CA ILE A 624 -12.65 74.30 -2.89
C ILE A 624 -14.13 74.04 -3.12
N GLN A 625 -14.99 75.03 -2.87
CA GLN A 625 -16.43 74.87 -3.10
C GLN A 625 -16.79 74.83 -4.58
N ASN A 626 -15.90 75.28 -5.46
CA ASN A 626 -16.17 75.16 -6.89
C ASN A 626 -16.21 73.70 -7.33
N SER A 627 -15.31 72.88 -6.80
CA SER A 627 -15.45 71.43 -6.89
C SER A 627 -16.46 70.98 -5.84
N GLN A 628 -17.27 69.99 -6.20
CA GLN A 628 -18.27 69.54 -5.25
C GLN A 628 -17.59 68.89 -4.06
N PRO A 629 -17.61 69.50 -2.88
CA PRO A 629 -16.74 69.04 -1.79
C PRO A 629 -17.22 67.78 -1.08
N ASN A 630 -18.54 67.65 -0.88
CA ASN A 630 -19.04 66.50 -0.15
C ASN A 630 -18.90 65.22 -0.95
N LEU A 631 -19.01 65.28 -2.28
CA LEU A 631 -18.81 64.09 -3.08
C LEU A 631 -17.37 63.60 -2.96
N ASN A 632 -16.40 64.50 -3.01
CA ASN A 632 -15.01 64.10 -2.82
C ASN A 632 -14.77 63.60 -1.40
N ASN A 633 -15.43 64.20 -0.41
CA ASN A 633 -15.26 63.76 0.96
C ASN A 633 -15.75 62.33 1.16
N LEU A 634 -16.98 62.04 0.73
CA LEU A 634 -17.46 60.68 0.91
C LEU A 634 -16.83 59.71 -0.08
N THR A 635 -16.23 60.21 -1.17
CA THR A 635 -15.36 59.36 -1.97
C THR A 635 -14.14 58.91 -1.18
N ALA A 636 -13.51 59.83 -0.44
CA ALA A 636 -12.40 59.44 0.42
C ALA A 636 -12.87 58.51 1.54
N VAL A 637 -14.11 58.68 2.00
CA VAL A 637 -14.66 57.76 3.00
C VAL A 637 -14.79 56.35 2.43
N GLY A 638 -15.39 56.22 1.25
CA GLY A 638 -15.48 54.91 0.62
C GLY A 638 -14.11 54.32 0.33
N CYS A 639 -13.15 55.16 -0.06
CA CYS A 639 -11.79 54.71 -0.27
C CYS A 639 -11.18 54.17 1.01
N SER A 640 -11.42 54.85 2.13
CA SER A 640 -10.88 54.39 3.41
C SER A 640 -11.50 53.07 3.84
N LEU A 641 -12.81 52.89 3.62
CA LEU A 641 -13.42 51.61 3.94
C LEU A 641 -12.89 50.49 3.05
N ALA A 642 -12.82 50.72 1.73
CA ALA A 642 -12.36 49.69 0.82
C ALA A 642 -10.88 49.36 1.05
N LEU A 643 -10.11 50.30 1.61
CA LEU A 643 -8.71 50.02 1.87
C LEU A 643 -8.50 49.38 3.24
N ALA A 644 -9.38 49.65 4.20
CA ALA A 644 -9.34 48.94 5.47
C ALA A 644 -10.04 47.60 5.41
N ALA A 645 -10.66 47.27 4.28
CA ALA A 645 -11.25 45.96 4.06
C ALA A 645 -10.25 44.89 3.69
N VAL A 646 -8.94 45.17 3.73
CA VAL A 646 -7.97 44.13 3.41
C VAL A 646 -7.65 43.24 4.59
N PHE A 647 -7.93 43.68 5.83
CA PHE A 647 -7.60 42.84 6.98
C PHE A 647 -8.50 41.61 7.04
N PRO A 648 -9.83 41.72 6.96
CA PRO A 648 -10.64 40.50 6.87
C PRO A 648 -10.27 39.62 5.69
N LEU A 649 -9.92 40.23 4.55
CA LEU A 649 -9.57 39.45 3.37
C LEU A 649 -8.25 38.73 3.55
N GLY A 650 -7.48 39.09 4.58
CA GLY A 650 -6.23 38.41 4.84
C GLY A 650 -6.24 37.51 6.06
N LEU A 651 -7.33 37.49 6.82
CA LEU A 651 -7.39 36.68 8.04
C LEU A 651 -7.64 35.23 7.68
N ASP A 652 -6.59 34.43 7.73
CA ASP A 652 -6.68 32.99 7.53
C ASP A 652 -6.85 32.28 8.87
N GLY A 653 -7.05 30.96 8.80
CA GLY A 653 -7.22 30.16 10.00
C GLY A 653 -6.02 30.16 10.94
N TYR A 654 -4.96 30.88 10.61
CA TYR A 654 -3.78 30.91 11.47
C TYR A 654 -3.98 31.84 12.66
N HIS A 655 -4.73 32.93 12.48
CA HIS A 655 -4.91 33.92 13.52
C HIS A 655 -6.24 33.80 14.26
N ILE A 656 -7.25 33.15 13.68
CA ILE A 656 -8.61 33.34 14.18
C ILE A 656 -9.22 32.08 14.78
N GLY A 657 -9.17 30.96 14.07
CA GLY A 657 -9.90 29.78 14.51
C GLY A 657 -11.29 29.69 13.90
N ARG A 658 -11.94 28.54 14.06
CA ARG A 658 -13.15 28.25 13.32
C ARG A 658 -14.37 28.96 13.90
N ASN A 659 -14.42 29.10 15.22
CA ASN A 659 -15.64 29.60 15.87
C ASN A 659 -15.87 31.07 15.58
N GLN A 660 -14.80 31.85 15.46
CA GLN A 660 -14.88 33.29 15.22
C GLN A 660 -14.90 33.63 13.74
N PHE A 661 -14.78 32.64 12.86
CA PHE A 661 -14.49 32.79 11.44
C PHE A 661 -15.62 33.36 10.58
N PRO A 662 -16.89 32.97 10.76
CA PRO A 662 -17.92 33.40 9.80
C PRO A 662 -18.19 34.90 9.77
N PHE A 663 -17.67 35.66 10.73
CA PHE A 663 -17.83 37.10 10.69
C PHE A 663 -16.72 37.80 9.91
N VAL A 664 -15.58 37.14 9.71
CA VAL A 664 -14.54 37.70 8.85
C VAL A 664 -15.00 37.76 7.40
N CYS A 665 -15.82 36.77 7.02
CA CYS A 665 -16.37 36.70 5.66
C CYS A 665 -17.30 37.87 5.33
N GLN A 666 -18.18 38.23 6.27
CA GLN A 666 -19.07 39.37 6.08
C GLN A 666 -18.32 40.68 6.29
N ALA A 667 -17.30 40.70 7.13
CA ALA A 667 -16.44 41.87 7.24
C ALA A 667 -15.62 42.10 5.98
N ARG A 668 -15.39 41.07 5.17
CA ARG A 668 -14.87 41.29 3.82
C ARG A 668 -15.96 41.87 2.94
N LEU A 669 -17.10 41.18 2.86
CA LEU A 669 -18.10 41.50 1.85
C LEU A 669 -18.69 42.88 2.04
N TRP A 670 -19.17 43.20 3.25
CA TRP A 670 -19.82 44.49 3.45
C TRP A 670 -18.83 45.64 3.30
N LEU A 671 -17.67 45.55 3.95
CA LEU A 671 -16.69 46.61 3.82
C LEU A 671 -16.31 46.84 2.37
N LEU A 672 -15.95 45.80 1.63
CA LEU A 672 -15.48 46.04 0.27
C LEU A 672 -16.60 46.46 -0.67
N GLY A 673 -17.79 45.87 -0.53
CA GLY A 673 -18.90 46.26 -1.39
C GLY A 673 -19.35 47.69 -1.15
N LEU A 674 -19.59 48.06 0.12
CA LEU A 674 -19.97 49.43 0.42
C LEU A 674 -18.85 50.40 0.10
N GLY A 675 -17.59 50.02 0.31
CA GLY A 675 -16.50 50.90 -0.02
C GLY A 675 -16.40 51.16 -1.52
N PHE A 676 -16.53 50.13 -2.34
CA PHE A 676 -16.46 50.34 -3.78
C PHE A 676 -17.67 51.11 -4.27
N SER A 677 -18.86 50.80 -3.76
CA SER A 677 -20.04 51.54 -4.16
C SER A 677 -19.93 53.01 -3.79
N LEU A 678 -19.52 53.32 -2.57
CA LEU A 678 -19.43 54.69 -2.10
C LEU A 678 -18.25 55.45 -2.67
N GLY A 679 -17.19 54.76 -3.07
CA GLY A 679 -16.04 55.39 -3.67
C GLY A 679 -15.98 55.33 -5.17
N TYR A 680 -16.98 54.76 -5.80
CA TYR A 680 -17.08 54.87 -7.25
C TYR A 680 -18.37 55.54 -7.71
N GLY A 681 -19.51 55.30 -7.05
CA GLY A 681 -20.71 56.02 -7.41
C GLY A 681 -20.63 57.51 -7.14
N SER A 682 -19.85 57.92 -6.14
CA SER A 682 -19.73 59.33 -5.79
C SER A 682 -18.94 60.12 -6.81
N MET A 683 -17.98 59.50 -7.48
CA MET A 683 -17.27 60.15 -8.57
C MET A 683 -17.70 59.62 -9.93
N PHE A 684 -18.73 58.79 -9.98
CA PHE A 684 -19.43 58.49 -11.21
C PHE A 684 -20.62 59.42 -11.43
N THR A 685 -21.35 59.74 -10.36
CA THR A 685 -22.50 60.65 -10.50
C THR A 685 -22.06 62.06 -10.85
N LYS A 686 -20.87 62.47 -10.39
CA LYS A 686 -20.35 63.78 -10.76
C LYS A 686 -20.08 63.84 -12.26
N ILE A 687 -19.42 62.82 -12.80
CA ILE A 687 -19.18 62.75 -14.25
C ILE A 687 -20.51 62.67 -14.99
N TRP A 688 -21.47 61.89 -14.47
CA TRP A 688 -22.75 61.73 -15.14
C TRP A 688 -23.50 63.06 -15.22
N TRP A 689 -23.49 63.82 -14.12
CA TRP A 689 -24.15 65.12 -14.11
C TRP A 689 -23.42 66.14 -14.96
N VAL A 690 -22.09 66.10 -14.98
CA VAL A 690 -21.36 66.97 -15.91
C VAL A 690 -21.81 66.70 -17.33
N HIS A 691 -21.89 65.42 -17.70
CA HIS A 691 -22.30 65.05 -19.04
C HIS A 691 -23.72 65.52 -19.35
N THR A 692 -24.69 65.13 -18.53
CA THR A 692 -26.09 65.33 -18.88
C THR A 692 -26.63 66.71 -18.57
N VAL A 693 -25.80 67.66 -18.12
CA VAL A 693 -26.30 69.02 -17.96
C VAL A 693 -25.32 69.99 -18.62
N PHE A 694 -24.18 69.49 -19.07
CA PHE A 694 -23.22 70.33 -19.76
C PHE A 694 -22.88 69.82 -21.16
N THR A 695 -23.79 69.08 -21.78
CA THR A 695 -23.62 68.60 -23.14
C THR A 695 -24.95 68.09 -23.71
N LEU A 707 -25.95 70.62 -11.99
CA LEU A 707 -26.41 71.99 -11.74
C LEU A 707 -27.18 72.04 -10.42
N GLU A 708 -28.04 71.06 -10.20
CA GLU A 708 -28.90 71.07 -9.01
C GLU A 708 -28.08 70.68 -7.79
N PRO A 709 -28.31 71.31 -6.64
CA PRO A 709 -27.41 71.14 -5.50
C PRO A 709 -27.62 69.85 -4.73
N TRP A 710 -28.84 69.30 -4.76
CA TRP A 710 -29.16 68.11 -3.98
C TRP A 710 -29.22 66.84 -4.80
N LYS A 711 -29.40 66.92 -6.12
CA LYS A 711 -29.48 65.71 -6.92
C LYS A 711 -28.15 64.97 -6.96
N LEU A 712 -27.04 65.71 -6.80
CA LEU A 712 -25.73 65.06 -6.77
C LEU A 712 -25.62 64.09 -5.61
N TYR A 713 -26.38 64.32 -4.54
CA TYR A 713 -26.46 63.37 -3.43
C TYR A 713 -27.56 62.34 -3.62
N ALA A 714 -28.66 62.70 -4.27
CA ALA A 714 -29.74 61.74 -4.50
C ALA A 714 -29.30 60.61 -5.41
N THR A 715 -28.49 60.90 -6.43
CA THR A 715 -28.05 59.84 -7.34
C THR A 715 -27.09 58.88 -6.65
N VAL A 716 -26.15 59.40 -5.86
CA VAL A 716 -25.22 58.51 -5.18
C VAL A 716 -25.93 57.73 -4.08
N GLY A 717 -26.92 58.34 -3.42
CA GLY A 717 -27.72 57.58 -2.47
C GLY A 717 -28.50 56.46 -3.12
N LEU A 718 -29.08 56.72 -4.30
CA LEU A 718 -29.78 55.66 -5.00
C LEU A 718 -28.83 54.54 -5.42
N LEU A 719 -27.65 54.91 -5.93
CA LEU A 719 -26.70 53.88 -6.34
C LEU A 719 -26.27 53.01 -5.16
N VAL A 720 -25.88 53.63 -4.05
CA VAL A 720 -25.40 52.86 -2.92
C VAL A 720 -26.52 52.06 -2.28
N GLY A 721 -27.74 52.60 -2.22
CA GLY A 721 -28.85 51.85 -1.67
C GLY A 721 -29.23 50.65 -2.51
N MET A 722 -29.25 50.81 -3.83
CA MET A 722 -29.56 49.67 -4.68
C MET A 722 -28.45 48.63 -4.65
N ASP A 723 -27.19 49.07 -4.56
CA ASP A 723 -26.09 48.13 -4.43
C ASP A 723 -26.21 47.34 -3.13
N VAL A 724 -26.52 48.02 -2.01
CA VAL A 724 -26.67 47.33 -0.74
C VAL A 724 -27.85 46.39 -0.77
N LEU A 725 -28.92 46.75 -1.48
CA LEU A 725 -30.04 45.83 -1.63
C LEU A 725 -29.62 44.57 -2.40
N THR A 726 -28.94 44.75 -3.52
CA THR A 726 -28.50 43.63 -4.34
C THR A 726 -27.44 42.78 -3.66
N LEU A 727 -26.73 43.32 -2.68
CA LEU A 727 -25.77 42.54 -1.91
C LEU A 727 -26.40 41.83 -0.72
N ALA A 728 -27.35 42.49 -0.06
CA ALA A 728 -28.03 41.88 1.08
C ALA A 728 -28.93 40.76 0.63
N ILE A 729 -29.57 40.87 -0.54
CA ILE A 729 -30.37 39.75 -1.01
C ILE A 729 -29.51 38.53 -1.23
N TRP A 730 -28.28 38.70 -1.71
CA TRP A 730 -27.39 37.57 -1.92
C TRP A 730 -26.90 37.00 -0.58
N GLN A 731 -26.47 37.86 0.34
CA GLN A 731 -25.90 37.35 1.57
C GLN A 731 -26.96 36.74 2.49
N ILE A 732 -28.20 37.21 2.41
CA ILE A 732 -29.25 36.65 3.25
C ILE A 732 -29.93 35.45 2.59
N VAL A 733 -30.11 35.47 1.28
CA VAL A 733 -30.68 34.31 0.61
C VAL A 733 -29.70 33.16 0.57
N ASP A 734 -28.39 33.44 0.52
CA ASP A 734 -27.37 32.40 0.45
C ASP A 734 -26.15 32.88 1.23
N PRO A 735 -26.14 32.67 2.55
CA PRO A 735 -25.01 33.14 3.36
C PRO A 735 -23.69 32.50 2.93
N LEU A 736 -22.61 33.26 3.07
CA LEU A 736 -21.28 32.79 2.74
C LEU A 736 -20.69 32.08 3.94
N HIS A 737 -20.24 30.83 3.75
CA HIS A 737 -19.72 30.01 4.83
C HIS A 737 -18.41 29.37 4.42
N ARG A 738 -17.66 28.87 5.42
CA ARG A 738 -16.36 28.30 5.15
C ARG A 738 -16.49 27.04 4.31
N THR A 739 -15.43 26.73 3.56
CA THR A 739 -15.39 25.54 2.73
C THR A 739 -13.92 25.15 2.55
N ILE A 740 -13.63 23.87 2.75
CA ILE A 740 -12.28 23.35 2.58
C ILE A 740 -12.18 22.65 1.23
N GLU A 741 -11.14 23.00 0.48
CA GLU A 741 -10.79 22.32 -0.77
C GLU A 741 -9.57 21.45 -0.48
N THR A 742 -9.74 20.14 -0.65
CA THR A 742 -8.68 19.19 -0.35
C THR A 742 -7.86 18.90 -1.59
N PHE A 743 -6.53 18.84 -1.42
CA PHE A 743 -5.63 18.53 -2.51
C PHE A 743 -5.10 17.11 -2.37
N ALA A 744 -4.31 16.69 -3.36
CA ALA A 744 -3.73 15.36 -3.34
C ALA A 744 -2.63 15.25 -2.30
N LYS A 745 -2.38 14.03 -1.85
CA LYS A 745 -1.35 13.79 -0.84
C LYS A 745 0.02 14.19 -1.36
N GLU A 746 0.83 14.73 -0.45
CA GLU A 746 2.24 14.99 -0.72
C GLU A 746 3.06 14.51 0.45
N GLU A 747 4.35 14.29 0.21
CA GLU A 747 5.23 13.75 1.23
C GLU A 747 5.95 14.87 1.95
N PRO A 748 5.59 15.18 3.20
CA PRO A 748 6.33 16.20 3.97
C PRO A 748 7.56 15.59 4.64
N LYS A 749 8.49 15.12 3.83
CA LYS A 749 9.63 14.38 4.35
C LYS A 749 10.75 15.34 4.78
N GLU A 750 10.39 16.57 5.15
CA GLU A 750 11.30 17.41 5.89
C GLU A 750 11.59 16.81 7.26
N ASP A 751 10.72 15.92 7.73
CA ASP A 751 10.92 15.12 8.93
C ASP A 751 11.00 13.66 8.52
N ILE A 752 10.93 12.75 9.49
CA ILE A 752 10.87 11.33 9.18
C ILE A 752 9.46 10.83 9.48
N ASP A 753 8.50 11.74 9.52
CA ASP A 753 7.19 11.48 10.08
C ASP A 753 6.12 11.32 8.99
N VAL A 754 4.87 11.35 9.44
CA VAL A 754 3.66 11.01 8.70
C VAL A 754 3.57 11.74 7.37
N SER A 755 2.93 11.11 6.39
CA SER A 755 2.61 11.75 5.12
C SER A 755 1.33 12.56 5.25
N ILE A 756 1.43 13.89 5.18
CA ILE A 756 0.29 14.78 5.34
C ILE A 756 -0.42 14.97 4.02
N LEU A 757 -1.62 15.56 4.08
CA LEU A 757 -2.30 16.02 2.88
C LEU A 757 -2.72 17.46 3.18
N PRO A 758 -2.41 18.40 2.29
CA PRO A 758 -2.78 19.80 2.55
C PRO A 758 -4.19 20.09 2.06
N GLN A 759 -4.90 20.90 2.84
CA GLN A 759 -6.25 21.29 2.48
C GLN A 759 -6.42 22.78 2.78
N LEU A 760 -6.89 23.53 1.79
CA LEU A 760 -7.06 24.97 1.92
C LEU A 760 -8.48 25.27 2.41
N GLU A 761 -8.63 26.38 3.13
CA GLU A 761 -9.93 26.80 3.65
C GLU A 761 -10.24 28.22 3.19
N HIS A 762 -11.43 28.42 2.64
CA HIS A 762 -11.84 29.75 2.23
C HIS A 762 -13.36 29.81 2.13
N CYS A 763 -13.89 31.03 2.13
CA CYS A 763 -15.33 31.23 2.20
C CYS A 763 -15.97 31.11 0.82
N SER A 764 -17.15 30.52 0.79
CA SER A 764 -17.89 30.37 -0.46
C SER A 764 -19.37 30.23 -0.14
N SER A 765 -20.19 30.53 -1.13
CA SER A 765 -21.63 30.36 -1.04
C SER A 765 -22.01 28.96 -1.50
N ARG A 766 -23.27 28.58 -1.21
CA ARG A 766 -23.75 27.28 -1.66
C ARG A 766 -23.71 27.18 -3.18
N LYS A 767 -24.08 28.24 -3.88
CA LYS A 767 -23.85 28.37 -5.31
C LYS A 767 -22.92 29.55 -5.53
N MET A 768 -21.88 29.33 -6.32
CA MET A 768 -20.84 30.35 -6.51
C MET A 768 -20.58 30.52 -8.00
N ASN A 769 -19.99 31.66 -8.34
CA ASN A 769 -19.63 32.09 -9.69
C ASN A 769 -20.85 32.49 -10.50
N THR A 770 -22.06 32.38 -9.95
CA THR A 770 -23.26 32.93 -10.57
C THR A 770 -23.63 34.27 -9.92
N TRP A 771 -23.74 34.29 -8.59
CA TRP A 771 -23.96 35.55 -7.90
C TRP A 771 -22.75 36.46 -8.01
N LEU A 772 -21.55 35.94 -7.73
CA LEU A 772 -20.35 36.76 -7.85
C LEU A 772 -20.10 37.17 -9.29
N GLY A 773 -20.41 36.29 -10.24
CA GLY A 773 -20.28 36.65 -11.64
C GLY A 773 -21.21 37.75 -12.08
N ILE A 774 -22.48 37.68 -11.67
CA ILE A 774 -23.42 38.74 -11.99
C ILE A 774 -23.03 40.06 -11.33
N PHE A 775 -22.56 39.99 -10.07
CA PHE A 775 -22.10 41.19 -9.38
C PHE A 775 -20.94 41.83 -10.11
N TYR A 776 -19.93 41.03 -10.48
CA TYR A 776 -18.81 41.52 -11.25
C TYR A 776 -19.23 42.09 -12.60
N GLY A 777 -20.21 41.48 -13.26
CA GLY A 777 -20.64 41.96 -14.55
C GLY A 777 -21.34 43.29 -14.46
N TYR A 778 -22.21 43.44 -13.45
CA TYR A 778 -22.87 44.72 -13.24
C TYR A 778 -21.87 45.83 -12.89
N LYS A 779 -20.91 45.55 -12.01
CA LYS A 779 -19.93 46.57 -11.68
C LYS A 779 -19.03 46.89 -12.86
N GLY A 780 -18.74 45.91 -13.70
CA GLY A 780 -17.97 46.19 -14.90
C GLY A 780 -18.74 47.03 -15.91
N LEU A 781 -20.05 46.83 -16.00
CA LEU A 781 -20.87 47.68 -16.85
C LEU A 781 -20.89 49.12 -16.33
N LEU A 782 -21.01 49.29 -15.02
CA LEU A 782 -20.92 50.64 -14.46
C LEU A 782 -19.57 51.27 -14.74
N LEU A 783 -18.48 50.50 -14.63
CA LEU A 783 -17.16 51.05 -14.90
C LEU A 783 -16.98 51.43 -16.36
N LEU A 784 -17.52 50.62 -17.27
CA LEU A 784 -17.44 50.95 -18.70
C LEU A 784 -18.24 52.21 -19.01
N LEU A 785 -19.44 52.33 -18.46
CA LEU A 785 -20.22 53.54 -18.68
C LEU A 785 -19.52 54.76 -18.09
N GLY A 786 -18.87 54.60 -16.94
CA GLY A 786 -18.11 55.70 -16.38
C GLY A 786 -16.96 56.13 -17.26
N ILE A 787 -16.21 55.16 -17.81
CA ILE A 787 -15.11 55.51 -18.71
C ILE A 787 -15.64 56.22 -19.95
N PHE A 788 -16.75 55.74 -20.50
CA PHE A 788 -17.33 56.39 -21.67
C PHE A 788 -17.74 57.83 -21.37
N LEU A 789 -18.43 58.05 -20.25
CA LEU A 789 -18.85 59.41 -19.92
C LEU A 789 -17.67 60.30 -19.58
N ALA A 790 -16.60 59.76 -19.01
CA ALA A 790 -15.42 60.56 -18.73
C ALA A 790 -14.65 60.90 -19.99
N TYR A 791 -14.75 60.06 -21.01
CA TYR A 791 -14.13 60.39 -22.29
C TYR A 791 -14.96 61.38 -23.10
N GLU A 792 -16.28 61.29 -23.01
CA GLU A 792 -17.15 62.17 -23.77
C GLU A 792 -17.17 63.60 -23.24
N THR A 793 -16.78 63.81 -21.97
CA THR A 793 -16.83 65.13 -21.36
C THR A 793 -15.45 65.59 -20.87
N LYS A 794 -14.39 65.14 -21.52
CA LYS A 794 -13.05 65.57 -21.12
C LYS A 794 -12.74 66.99 -21.57
N SER A 795 -13.50 67.53 -22.53
CA SER A 795 -13.19 68.82 -23.13
C SER A 795 -14.07 69.96 -22.63
N VAL A 796 -15.17 69.68 -21.93
CA VAL A 796 -16.03 70.75 -21.46
C VAL A 796 -15.29 71.58 -20.42
N SER A 797 -15.59 72.87 -20.39
CA SER A 797 -14.87 73.84 -19.57
C SER A 797 -15.80 74.51 -18.57
N THR A 798 -16.64 73.72 -17.90
CA THR A 798 -17.57 74.26 -16.93
C THR A 798 -16.83 74.79 -15.71
N GLU A 799 -17.46 75.74 -15.01
CA GLU A 799 -16.93 76.24 -13.75
C GLU A 799 -17.92 76.03 -12.60
N LYS A 800 -19.09 75.43 -12.86
CA LYS A 800 -19.92 74.95 -11.78
C LYS A 800 -19.30 73.74 -11.08
N ILE A 801 -18.37 73.06 -11.75
CA ILE A 801 -17.62 71.94 -11.21
C ILE A 801 -16.15 72.12 -11.61
N ASN A 802 -15.25 71.94 -10.66
CA ASN A 802 -13.89 72.44 -10.84
C ASN A 802 -12.94 71.45 -11.50
N ASP A 803 -13.01 70.16 -11.16
CA ASP A 803 -11.97 69.22 -11.57
C ASP A 803 -12.51 67.89 -12.07
N HIS A 804 -13.51 67.90 -12.96
CA HIS A 804 -14.05 66.65 -13.45
C HIS A 804 -13.03 65.84 -14.25
N ARG A 805 -11.95 66.46 -14.72
CA ARG A 805 -10.95 65.73 -15.50
C ARG A 805 -10.10 64.80 -14.64
N ALA A 806 -9.70 65.26 -13.45
CA ALA A 806 -9.01 64.35 -12.54
C ALA A 806 -9.92 63.23 -12.07
N VAL A 807 -11.22 63.52 -11.93
CA VAL A 807 -12.18 62.47 -11.61
C VAL A 807 -12.25 61.45 -12.74
N GLY A 808 -12.23 61.92 -13.99
CA GLY A 808 -12.24 60.99 -15.11
C GLY A 808 -11.01 60.12 -15.16
N MET A 809 -9.83 60.70 -14.91
CA MET A 809 -8.61 59.89 -14.84
C MET A 809 -8.67 58.88 -13.71
N ALA A 810 -9.19 59.28 -12.55
CA ALA A 810 -9.29 58.37 -11.42
C ALA A 810 -10.23 57.21 -11.73
N ILE A 811 -11.38 57.48 -12.34
CA ILE A 811 -12.29 56.37 -12.63
C ILE A 811 -11.73 55.50 -13.73
N TYR A 812 -10.96 56.06 -14.67
CA TYR A 812 -10.34 55.20 -15.67
C TYR A 812 -9.34 54.23 -15.03
N ASN A 813 -8.50 54.75 -14.13
CA ASN A 813 -7.52 53.87 -13.48
C ASN A 813 -8.20 52.83 -12.60
N VAL A 814 -9.21 53.25 -11.83
CA VAL A 814 -9.93 52.30 -10.99
C VAL A 814 -10.57 51.22 -11.84
N ALA A 815 -11.18 51.61 -12.96
CA ALA A 815 -11.85 50.65 -13.83
C ALA A 815 -10.87 49.66 -14.42
N VAL A 816 -9.72 50.14 -14.90
CA VAL A 816 -8.77 49.21 -15.52
C VAL A 816 -8.21 48.25 -14.47
N LEU A 817 -7.86 48.75 -13.28
CA LEU A 817 -7.33 47.87 -12.25
C LEU A 817 -8.36 46.82 -11.83
N CYS A 818 -9.60 47.25 -11.62
CA CYS A 818 -10.62 46.31 -11.15
C CYS A 818 -11.04 45.32 -12.23
N LEU A 819 -11.09 45.74 -13.49
CA LEU A 819 -11.43 44.80 -14.54
C LEU A 819 -10.28 43.84 -14.86
N ILE A 820 -9.05 44.21 -14.52
CA ILE A 820 -7.95 43.27 -14.64
C ILE A 820 -7.95 42.28 -13.49
N THR A 821 -8.07 42.77 -12.26
CA THR A 821 -7.89 41.94 -11.08
C THR A 821 -9.19 41.37 -10.52
N ALA A 822 -10.31 41.50 -11.21
CA ALA A 822 -11.49 40.74 -10.84
C ALA A 822 -11.45 39.31 -11.34
N PRO A 823 -11.16 39.02 -12.63
CA PRO A 823 -11.12 37.62 -13.07
C PRO A 823 -9.84 36.90 -12.65
N VAL A 824 -8.78 37.66 -12.38
CA VAL A 824 -7.51 37.04 -11.99
C VAL A 824 -7.64 36.34 -10.65
N THR A 825 -8.29 36.99 -9.68
CA THR A 825 -8.51 36.32 -8.39
C THR A 825 -9.58 35.25 -8.47
N MET A 826 -10.32 35.19 -9.59
CA MET A 826 -11.22 34.07 -9.82
C MET A 826 -10.49 32.89 -10.45
N ILE A 827 -9.41 33.16 -11.19
CA ILE A 827 -8.60 32.09 -11.77
C ILE A 827 -7.63 31.52 -10.75
N LEU A 828 -7.03 32.39 -9.93
CA LEU A 828 -6.02 31.99 -8.96
C LEU A 828 -6.60 31.71 -7.58
N SER A 829 -7.85 31.23 -7.52
CA SER A 829 -8.51 31.04 -6.24
C SER A 829 -7.87 29.94 -5.41
N SER A 830 -7.25 28.95 -6.04
CA SER A 830 -6.65 27.82 -5.33
C SER A 830 -5.23 28.10 -4.89
N GLN A 831 -4.78 29.35 -4.94
CA GLN A 831 -3.44 29.76 -4.53
C GLN A 831 -3.60 31.00 -3.67
N GLN A 832 -3.46 30.82 -2.35
CA GLN A 832 -3.89 31.86 -1.41
C GLN A 832 -3.05 33.13 -1.55
N ASP A 833 -1.72 32.99 -1.66
CA ASP A 833 -0.86 34.17 -1.67
C ASP A 833 -1.05 35.00 -2.93
N ALA A 834 -1.14 34.35 -4.09
CA ALA A 834 -1.33 35.11 -5.32
C ALA A 834 -2.67 35.83 -5.34
N ALA A 835 -3.74 35.15 -4.93
CA ALA A 835 -5.05 35.80 -4.89
C ALA A 835 -5.06 36.96 -3.90
N PHE A 836 -4.46 36.78 -2.73
CA PHE A 836 -4.47 37.86 -1.74
C PHE A 836 -3.63 39.04 -2.21
N ALA A 837 -2.47 38.79 -2.82
CA ALA A 837 -1.67 39.90 -3.33
C ALA A 837 -2.39 40.64 -4.45
N PHE A 838 -2.98 39.89 -5.40
CA PHE A 838 -3.66 40.54 -6.52
C PHE A 838 -4.95 41.22 -6.11
N ALA A 839 -5.51 40.90 -4.94
CA ALA A 839 -6.65 41.69 -4.45
C ALA A 839 -6.17 42.89 -3.64
N SER A 840 -5.26 42.66 -2.69
CA SER A 840 -4.86 43.71 -1.77
C SER A 840 -4.06 44.81 -2.46
N LEU A 841 -3.12 44.46 -3.35
CA LEU A 841 -2.37 45.49 -4.05
C LEU A 841 -3.23 46.21 -5.08
N ALA A 842 -4.16 45.52 -5.71
CA ALA A 842 -5.10 46.17 -6.61
C ALA A 842 -6.10 47.05 -5.89
N ILE A 843 -6.25 46.90 -4.58
CA ILE A 843 -6.99 47.88 -3.78
C ILE A 843 -6.08 49.02 -3.33
N VAL A 844 -4.88 48.69 -2.85
CA VAL A 844 -3.98 49.70 -2.29
C VAL A 844 -3.56 50.71 -3.35
N PHE A 845 -3.13 50.22 -4.52
CA PHE A 845 -2.70 51.13 -5.58
C PHE A 845 -3.85 51.99 -6.07
N SER A 846 -5.03 51.41 -6.24
CA SER A 846 -6.17 52.19 -6.70
C SER A 846 -6.57 53.24 -5.68
N SER A 847 -6.54 52.90 -4.40
CA SER A 847 -6.93 53.83 -3.35
C SER A 847 -5.89 54.92 -3.14
N TYR A 848 -4.62 54.65 -3.45
CA TYR A 848 -3.62 55.69 -3.40
C TYR A 848 -3.73 56.62 -4.60
N ILE A 849 -3.94 56.03 -5.79
CA ILE A 849 -3.98 56.83 -7.01
C ILE A 849 -5.21 57.74 -7.02
N THR A 850 -6.37 57.23 -6.59
CA THR A 850 -7.56 58.09 -6.61
C THR A 850 -7.41 59.26 -5.64
N LEU A 851 -6.87 59.01 -4.44
CA LEU A 851 -6.72 60.09 -3.47
C LEU A 851 -5.68 61.10 -3.94
N VAL A 852 -4.55 60.64 -4.47
CA VAL A 852 -3.56 61.56 -5.00
C VAL A 852 -4.17 62.40 -6.11
N VAL A 853 -4.68 61.76 -7.16
CA VAL A 853 -5.21 62.46 -8.32
C VAL A 853 -6.30 63.45 -7.93
N LEU A 854 -7.10 63.13 -6.93
CA LEU A 854 -8.13 64.10 -6.56
C LEU A 854 -7.57 65.25 -5.71
N PHE A 855 -6.74 64.95 -4.72
CA PHE A 855 -6.49 65.92 -3.67
C PHE A 855 -5.14 66.61 -3.73
N VAL A 856 -4.10 66.01 -4.30
CA VAL A 856 -2.81 66.72 -4.29
C VAL A 856 -2.85 67.90 -5.25
N PRO A 857 -3.55 67.87 -6.40
CA PRO A 857 -3.69 69.12 -7.16
C PRO A 857 -4.37 70.22 -6.38
N LYS A 858 -5.45 69.90 -5.66
CA LYS A 858 -6.20 70.93 -4.95
C LYS A 858 -5.41 71.48 -3.76
N MET A 859 -4.77 70.60 -2.98
CA MET A 859 -3.97 71.08 -1.86
C MET A 859 -2.69 71.74 -2.34
N ARG A 860 -2.27 71.46 -3.57
CA ARG A 860 -1.07 72.08 -4.10
C ARG A 860 -1.34 73.48 -4.63
N ARG A 861 -2.44 73.65 -5.38
CA ARG A 861 -2.81 74.95 -5.92
C ARG A 861 -3.50 75.84 -4.90
N LEU A 862 -4.12 75.26 -3.87
CA LEU A 862 -4.86 76.02 -2.89
C LEU A 862 -3.92 76.64 -1.86
N ILE A 863 -3.16 75.81 -1.16
CA ILE A 863 -2.19 76.24 -0.16
C ILE A 863 -0.86 75.60 -0.56
N THR A 864 -0.07 76.31 -1.34
CA THR A 864 1.18 75.76 -1.85
C THR A 864 2.28 75.82 -0.80
CA PRO B 43 11.72 -67.30 -0.95
C PRO B 43 10.84 -66.09 -1.25
N PRO B 44 9.90 -65.78 -0.34
CA PRO B 44 9.00 -64.66 -0.57
C PRO B 44 9.67 -63.32 -0.27
N LEU B 45 9.36 -62.31 -1.08
CA LEU B 45 9.75 -60.93 -0.81
C LEU B 45 8.50 -60.19 -0.34
N SER B 46 8.49 -59.83 0.94
CA SER B 46 7.30 -59.27 1.57
C SER B 46 7.28 -57.76 1.49
N ILE B 47 6.11 -57.22 1.16
CA ILE B 47 5.87 -55.78 1.18
C ILE B 47 4.73 -55.50 2.15
N MET B 48 4.85 -54.40 2.88
CA MET B 48 3.83 -53.99 3.84
C MET B 48 2.92 -52.95 3.19
N GLY B 49 1.73 -53.38 2.76
CA GLY B 49 0.74 -52.45 2.25
C GLY B 49 -0.08 -51.92 3.41
N LEU B 50 -0.24 -50.60 3.44
CA LEU B 50 -0.97 -49.92 4.51
C LEU B 50 -2.10 -49.13 3.86
N MET B 51 -3.31 -49.69 3.88
CA MET B 51 -4.42 -49.07 3.16
C MET B 51 -5.68 -49.11 4.01
N PRO B 52 -6.54 -48.10 3.89
CA PRO B 52 -7.87 -48.20 4.51
C PRO B 52 -8.78 -49.13 3.74
N LEU B 53 -8.98 -50.34 4.26
CA LEU B 53 -9.74 -51.37 3.55
C LEU B 53 -11.19 -51.45 4.01
N THR B 54 -11.45 -51.15 5.28
CA THR B 54 -12.81 -51.25 5.81
C THR B 54 -13.74 -50.26 5.14
N LYS B 55 -15.04 -50.54 5.24
CA LYS B 55 -16.07 -49.70 4.63
C LYS B 55 -16.68 -48.71 5.61
N GLU B 56 -16.22 -48.70 6.87
CA GLU B 56 -16.75 -47.75 7.84
C GLU B 56 -16.26 -46.33 7.58
N VAL B 57 -15.08 -46.19 6.98
CA VAL B 57 -14.49 -44.88 6.70
C VAL B 57 -14.92 -44.45 5.30
N ALA B 58 -15.06 -43.13 5.13
CA ALA B 58 -15.50 -42.61 3.84
C ALA B 58 -14.40 -42.66 2.80
N LYS B 59 -13.15 -42.56 3.22
CA LYS B 59 -12.02 -42.57 2.29
C LYS B 59 -11.56 -43.98 1.92
N GLY B 60 -12.10 -45.01 2.58
CA GLY B 60 -11.81 -46.37 2.18
C GLY B 60 -12.19 -46.68 0.75
N SER B 61 -13.09 -45.89 0.16
CA SER B 61 -13.43 -46.03 -1.25
C SER B 61 -12.21 -45.87 -2.14
N ILE B 62 -11.15 -45.23 -1.65
CA ILE B 62 -9.90 -45.22 -2.39
C ILE B 62 -9.23 -46.58 -2.32
N GLY B 63 -9.07 -47.11 -1.11
CA GLY B 63 -8.38 -48.38 -0.94
C GLY B 63 -9.06 -49.51 -1.68
N ARG B 64 -10.37 -49.64 -1.54
CA ARG B 64 -11.10 -50.68 -2.24
C ARG B 64 -11.15 -50.43 -3.74
N GLY B 65 -10.76 -49.23 -4.19
CA GLY B 65 -10.71 -48.96 -5.62
C GLY B 65 -9.41 -49.40 -6.27
N VAL B 66 -8.31 -49.40 -5.53
CA VAL B 66 -7.01 -49.70 -6.11
C VAL B 66 -6.60 -51.17 -5.98
N LEU B 67 -7.23 -51.93 -5.09
CA LEU B 67 -6.97 -53.37 -5.04
C LEU B 67 -7.28 -54.10 -6.34
N PRO B 68 -8.38 -53.81 -7.05
CA PRO B 68 -8.53 -54.41 -8.39
C PRO B 68 -7.37 -54.13 -9.32
N ALA B 69 -6.69 -52.98 -9.14
CA ALA B 69 -5.56 -52.65 -10.00
C ALA B 69 -4.28 -53.36 -9.57
N VAL B 70 -3.96 -53.34 -8.27
CA VAL B 70 -2.70 -53.92 -7.81
C VAL B 70 -2.66 -55.42 -8.09
N GLU B 71 -3.79 -56.12 -7.94
CA GLU B 71 -3.82 -57.55 -8.25
C GLU B 71 -3.56 -57.80 -9.73
N LEU B 72 -3.91 -56.84 -10.59
CA LEU B 72 -3.57 -56.98 -12.00
C LEU B 72 -2.06 -56.91 -12.21
N ALA B 73 -1.35 -56.17 -11.36
CA ALA B 73 0.10 -56.09 -11.48
C ALA B 73 0.77 -57.30 -10.82
N ILE B 74 0.20 -57.77 -9.72
CA ILE B 74 0.80 -58.89 -8.99
C ILE B 74 0.73 -60.16 -9.80
N GLU B 75 -0.44 -60.45 -10.39
CA GLU B 75 -0.59 -61.69 -11.15
C GLU B 75 0.24 -61.66 -12.42
N GLN B 76 0.45 -60.47 -12.99
CA GLN B 76 1.27 -60.35 -14.18
C GLN B 76 2.73 -60.70 -13.89
N ILE B 77 3.28 -60.12 -12.82
CA ILE B 77 4.69 -60.33 -12.48
C ILE B 77 4.99 -61.81 -12.27
N ARG B 78 4.02 -62.56 -11.73
CA ARG B 78 4.24 -63.98 -11.51
C ARG B 78 4.08 -64.81 -12.77
N ASN B 79 3.39 -64.29 -13.79
CA ASN B 79 3.28 -65.03 -15.05
C ASN B 79 4.55 -64.90 -15.88
N GLU B 80 5.04 -63.67 -16.04
CA GLU B 80 6.28 -63.46 -16.79
C GLU B 80 7.51 -63.69 -15.93
N SER B 81 7.35 -63.73 -14.61
CA SER B 81 8.41 -64.10 -13.68
C SER B 81 9.62 -63.18 -13.78
N LEU B 82 9.41 -61.88 -13.56
CA LEU B 82 10.53 -60.94 -13.48
C LEU B 82 11.49 -61.34 -12.37
N LEU B 83 10.96 -61.67 -11.20
CA LEU B 83 11.76 -62.18 -10.10
C LEU B 83 11.79 -63.70 -10.22
N ARG B 84 12.92 -64.25 -10.66
CA ARG B 84 12.96 -65.65 -11.03
C ARG B 84 13.01 -66.58 -9.82
N PRO B 85 13.96 -66.41 -8.87
CA PRO B 85 13.99 -67.35 -7.74
C PRO B 85 13.01 -66.99 -6.64
N TYR B 86 12.69 -65.71 -6.50
CA TYR B 86 11.78 -65.23 -5.48
C TYR B 86 10.40 -64.96 -6.08
N PHE B 87 9.43 -64.68 -5.20
CA PHE B 87 8.13 -64.21 -5.63
C PHE B 87 7.68 -63.11 -4.68
N LEU B 88 6.97 -62.14 -5.23
CA LEU B 88 6.54 -60.97 -4.48
C LEU B 88 5.21 -61.23 -3.80
N ASP B 89 5.12 -60.86 -2.53
CA ASP B 89 3.83 -60.89 -1.84
C ASP B 89 3.61 -59.62 -1.04
N LEU B 90 2.46 -59.00 -1.26
CA LEU B 90 2.07 -57.77 -0.60
C LEU B 90 1.05 -58.11 0.47
N ARG B 91 1.41 -57.88 1.73
CA ARG B 91 0.54 -58.16 2.86
C ARG B 91 -0.16 -56.87 3.25
N LEU B 92 -1.49 -56.89 3.20
CA LEU B 92 -2.31 -55.70 3.43
C LEU B 92 -2.60 -55.53 4.92
N TYR B 93 -2.62 -54.28 5.36
CA TYR B 93 -2.94 -53.92 6.73
C TYR B 93 -3.87 -52.72 6.71
N ASP B 94 -4.95 -52.81 7.49
CA ASP B 94 -5.97 -51.77 7.52
C ASP B 94 -5.51 -50.60 8.38
N THR B 95 -5.53 -49.41 7.80
CA THR B 95 -5.25 -48.16 8.52
C THR B 95 -6.41 -47.23 8.19
N GLU B 96 -7.30 -47.03 9.16
CA GLU B 96 -8.54 -46.31 8.92
C GLU B 96 -8.33 -44.81 9.03
N CYS B 97 -7.08 -44.38 8.82
CA CYS B 97 -6.69 -42.98 8.77
C CYS B 97 -6.71 -42.34 10.15
N ASP B 98 -7.05 -43.12 11.17
CA ASP B 98 -6.81 -42.68 12.53
C ASP B 98 -5.32 -42.81 12.83
N ASN B 99 -4.75 -41.77 13.43
CA ASN B 99 -3.35 -41.84 13.83
C ASN B 99 -3.12 -42.86 14.93
N ALA B 100 -4.18 -43.33 15.58
CA ALA B 100 -4.05 -44.35 16.61
C ALA B 100 -4.08 -45.75 16.00
N LYS B 101 -5.05 -46.02 15.14
CA LYS B 101 -5.17 -47.36 14.55
C LYS B 101 -4.08 -47.63 13.53
N GLY B 102 -3.66 -46.62 12.77
CA GLY B 102 -2.63 -46.83 11.77
C GLY B 102 -1.26 -47.10 12.35
N LEU B 103 -0.90 -46.40 13.43
CA LEU B 103 0.36 -46.68 14.09
C LEU B 103 0.32 -48.04 14.80
N LYS B 104 -0.84 -48.41 15.33
CA LYS B 104 -1.01 -49.75 15.90
C LYS B 104 -0.79 -50.82 14.85
N ALA B 105 -1.39 -50.64 13.66
CA ALA B 105 -1.21 -51.61 12.58
C ALA B 105 0.25 -51.66 12.12
N PHE B 106 0.92 -50.51 12.08
CA PHE B 106 2.32 -50.49 11.67
C PHE B 106 3.19 -51.23 12.69
N TYR B 107 2.95 -51.01 13.98
CA TYR B 107 3.71 -51.72 15.00
C TYR B 107 3.45 -53.22 14.98
N ASP B 108 2.18 -53.62 14.80
CA ASP B 108 1.87 -55.04 14.77
C ASP B 108 2.38 -55.72 13.50
N ALA B 109 2.53 -54.98 12.40
CA ALA B 109 3.15 -55.53 11.22
C ALA B 109 4.66 -55.62 11.37
N ILE B 110 5.27 -54.70 12.12
CA ILE B 110 6.71 -54.76 12.35
C ILE B 110 7.04 -55.92 13.28
N LYS B 111 6.22 -56.15 14.30
CA LYS B 111 6.56 -57.17 15.29
C LYS B 111 6.12 -58.58 14.86
N TYR B 112 4.85 -58.75 14.51
CA TYR B 112 4.30 -60.07 14.19
C TYR B 112 4.33 -60.40 12.71
N GLY B 113 4.85 -59.52 11.87
CA GLY B 113 4.87 -59.74 10.44
C GLY B 113 6.20 -60.26 9.94
N PRO B 114 6.23 -60.70 8.68
CA PRO B 114 7.50 -61.16 8.09
C PRO B 114 8.53 -60.04 7.97
N ASN B 115 9.71 -60.37 7.48
CA ASN B 115 10.74 -59.35 7.23
C ASN B 115 10.36 -58.53 6.01
N HIS B 116 9.67 -57.42 6.21
CA HIS B 116 9.21 -56.59 5.11
C HIS B 116 10.39 -55.83 4.51
N LEU B 117 10.48 -55.84 3.18
CA LEU B 117 11.55 -55.12 2.51
C LEU B 117 11.20 -53.67 2.19
N MET B 118 9.92 -53.40 1.90
CA MET B 118 9.48 -52.06 1.57
C MET B 118 8.13 -51.81 2.21
N VAL B 119 7.75 -50.54 2.26
CA VAL B 119 6.40 -50.12 2.63
C VAL B 119 5.72 -49.61 1.37
N PHE B 120 4.44 -49.93 1.22
CA PHE B 120 3.69 -49.56 0.03
C PHE B 120 2.36 -48.97 0.44
N GLY B 121 2.01 -47.84 -0.18
CA GLY B 121 0.73 -47.22 0.08
C GLY B 121 0.75 -46.13 1.13
N GLY B 122 -0.37 -45.96 1.81
CA GLY B 122 -0.58 -44.82 2.68
C GLY B 122 -1.40 -43.77 1.96
N VAL B 123 -2.69 -43.69 2.30
CA VAL B 123 -3.62 -42.85 1.54
C VAL B 123 -4.02 -41.59 2.30
N CYS B 124 -4.09 -41.64 3.63
CA CYS B 124 -4.48 -40.47 4.41
C CYS B 124 -3.24 -39.79 4.95
N PRO B 125 -3.08 -38.48 4.74
CA PRO B 125 -1.79 -37.83 5.02
C PRO B 125 -1.43 -37.79 6.51
N SER B 126 -2.43 -37.79 7.40
CA SER B 126 -2.13 -37.71 8.83
C SER B 126 -1.31 -38.91 9.29
N VAL B 127 -1.72 -40.11 8.89
CA VAL B 127 -0.95 -41.31 9.24
C VAL B 127 0.23 -41.49 8.30
N THR B 128 0.12 -40.99 7.06
CA THR B 128 1.19 -41.18 6.09
C THR B 128 2.44 -40.42 6.50
N SER B 129 2.30 -39.19 7.00
CA SER B 129 3.46 -38.44 7.45
C SER B 129 4.08 -39.07 8.70
N ILE B 130 3.25 -39.54 9.62
CA ILE B 130 3.75 -40.20 10.82
C ILE B 130 4.57 -41.43 10.47
N ILE B 131 4.08 -42.23 9.52
CA ILE B 131 4.80 -43.44 9.14
C ILE B 131 6.05 -43.09 8.33
N ALA B 132 5.96 -42.07 7.46
CA ALA B 132 7.09 -41.76 6.58
C ALA B 132 8.24 -41.11 7.32
N GLU B 133 7.95 -40.38 8.40
CA GLU B 133 9.03 -39.69 9.11
C GLU B 133 9.91 -40.66 9.89
N SER B 134 9.40 -41.83 10.25
CA SER B 134 10.11 -42.79 11.08
C SER B 134 10.77 -43.92 10.30
N LEU B 135 10.80 -43.84 8.96
CA LEU B 135 11.34 -44.93 8.16
C LEU B 135 12.82 -45.13 8.41
N GLN B 136 13.55 -44.07 8.79
CA GLN B 136 14.98 -44.18 9.01
C GLN B 136 15.32 -45.11 10.17
N GLY B 137 14.42 -45.27 11.13
CA GLY B 137 14.68 -46.13 12.27
C GLY B 137 14.62 -47.62 11.96
N TRP B 138 14.01 -47.99 10.84
CA TRP B 138 13.94 -49.39 10.43
C TRP B 138 14.51 -49.62 9.04
N ASN B 139 15.01 -48.58 8.38
CA ASN B 139 15.60 -48.63 7.04
C ASN B 139 14.59 -49.05 5.97
N LEU B 140 13.31 -48.91 6.24
CA LEU B 140 12.28 -49.23 5.25
C LEU B 140 12.09 -48.08 4.28
N VAL B 141 11.95 -48.41 3.00
CA VAL B 141 11.70 -47.44 1.95
C VAL B 141 10.22 -47.49 1.60
N GLN B 142 9.51 -46.40 1.87
CA GLN B 142 8.09 -46.33 1.56
C GLN B 142 7.87 -45.71 0.19
N LEU B 143 6.86 -46.22 -0.51
CA LEU B 143 6.46 -45.71 -1.81
C LEU B 143 4.95 -45.50 -1.79
N SER B 144 4.52 -44.25 -1.76
CA SER B 144 3.10 -43.94 -1.71
C SER B 144 2.55 -43.72 -3.11
N PHE B 145 1.23 -43.86 -3.22
CA PHE B 145 0.53 -43.64 -4.48
C PHE B 145 -0.66 -42.70 -4.34
N ALA B 146 -0.95 -42.22 -3.14
CA ALA B 146 -2.08 -41.31 -2.95
C ALA B 146 -1.77 -40.11 -2.08
N ALA B 147 -0.57 -40.00 -1.52
CA ALA B 147 -0.19 -38.84 -0.72
C ALA B 147 0.27 -37.72 -1.64
N THR B 148 -0.41 -36.58 -1.58
CA THR B 148 -0.12 -35.46 -2.47
C THR B 148 0.28 -34.19 -1.74
N THR B 149 0.31 -34.19 -0.42
CA THR B 149 0.70 -33.00 0.31
C THR B 149 2.16 -32.66 0.01
N PRO B 150 2.47 -31.38 -0.22
CA PRO B 150 3.84 -31.02 -0.62
C PRO B 150 4.86 -31.09 0.52
N VAL B 151 4.42 -31.19 1.77
CA VAL B 151 5.36 -31.24 2.88
C VAL B 151 6.25 -32.48 2.79
N LEU B 152 5.74 -33.56 2.21
CA LEU B 152 6.52 -34.77 2.03
C LEU B 152 7.58 -34.65 0.94
N ALA B 153 7.73 -33.46 0.35
CA ALA B 153 8.68 -33.29 -0.75
C ALA B 153 10.11 -33.06 -0.28
N ASP B 154 10.31 -32.58 0.95
CA ASP B 154 11.66 -32.31 1.42
C ASP B 154 12.29 -33.57 2.00
N LYS B 155 13.58 -33.76 1.72
CA LYS B 155 14.27 -35.00 2.05
C LYS B 155 15.27 -34.82 3.19
N LYS B 156 15.09 -33.78 4.00
CA LYS B 156 15.76 -33.71 5.29
C LYS B 156 14.87 -34.28 6.39
N LYS B 157 13.56 -34.16 6.20
CA LYS B 157 12.58 -34.71 7.13
C LYS B 157 12.04 -36.07 6.70
N TYR B 158 12.07 -36.38 5.40
CA TYR B 158 11.55 -37.64 4.88
C TYR B 158 12.52 -38.20 3.84
N PRO B 159 13.71 -38.61 4.27
CA PRO B 159 14.73 -39.03 3.29
C PRO B 159 14.44 -40.36 2.62
N TYR B 160 13.59 -41.20 3.20
CA TYR B 160 13.32 -42.52 2.65
C TYR B 160 11.96 -42.62 1.96
N PHE B 161 11.25 -41.51 1.80
CA PHE B 161 9.91 -41.51 1.24
C PHE B 161 9.97 -41.30 -0.27
N PHE B 162 9.17 -42.07 -1.01
CA PHE B 162 9.01 -41.91 -2.43
C PHE B 162 7.53 -41.81 -2.76
N ARG B 163 7.23 -41.19 -3.90
CA ARG B 163 5.86 -40.86 -4.24
C ARG B 163 5.67 -40.99 -5.74
N THR B 164 4.67 -41.78 -6.15
CA THR B 164 4.41 -42.02 -7.56
C THR B 164 3.39 -41.06 -8.15
N VAL B 165 2.61 -40.38 -7.31
CA VAL B 165 1.59 -39.45 -7.76
C VAL B 165 2.18 -38.04 -7.72
N PRO B 166 1.94 -37.20 -8.72
CA PRO B 166 2.43 -35.82 -8.66
C PRO B 166 1.86 -35.07 -7.46
N SER B 167 2.73 -34.36 -6.77
CA SER B 167 2.34 -33.67 -5.55
C SER B 167 1.55 -32.41 -5.86
N ASP B 168 1.12 -31.72 -4.81
CA ASP B 168 0.35 -30.50 -4.96
C ASP B 168 1.19 -29.33 -5.49
N ASN B 169 2.48 -29.29 -5.17
CA ASN B 169 3.35 -28.22 -5.63
C ASN B 169 3.99 -28.52 -6.97
N ALA B 170 3.61 -29.62 -7.62
CA ALA B 170 4.06 -29.92 -8.97
C ALA B 170 3.26 -29.19 -10.04
N VAL B 171 2.23 -28.43 -9.66
CA VAL B 171 1.44 -27.69 -10.64
C VAL B 171 2.04 -26.32 -10.95
N ASN B 172 2.99 -25.86 -10.16
CA ASN B 172 3.58 -24.54 -10.39
C ASN B 172 4.35 -24.46 -11.70
N PRO B 173 5.19 -25.43 -12.08
CA PRO B 173 5.80 -25.38 -13.42
C PRO B 173 4.78 -25.40 -14.54
N ALA B 174 3.62 -26.01 -14.34
CA ALA B 174 2.58 -25.97 -15.36
C ALA B 174 1.92 -24.61 -15.42
N ILE B 175 1.68 -23.98 -14.27
CA ILE B 175 1.11 -22.64 -14.25
C ILE B 175 2.07 -21.65 -14.89
N LEU B 176 3.38 -21.85 -14.70
CA LEU B 176 4.34 -20.96 -15.34
C LEU B 176 4.25 -21.03 -16.85
N LYS B 177 4.17 -22.24 -17.40
CA LYS B 177 4.05 -22.39 -18.86
C LYS B 177 2.70 -21.91 -19.37
N LEU B 178 1.66 -22.00 -18.55
CA LEU B 178 0.38 -21.41 -18.94
C LEU B 178 0.45 -19.89 -18.96
N LEU B 179 1.19 -19.29 -18.03
CA LEU B 179 1.32 -17.83 -18.01
C LEU B 179 2.17 -17.34 -19.17
N LYS B 180 3.25 -18.06 -19.50
CA LYS B 180 4.08 -17.68 -20.62
C LYS B 180 3.40 -17.87 -21.97
N HIS B 181 2.34 -18.69 -22.02
CA HIS B 181 1.62 -18.92 -23.26
C HIS B 181 0.63 -17.82 -23.59
N TYR B 182 0.29 -16.98 -22.62
CA TYR B 182 -0.65 -15.88 -22.84
C TYR B 182 -0.08 -14.52 -22.46
N GLN B 183 1.23 -14.42 -22.21
CA GLN B 183 1.92 -13.18 -21.91
C GLN B 183 1.45 -12.52 -20.62
N TRP B 184 0.91 -13.30 -19.68
CA TRP B 184 0.50 -12.79 -18.38
C TRP B 184 1.74 -12.68 -17.51
N LYS B 185 2.34 -11.49 -17.49
CA LYS B 185 3.59 -11.27 -16.76
C LYS B 185 3.38 -10.66 -15.38
N ARG B 186 2.14 -10.48 -14.95
CA ARG B 186 1.86 -9.90 -13.63
C ARG B 186 0.63 -10.57 -13.05
N VAL B 187 0.78 -11.20 -11.88
CA VAL B 187 -0.29 -11.97 -11.26
C VAL B 187 -0.33 -11.70 -9.77
N GLY B 188 -1.53 -11.82 -9.20
CA GLY B 188 -1.73 -11.81 -7.76
C GLY B 188 -2.09 -13.20 -7.25
N THR B 189 -2.01 -13.36 -5.93
CA THR B 189 -2.25 -14.65 -5.29
C THR B 189 -3.21 -14.49 -4.12
N LEU B 190 -3.99 -15.55 -3.87
CA LEU B 190 -4.92 -15.62 -2.75
C LEU B 190 -4.76 -17.00 -2.09
N THR B 191 -4.06 -17.04 -0.97
CA THR B 191 -3.69 -18.28 -0.31
C THR B 191 -4.41 -18.40 1.02
N GLN B 192 -4.96 -19.58 1.30
CA GLN B 192 -5.50 -19.89 2.61
C GLN B 192 -4.38 -20.34 3.54
N ASP B 193 -4.36 -19.78 4.75
CA ASP B 193 -3.22 -19.97 5.66
C ASP B 193 -3.34 -21.33 6.36
N VAL B 194 -2.94 -22.38 5.63
CA VAL B 194 -2.73 -23.71 6.20
C VAL B 194 -1.45 -24.25 5.59
N GLN B 195 -0.98 -25.37 6.14
CA GLN B 195 0.34 -25.89 5.77
C GLN B 195 0.45 -26.17 4.27
N ARG B 196 -0.49 -26.93 3.72
CA ARG B 196 -0.36 -27.37 2.33
C ARG B 196 -0.41 -26.20 1.36
N PHE B 197 -1.37 -25.28 1.53
CA PHE B 197 -1.51 -24.17 0.61
C PHE B 197 -0.40 -23.15 0.78
N SER B 198 0.03 -22.90 2.01
CA SER B 198 1.15 -21.99 2.21
C SER B 198 2.44 -22.57 1.62
N GLU B 199 2.63 -23.88 1.69
CA GLU B 199 3.79 -24.49 1.05
C GLU B 199 3.72 -24.44 -0.47
N VAL B 200 2.52 -24.61 -1.04
CA VAL B 200 2.38 -24.45 -2.48
C VAL B 200 2.73 -23.02 -2.90
N ARG B 201 2.26 -22.03 -2.11
CA ARG B 201 2.56 -20.64 -2.42
C ARG B 201 4.04 -20.33 -2.29
N ASN B 202 4.68 -20.84 -1.23
CA ASN B 202 6.10 -20.60 -1.03
C ASN B 202 6.95 -21.28 -2.10
N ASP B 203 6.47 -22.40 -2.65
CA ASP B 203 7.16 -23.00 -3.78
C ASP B 203 6.94 -22.19 -5.06
N LEU B 204 5.72 -21.68 -5.24
CA LEU B 204 5.45 -20.84 -6.40
C LEU B 204 6.32 -19.60 -6.43
N THR B 205 6.62 -19.03 -5.25
CA THR B 205 7.50 -17.87 -5.21
C THR B 205 8.88 -18.20 -5.77
N GLY B 206 9.38 -19.40 -5.48
CA GLY B 206 10.68 -19.80 -5.99
C GLY B 206 10.67 -20.34 -7.41
N VAL B 207 9.50 -20.74 -7.90
CA VAL B 207 9.41 -21.20 -9.28
C VAL B 207 9.47 -20.04 -10.25
N LEU B 208 8.77 -18.94 -9.95
CA LEU B 208 8.76 -17.78 -10.83
C LEU B 208 10.02 -16.94 -10.72
N TYR B 209 10.91 -17.25 -9.79
CA TYR B 209 12.13 -16.49 -9.63
C TYR B 209 13.06 -16.76 -10.82
N GLY B 210 13.60 -15.69 -11.40
CA GLY B 210 14.41 -15.78 -12.59
C GLY B 210 13.64 -15.51 -13.88
N GLU B 211 12.32 -15.58 -13.83
CA GLU B 211 11.48 -15.28 -14.98
C GLU B 211 10.95 -13.86 -14.89
N ASP B 212 10.35 -13.41 -15.99
CA ASP B 212 9.86 -12.04 -16.08
C ASP B 212 8.55 -11.81 -15.33
N ILE B 213 7.93 -12.87 -14.81
CA ILE B 213 6.62 -12.75 -14.19
C ILE B 213 6.75 -12.09 -12.82
N GLU B 214 5.78 -11.24 -12.48
CA GLU B 214 5.80 -10.42 -11.28
C GLU B 214 4.58 -10.73 -10.42
N ILE B 215 4.79 -10.79 -9.11
CA ILE B 215 3.70 -10.91 -8.15
C ILE B 215 3.33 -9.51 -7.68
N SER B 216 2.10 -9.09 -7.96
CA SER B 216 1.66 -7.77 -7.54
C SER B 216 1.47 -7.68 -6.03
N ASP B 217 0.68 -8.59 -5.48
CA ASP B 217 0.37 -8.56 -4.06
C ASP B 217 0.00 -9.96 -3.60
N THR B 218 0.55 -10.36 -2.46
CA THR B 218 0.24 -11.65 -1.87
C THR B 218 -0.81 -11.45 -0.78
N GLU B 219 -1.86 -12.25 -0.81
CA GLU B 219 -2.97 -12.10 0.10
C GLU B 219 -3.25 -13.42 0.81
N SER B 220 -3.73 -13.34 2.05
CA SER B 220 -3.97 -14.53 2.84
C SER B 220 -5.17 -14.31 3.73
N PHE B 221 -5.85 -15.42 4.06
CA PHE B 221 -7.00 -15.39 4.95
C PHE B 221 -7.05 -16.72 5.70
N SER B 222 -7.95 -16.80 6.68
CA SER B 222 -8.16 -18.05 7.39
C SER B 222 -9.60 -18.51 7.46
N ASN B 223 -10.58 -17.63 7.69
CA ASN B 223 -11.97 -18.05 7.72
C ASN B 223 -12.83 -17.17 6.81
N ASP B 224 -12.54 -15.87 6.79
CA ASP B 224 -13.28 -14.94 5.94
C ASP B 224 -12.43 -14.59 4.73
N PRO B 225 -12.77 -15.07 3.54
CA PRO B 225 -11.86 -14.93 2.39
C PRO B 225 -11.93 -13.60 1.68
N CYS B 226 -12.93 -12.77 1.94
CA CYS B 226 -13.15 -11.58 1.14
C CYS B 226 -13.09 -10.28 1.92
N THR B 227 -12.23 -10.33 2.92
CA THR B 227 -11.79 -9.20 3.70
C THR B 227 -10.41 -8.97 3.04
N SER B 228 -10.04 -9.89 2.12
CA SER B 228 -8.81 -9.85 1.36
C SER B 228 -9.02 -9.76 -0.14
N VAL B 229 -10.20 -10.14 -0.63
CA VAL B 229 -10.49 -9.97 -2.06
C VAL B 229 -10.64 -8.50 -2.41
N LYS B 230 -11.12 -7.68 -1.47
CA LYS B 230 -11.19 -6.25 -1.70
C LYS B 230 -9.81 -5.64 -1.94
N LYS B 231 -8.76 -6.20 -1.36
CA LYS B 231 -7.41 -5.71 -1.63
C LYS B 231 -6.93 -6.10 -3.01
N LEU B 232 -7.32 -7.29 -3.49
CA LEU B 232 -7.03 -7.66 -4.87
C LEU B 232 -7.79 -6.80 -5.86
N LYS B 233 -8.99 -6.34 -5.48
CA LYS B 233 -9.72 -5.40 -6.33
C LYS B 233 -9.11 -4.01 -6.27
N GLY B 234 -8.57 -3.61 -5.11
CA GLY B 234 -7.97 -2.29 -4.99
C GLY B 234 -6.65 -2.19 -5.72
N ASN B 235 -5.83 -3.24 -5.67
CA ASN B 235 -4.61 -3.25 -6.46
C ASN B 235 -4.87 -3.56 -7.92
N ASP B 236 -6.08 -3.99 -8.26
CA ASP B 236 -6.53 -4.19 -9.65
C ASP B 236 -5.69 -5.26 -10.35
N VAL B 237 -5.56 -6.42 -9.70
CA VAL B 237 -4.94 -7.57 -10.35
C VAL B 237 -5.96 -8.24 -11.25
N ARG B 238 -5.52 -8.67 -12.43
CA ARG B 238 -6.40 -9.31 -13.40
C ARG B 238 -6.27 -10.83 -13.42
N ILE B 239 -5.13 -11.37 -13.01
CA ILE B 239 -4.89 -12.80 -12.95
C ILE B 239 -4.67 -13.17 -11.49
N ILE B 240 -5.50 -14.07 -10.98
CA ILE B 240 -5.47 -14.45 -9.56
C ILE B 240 -5.20 -15.94 -9.48
N LEU B 241 -4.13 -16.30 -8.77
CA LEU B 241 -3.81 -17.69 -8.48
C LEU B 241 -4.31 -18.02 -7.08
N GLY B 242 -5.29 -18.92 -6.99
CA GLY B 242 -5.87 -19.27 -5.72
C GLY B 242 -5.33 -20.59 -5.19
N GLN B 243 -5.11 -20.65 -3.87
CA GLN B 243 -4.73 -21.88 -3.18
C GLN B 243 -5.59 -21.99 -1.92
N PHE B 244 -6.75 -22.62 -2.07
CA PHE B 244 -7.68 -22.78 -0.95
C PHE B 244 -8.47 -24.07 -1.12
N ASP B 245 -9.13 -24.48 -0.05
CA ASP B 245 -9.85 -25.74 -0.03
C ASP B 245 -11.18 -25.64 -0.76
N GLN B 246 -11.99 -26.68 -0.63
CA GLN B 246 -13.21 -26.78 -1.43
C GLN B 246 -14.32 -25.88 -0.89
N ASN B 247 -14.53 -25.88 0.43
CA ASN B 247 -15.64 -25.10 0.98
C ASN B 247 -15.30 -23.62 1.15
N MET B 248 -14.03 -23.24 1.03
CA MET B 248 -13.68 -21.83 0.95
C MET B 248 -13.86 -21.27 -0.45
N ALA B 249 -13.83 -22.11 -1.48
CA ALA B 249 -13.96 -21.63 -2.84
C ALA B 249 -15.33 -21.03 -3.09
N ALA B 250 -16.38 -21.61 -2.52
CA ALA B 250 -17.72 -21.04 -2.69
C ALA B 250 -17.81 -19.65 -2.11
N LYS B 251 -17.22 -19.42 -0.93
CA LYS B 251 -17.22 -18.08 -0.35
C LYS B 251 -16.34 -17.12 -1.14
N VAL B 252 -15.19 -17.59 -1.63
CA VAL B 252 -14.32 -16.75 -2.45
C VAL B 252 -15.07 -16.26 -3.68
N PHE B 253 -15.80 -17.17 -4.34
CA PHE B 253 -16.48 -16.79 -5.57
C PHE B 253 -17.72 -15.93 -5.26
N CYS B 254 -18.43 -16.22 -4.17
CA CYS B 254 -19.57 -15.39 -3.83
C CYS B 254 -19.18 -13.98 -3.40
N CYS B 255 -17.96 -13.80 -2.89
CA CYS B 255 -17.48 -12.45 -2.64
C CYS B 255 -16.87 -11.79 -3.87
N ALA B 256 -16.21 -12.57 -4.73
CA ALA B 256 -15.76 -12.02 -6.01
C ALA B 256 -16.93 -11.58 -6.88
N TYR B 257 -18.11 -12.14 -6.67
CA TYR B 257 -19.30 -11.61 -7.33
C TYR B 257 -19.63 -10.21 -6.83
N GLU B 258 -19.34 -9.92 -5.56
CA GLU B 258 -19.66 -8.61 -5.01
C GLU B 258 -18.73 -7.54 -5.57
N GLU B 259 -17.42 -7.78 -5.54
CA GLU B 259 -16.47 -6.84 -6.10
C GLU B 259 -16.45 -6.85 -7.63
N ASN B 260 -17.27 -7.71 -8.25
CA ASN B 260 -17.30 -7.88 -9.70
C ASN B 260 -15.94 -8.30 -10.22
N MET B 261 -15.26 -9.18 -9.49
CA MET B 261 -13.98 -9.73 -9.92
C MET B 261 -14.20 -10.96 -10.80
N TYR B 262 -15.02 -10.79 -11.82
CA TYR B 262 -15.30 -11.83 -12.81
C TYR B 262 -15.61 -11.16 -14.14
N GLY B 263 -15.77 -11.97 -15.17
CA GLY B 263 -16.11 -11.43 -16.47
C GLY B 263 -14.96 -11.44 -17.46
N SER B 264 -15.02 -10.54 -18.45
CA SER B 264 -14.11 -10.57 -19.58
C SER B 264 -12.73 -10.02 -19.26
N LYS B 265 -12.47 -9.57 -18.03
CA LYS B 265 -11.18 -8.98 -17.70
C LYS B 265 -10.53 -9.59 -16.47
N TYR B 266 -11.06 -10.69 -15.95
CA TYR B 266 -10.50 -11.36 -14.79
C TYR B 266 -10.35 -12.85 -15.07
N GLN B 267 -9.30 -13.45 -14.52
CA GLN B 267 -9.01 -14.86 -14.74
C GLN B 267 -8.60 -15.50 -13.43
N TRP B 268 -9.25 -16.62 -13.10
CA TRP B 268 -8.98 -17.37 -11.88
C TRP B 268 -8.30 -18.69 -12.23
N ILE B 269 -7.26 -19.04 -11.49
CA ILE B 269 -6.53 -20.30 -11.66
C ILE B 269 -6.45 -20.95 -10.28
N ILE B 270 -7.39 -21.85 -10.00
CA ILE B 270 -7.48 -22.48 -8.69
C ILE B 270 -7.12 -23.96 -8.82
N PRO B 271 -6.91 -24.70 -7.73
CA PRO B 271 -6.62 -26.13 -7.85
C PRO B 271 -7.86 -26.91 -8.26
N GLY B 272 -7.66 -27.93 -9.10
CA GLY B 272 -8.74 -28.70 -9.67
C GLY B 272 -9.01 -30.04 -9.04
N TRP B 273 -8.37 -30.37 -7.92
CA TRP B 273 -8.64 -31.65 -7.28
C TRP B 273 -9.95 -31.67 -6.49
N TYR B 274 -10.76 -30.62 -6.58
CA TYR B 274 -12.03 -30.60 -5.86
C TYR B 274 -12.96 -31.70 -6.37
N GLU B 275 -13.86 -32.12 -5.50
CA GLU B 275 -14.86 -33.11 -5.85
C GLU B 275 -15.68 -32.62 -7.04
N PRO B 276 -16.13 -33.52 -7.91
CA PRO B 276 -17.02 -33.10 -9.01
C PRO B 276 -18.35 -32.60 -8.45
N SER B 277 -18.83 -31.51 -9.03
CA SER B 277 -20.07 -30.86 -8.61
C SER B 277 -19.92 -30.33 -7.18
N TRP B 278 -18.73 -29.85 -6.84
CA TRP B 278 -18.48 -29.31 -5.51
C TRP B 278 -19.29 -28.05 -5.23
N TRP B 279 -19.76 -27.36 -6.26
CA TRP B 279 -20.48 -26.12 -6.07
C TRP B 279 -21.95 -26.33 -5.74
N GLU B 280 -22.47 -27.53 -5.92
CA GLU B 280 -23.85 -27.83 -5.56
C GLU B 280 -24.01 -28.15 -4.08
N GLN B 281 -22.92 -28.42 -3.38
CA GLN B 281 -22.95 -28.86 -1.99
C GLN B 281 -22.97 -27.68 -1.01
N VAL B 282 -22.78 -26.45 -1.49
CA VAL B 282 -22.79 -25.28 -0.61
C VAL B 282 -24.25 -24.88 -0.38
N HIS B 283 -24.72 -25.09 0.84
CA HIS B 283 -26.10 -24.75 1.20
C HIS B 283 -26.15 -23.88 2.45
N ARG B 290 -26.85 -18.73 2.11
CA ARG B 290 -27.34 -17.35 2.05
C ARG B 290 -27.07 -16.76 0.67
N CYS B 291 -26.06 -17.31 -0.01
CA CYS B 291 -25.65 -16.82 -1.31
C CYS B 291 -26.36 -17.59 -2.42
N LEU B 292 -26.86 -16.85 -3.41
CA LEU B 292 -27.58 -17.47 -4.50
C LEU B 292 -26.64 -18.31 -5.36
N ARG B 293 -27.18 -19.39 -5.92
CA ARG B 293 -26.35 -20.29 -6.72
C ARG B 293 -26.16 -19.76 -8.13
N LYS B 294 -27.14 -19.03 -8.66
CA LYS B 294 -26.99 -18.47 -10.01
C LYS B 294 -25.88 -17.45 -10.06
N ASN B 295 -25.75 -16.61 -9.03
CA ASN B 295 -24.66 -15.65 -8.98
C ASN B 295 -23.32 -16.35 -8.77
N LEU B 296 -23.31 -17.44 -8.02
CA LEU B 296 -22.09 -18.23 -7.87
C LEU B 296 -21.64 -18.80 -9.21
N LEU B 297 -22.57 -19.38 -9.98
CA LEU B 297 -22.23 -19.94 -11.27
C LEU B 297 -21.80 -18.84 -12.25
N ALA B 298 -22.42 -17.66 -12.16
CA ALA B 298 -22.01 -16.57 -13.03
C ALA B 298 -20.64 -16.03 -12.65
N ALA B 299 -20.27 -16.12 -11.38
CA ALA B 299 -18.98 -15.61 -10.95
C ALA B 299 -17.85 -16.60 -11.17
N MET B 300 -18.14 -17.90 -11.15
CA MET B 300 -17.09 -18.90 -11.27
C MET B 300 -16.86 -19.35 -12.70
N GLU B 301 -17.77 -19.04 -13.62
CA GLU B 301 -17.65 -19.51 -15.00
C GLU B 301 -16.36 -19.01 -15.63
N GLY B 302 -15.50 -19.96 -16.02
CA GLY B 302 -14.27 -19.65 -16.72
C GLY B 302 -12.99 -19.92 -15.96
N TYR B 303 -13.07 -20.41 -14.72
CA TYR B 303 -11.85 -20.67 -13.97
C TYR B 303 -11.14 -21.89 -14.51
N ILE B 304 -9.81 -21.90 -14.39
CA ILE B 304 -8.96 -22.97 -14.89
C ILE B 304 -8.40 -23.72 -13.69
N GLY B 305 -8.92 -24.93 -13.46
CA GLY B 305 -8.34 -25.79 -12.44
C GLY B 305 -7.17 -26.59 -13.00
N VAL B 306 -6.21 -26.87 -12.14
CA VAL B 306 -4.98 -27.55 -12.50
C VAL B 306 -4.82 -28.77 -11.61
N ASP B 307 -4.70 -29.95 -12.20
CA ASP B 307 -4.60 -31.17 -11.40
C ASP B 307 -3.94 -32.27 -12.22
N PHE B 308 -3.41 -33.27 -11.52
CA PHE B 308 -2.66 -34.32 -12.20
C PHE B 308 -3.56 -35.14 -13.11
N GLU B 309 -2.95 -35.76 -14.14
CA GLU B 309 -3.68 -36.52 -15.13
C GLU B 309 -3.71 -38.00 -14.72
N PRO B 310 -4.88 -38.63 -14.65
CA PRO B 310 -4.94 -40.03 -14.20
C PRO B 310 -4.14 -41.00 -15.06
N LEU B 311 -4.43 -41.08 -16.36
CA LEU B 311 -3.79 -42.04 -17.25
C LEU B 311 -3.25 -41.32 -18.47
N SER B 312 -2.24 -41.92 -19.09
CA SER B 312 -1.64 -41.37 -20.30
C SER B 312 -2.53 -41.60 -21.51
N SER B 313 -2.52 -40.65 -22.43
CA SER B 313 -3.26 -40.76 -23.67
C SER B 313 -2.43 -41.32 -24.81
N LYS B 314 -1.15 -41.58 -24.59
CA LYS B 314 -0.30 -42.14 -25.63
C LYS B 314 -0.59 -43.62 -25.82
N GLN B 315 -0.47 -44.09 -27.05
CA GLN B 315 -0.82 -45.46 -27.41
C GLN B 315 0.40 -46.36 -27.55
N ILE B 316 1.57 -45.93 -27.11
CA ILE B 316 2.74 -46.80 -27.15
C ILE B 316 2.65 -47.83 -26.03
N LYS B 317 3.35 -48.95 -26.21
CA LYS B 317 3.29 -50.04 -25.26
C LYS B 317 4.07 -49.71 -23.99
N THR B 318 3.48 -50.06 -22.85
CA THR B 318 4.11 -49.81 -21.56
C THR B 318 5.10 -50.93 -21.24
N ILE B 319 5.62 -50.90 -20.00
CA ILE B 319 6.57 -51.91 -19.57
C ILE B 319 5.92 -53.29 -19.49
N SER B 320 4.62 -53.36 -19.29
CA SER B 320 3.90 -54.62 -19.21
C SER B 320 3.47 -55.15 -20.57
N GLY B 321 3.77 -54.43 -21.65
CA GLY B 321 3.36 -54.84 -22.98
C GLY B 321 1.98 -54.40 -23.40
N LYS B 322 1.19 -53.83 -22.48
CA LYS B 322 -0.15 -53.36 -22.80
C LYS B 322 -0.17 -51.84 -22.88
N THR B 323 -1.08 -51.32 -23.70
CA THR B 323 -1.26 -49.89 -23.81
C THR B 323 -2.18 -49.39 -22.69
N PRO B 324 -2.10 -48.10 -22.34
CA PRO B 324 -2.96 -47.58 -21.27
C PRO B 324 -4.44 -47.85 -21.44
N GLN B 325 -4.95 -47.85 -22.67
CA GLN B 325 -6.37 -48.12 -22.88
C GLN B 325 -6.69 -49.59 -22.64
N GLN B 326 -5.79 -50.50 -23.03
CA GLN B 326 -6.00 -51.90 -22.72
C GLN B 326 -5.97 -52.16 -21.23
N TYR B 327 -5.06 -51.50 -20.50
CA TYR B 327 -5.04 -51.63 -19.05
C TYR B 327 -6.31 -51.05 -18.44
N GLU B 328 -6.82 -49.95 -18.99
CA GLU B 328 -8.04 -49.36 -18.47
C GLU B 328 -9.22 -50.30 -18.66
N ARG B 329 -9.31 -50.95 -19.82
CA ARG B 329 -10.38 -51.91 -20.04
C ARG B 329 -10.23 -53.12 -19.12
N GLU B 330 -8.99 -53.60 -18.94
CA GLU B 330 -8.75 -54.72 -18.03
C GLU B 330 -9.15 -54.36 -16.60
N TYR B 331 -8.89 -53.12 -16.19
CA TYR B 331 -9.28 -52.69 -14.85
C TYR B 331 -10.79 -52.57 -14.73
N ASN B 332 -11.45 -51.99 -15.74
CA ASN B 332 -12.89 -51.82 -15.68
C ASN B 332 -13.65 -53.13 -15.80
N ASN B 333 -13.03 -54.19 -16.31
CA ASN B 333 -13.65 -55.50 -16.26
C ASN B 333 -13.09 -56.39 -15.15
N LYS B 334 -12.08 -55.92 -14.42
CA LYS B 334 -11.57 -56.65 -13.27
C LYS B 334 -12.45 -56.44 -12.04
N ARG B 335 -12.77 -55.19 -11.73
CA ARG B 335 -13.65 -54.86 -10.62
C ARG B 335 -15.10 -54.89 -11.10
N SER B 336 -15.97 -55.52 -10.30
CA SER B 336 -17.34 -55.74 -10.73
C SER B 336 -18.18 -54.48 -10.62
N GLY B 337 -18.35 -53.97 -9.40
CA GLY B 337 -19.17 -52.79 -9.19
C GLY B 337 -18.55 -51.82 -8.20
N VAL B 338 -17.31 -52.07 -7.82
CA VAL B 338 -16.62 -51.20 -6.87
C VAL B 338 -16.34 -49.85 -7.54
N GLY B 339 -16.45 -48.79 -6.76
CA GLY B 339 -16.24 -47.44 -7.25
C GLY B 339 -14.84 -47.24 -7.78
N PRO B 340 -14.73 -46.69 -8.99
CA PRO B 340 -13.41 -46.50 -9.62
C PRO B 340 -12.66 -45.35 -8.96
N SER B 341 -11.48 -45.64 -8.43
CA SER B 341 -10.63 -44.62 -7.84
C SER B 341 -9.65 -44.11 -8.88
N LYS B 342 -9.37 -42.81 -8.82
CA LYS B 342 -8.46 -42.18 -9.78
C LYS B 342 -6.99 -42.50 -9.52
N PHE B 343 -6.68 -43.30 -8.50
CA PHE B 343 -5.31 -43.63 -8.17
C PHE B 343 -4.90 -45.03 -8.63
N HIS B 344 -5.72 -45.69 -9.46
CA HIS B 344 -5.44 -47.09 -9.78
C HIS B 344 -4.21 -47.23 -10.67
N GLY B 345 -4.07 -46.36 -11.67
CA GLY B 345 -2.89 -46.40 -12.52
C GLY B 345 -1.61 -46.13 -11.75
N TYR B 346 -1.68 -45.24 -10.76
CA TYR B 346 -0.50 -44.95 -9.94
C TYR B 346 -0.14 -46.11 -9.03
N ALA B 347 -1.11 -46.90 -8.56
CA ALA B 347 -0.80 -48.11 -7.81
C ALA B 347 -0.21 -49.20 -8.69
N TYR B 348 -0.74 -49.34 -9.91
CA TYR B 348 -0.14 -50.26 -10.88
C TYR B 348 1.32 -49.92 -11.14
N ASP B 349 1.59 -48.65 -11.44
CA ASP B 349 2.97 -48.22 -11.69
C ASP B 349 3.82 -48.33 -10.44
N GLY B 350 3.24 -48.15 -9.26
CA GLY B 350 4.01 -48.31 -8.03
C GLY B 350 4.43 -49.74 -7.81
N ILE B 351 3.54 -50.69 -8.09
CA ILE B 351 3.93 -52.10 -7.99
C ILE B 351 5.01 -52.45 -9.01
N TRP B 352 4.89 -51.93 -10.24
CA TRP B 352 5.95 -52.21 -11.21
C TRP B 352 7.28 -51.56 -10.79
N VAL B 353 7.22 -50.38 -10.18
CA VAL B 353 8.43 -49.74 -9.68
C VAL B 353 9.07 -50.59 -8.58
N ILE B 354 8.26 -51.11 -7.68
CA ILE B 354 8.78 -51.96 -6.61
C ILE B 354 9.43 -53.21 -7.19
N ALA B 355 8.78 -53.82 -8.19
CA ALA B 355 9.34 -55.02 -8.78
C ALA B 355 10.68 -54.75 -9.46
N LYS B 356 10.77 -53.68 -10.26
CA LYS B 356 12.03 -53.35 -10.91
C LYS B 356 13.11 -52.94 -9.93
N THR B 357 12.74 -52.23 -8.85
CA THR B 357 13.71 -51.83 -7.84
C THR B 357 14.27 -53.04 -7.10
N LEU B 358 13.40 -53.99 -6.75
CA LEU B 358 13.89 -55.20 -6.10
C LEU B 358 14.74 -56.04 -7.03
N GLN B 359 14.38 -56.09 -8.32
CA GLN B 359 15.23 -56.79 -9.28
C GLN B 359 16.62 -56.19 -9.34
N ARG B 360 16.70 -54.86 -9.49
CA ARG B 360 18.01 -54.22 -9.59
C ARG B 360 18.78 -54.30 -8.28
N ALA B 361 18.08 -54.29 -7.15
CA ALA B 361 18.75 -54.38 -5.86
C ALA B 361 19.29 -55.78 -5.60
N MET B 362 18.57 -56.82 -6.02
CA MET B 362 19.07 -58.17 -5.83
C MET B 362 20.13 -58.55 -6.86
N GLU B 363 20.14 -57.91 -8.04
CA GLU B 363 21.25 -58.14 -8.95
C GLU B 363 22.46 -57.30 -8.58
N THR B 364 22.28 -56.23 -7.80
CA THR B 364 23.43 -55.47 -7.30
C THR B 364 24.27 -56.29 -6.33
N LEU B 365 23.63 -57.10 -5.48
CA LEU B 365 24.34 -57.95 -4.54
C LEU B 365 25.12 -59.05 -5.26
N ILE B 374 23.17 -61.35 4.68
CA ILE B 374 22.68 -60.13 4.06
C ILE B 374 21.42 -60.46 3.25
N GLN B 375 21.16 -61.75 3.08
CA GLN B 375 19.98 -62.17 2.32
C GLN B 375 18.69 -61.84 3.05
N ASP B 376 18.68 -61.92 4.37
CA ASP B 376 17.53 -61.52 5.17
C ASP B 376 17.64 -60.05 5.56
N PHE B 377 16.54 -59.53 6.13
CA PHE B 377 16.44 -58.11 6.48
C PHE B 377 15.80 -58.00 7.86
N ASN B 378 16.64 -57.86 8.89
CA ASN B 378 16.18 -57.81 10.27
C ASN B 378 15.91 -56.37 10.72
N TYR B 379 15.58 -55.48 9.80
CA TYR B 379 15.29 -54.06 10.03
C TYR B 379 16.50 -53.29 10.56
N THR B 380 17.65 -53.94 10.75
CA THR B 380 18.85 -53.26 11.20
C THR B 380 19.89 -53.10 10.10
N ASP B 381 19.74 -53.82 8.99
CA ASP B 381 20.71 -53.77 7.90
C ASP B 381 20.59 -52.42 7.19
N HIS B 382 21.51 -51.50 7.51
CA HIS B 382 21.54 -50.20 6.87
C HIS B 382 22.02 -50.27 5.43
N THR B 383 22.95 -51.18 5.13
CA THR B 383 23.48 -51.30 3.77
C THR B 383 22.40 -51.74 2.80
N LEU B 384 21.56 -52.68 3.20
CA LEU B 384 20.49 -53.14 2.32
C LEU B 384 19.46 -52.04 2.08
N GLY B 385 19.12 -51.28 3.12
CA GLY B 385 18.23 -50.17 2.95
C GLY B 385 18.79 -49.11 2.02
N ARG B 386 20.08 -48.82 2.14
CA ARG B 386 20.72 -47.86 1.24
C ARG B 386 20.78 -48.37 -0.20
N ILE B 387 21.01 -49.68 -0.38
CA ILE B 387 21.01 -50.25 -1.72
C ILE B 387 19.63 -50.15 -2.35
N ILE B 388 18.59 -50.46 -1.57
CA ILE B 388 17.23 -50.35 -2.08
C ILE B 388 16.88 -48.91 -2.41
N LEU B 389 17.33 -47.96 -1.59
CA LEU B 389 17.09 -46.55 -1.86
C LEU B 389 17.76 -46.12 -3.17
N ASN B 390 19.03 -46.49 -3.34
CA ASN B 390 19.75 -46.08 -4.54
C ASN B 390 19.19 -46.76 -5.79
N ALA B 391 18.69 -47.98 -5.65
CA ALA B 391 18.06 -48.64 -6.79
C ALA B 391 16.70 -48.03 -7.10
N MET B 392 16.00 -47.52 -6.09
CA MET B 392 14.73 -46.84 -6.34
C MET B 392 14.95 -45.49 -7.01
N ASN B 393 16.06 -44.84 -6.71
CA ASN B 393 16.32 -43.54 -7.30
C ASN B 393 16.45 -43.59 -8.82
N GLU B 394 16.89 -44.74 -9.33
CA GLU B 394 17.19 -44.87 -10.75
C GLU B 394 16.03 -45.44 -11.56
N THR B 395 14.80 -45.31 -11.08
CA THR B 395 13.65 -45.84 -11.79
C THR B 395 13.35 -44.98 -13.01
N ASN B 396 13.26 -45.61 -14.18
CA ASN B 396 12.99 -44.88 -15.42
C ASN B 396 12.34 -45.84 -16.40
N PHE B 397 11.02 -45.74 -16.56
CA PHE B 397 10.34 -46.60 -17.53
C PHE B 397 8.96 -46.05 -17.84
N PHE B 398 8.43 -46.42 -18.99
CA PHE B 398 7.11 -45.97 -19.42
C PHE B 398 6.04 -46.91 -18.89
N GLY B 399 5.18 -46.40 -18.01
CA GLY B 399 4.03 -47.12 -17.53
C GLY B 399 2.72 -46.46 -17.96
N VAL B 400 1.63 -47.01 -17.44
CA VAL B 400 0.29 -46.59 -17.87
C VAL B 400 -0.04 -45.15 -17.52
N THR B 401 0.76 -44.50 -16.66
CA THR B 401 0.57 -43.10 -16.33
C THR B 401 1.64 -42.21 -16.96
N GLY B 402 2.34 -42.68 -17.97
CA GLY B 402 3.42 -41.93 -18.58
C GLY B 402 4.78 -42.45 -18.15
N GLN B 403 5.79 -41.63 -18.35
CA GLN B 403 7.14 -42.02 -17.99
C GLN B 403 7.34 -41.87 -16.49
N VAL B 404 7.44 -42.99 -15.78
CA VAL B 404 7.76 -43.01 -14.36
C VAL B 404 9.25 -42.76 -14.25
N VAL B 405 9.61 -41.63 -13.65
CA VAL B 405 10.97 -41.25 -13.32
C VAL B 405 10.92 -40.31 -12.13
N PHE B 406 11.85 -40.46 -11.19
CA PHE B 406 11.85 -39.68 -9.97
C PHE B 406 12.95 -38.63 -10.01
N ARG B 407 12.67 -37.47 -9.43
CA ARG B 407 13.65 -36.41 -9.24
C ARG B 407 13.61 -35.99 -7.77
N ASN B 408 14.59 -36.44 -6.99
CA ASN B 408 14.64 -36.21 -5.56
C ASN B 408 13.41 -36.81 -4.86
N GLY B 409 13.00 -38.00 -5.29
CA GLY B 409 11.91 -38.70 -4.68
C GLY B 409 10.52 -38.32 -5.16
N GLU B 410 10.39 -37.24 -5.93
CA GLU B 410 9.09 -36.79 -6.39
C GLU B 410 8.88 -37.19 -7.85
N ARG B 411 7.64 -37.53 -8.18
CA ARG B 411 7.30 -37.97 -9.52
C ARG B 411 7.31 -36.80 -10.49
N MET B 412 7.89 -37.02 -11.68
CA MET B 412 7.81 -36.07 -12.78
C MET B 412 6.73 -36.54 -13.73
N GLY B 413 5.51 -36.04 -13.53
CA GLY B 413 4.36 -36.51 -14.27
C GLY B 413 3.63 -35.38 -14.98
N THR B 414 2.56 -35.75 -15.66
CA THR B 414 1.78 -34.81 -16.46
C THR B 414 0.68 -34.18 -15.64
N ILE B 415 0.40 -32.90 -15.89
CA ILE B 415 -0.62 -32.14 -15.17
C ILE B 415 -1.58 -31.55 -16.18
N LYS B 416 -2.87 -31.86 -16.03
CA LYS B 416 -3.89 -31.37 -16.96
C LYS B 416 -4.57 -30.13 -16.41
N PHE B 417 -5.14 -29.36 -17.34
CA PHE B 417 -5.90 -28.15 -17.07
C PHE B 417 -7.36 -28.39 -17.46
N THR B 418 -8.29 -27.90 -16.64
CA THR B 418 -9.72 -28.05 -16.88
C THR B 418 -10.39 -26.70 -16.72
N GLN B 419 -10.97 -26.17 -17.80
CA GLN B 419 -11.71 -24.92 -17.72
C GLN B 419 -13.18 -25.18 -17.42
N PHE B 420 -13.80 -24.28 -16.67
CA PHE B 420 -15.19 -24.43 -16.29
C PHE B 420 -16.11 -23.77 -17.31
N GLN B 421 -16.85 -24.57 -18.06
CA GLN B 421 -17.96 -24.11 -18.87
C GLN B 421 -19.26 -24.22 -18.08
N ASP B 422 -20.37 -24.11 -18.80
CA ASP B 422 -21.72 -23.94 -18.24
C ASP B 422 -21.96 -24.69 -16.93
N SER B 423 -21.88 -26.02 -16.97
CA SER B 423 -22.05 -26.82 -15.74
C SER B 423 -21.08 -27.99 -15.70
N ARG B 424 -19.88 -27.82 -16.24
CA ARG B 424 -18.94 -28.93 -16.38
C ARG B 424 -17.53 -28.39 -16.38
N GLU B 425 -16.56 -29.31 -16.26
CA GLU B 425 -15.15 -29.00 -16.39
C GLU B 425 -14.56 -29.84 -17.50
N VAL B 426 -14.17 -29.20 -18.60
CA VAL B 426 -13.65 -29.91 -19.74
C VAL B 426 -12.13 -29.74 -19.78
N LYS B 427 -11.44 -30.76 -20.27
CA LYS B 427 -9.98 -30.71 -20.34
C LYS B 427 -9.57 -29.77 -21.47
N VAL B 428 -8.59 -28.91 -21.20
CA VAL B 428 -8.18 -27.89 -22.15
C VAL B 428 -6.69 -27.94 -22.46
N GLY B 429 -5.93 -28.82 -21.83
CA GLY B 429 -4.52 -28.92 -22.14
C GLY B 429 -3.80 -29.76 -21.11
N GLU B 430 -2.55 -30.09 -21.44
CA GLU B 430 -1.74 -30.92 -20.57
C GLU B 430 -0.30 -30.44 -20.60
N TYR B 431 0.35 -30.50 -19.45
CA TYR B 431 1.75 -30.10 -19.29
C TYR B 431 2.56 -31.35 -18.93
N ASN B 432 3.50 -31.68 -19.80
CA ASN B 432 4.42 -32.80 -19.58
C ASN B 432 5.68 -32.26 -18.92
N ALA B 433 5.99 -32.77 -17.72
CA ALA B 433 7.09 -32.25 -16.93
C ALA B 433 8.44 -32.81 -17.33
N VAL B 434 8.49 -33.99 -17.95
CA VAL B 434 9.77 -34.55 -18.35
C VAL B 434 10.31 -33.82 -19.58
N ALA B 435 9.45 -33.57 -20.56
CA ALA B 435 9.83 -32.77 -21.72
C ALA B 435 9.68 -31.28 -21.47
N ASP B 436 8.96 -30.91 -20.41
CA ASP B 436 8.77 -29.53 -20.00
C ASP B 436 8.00 -28.78 -21.08
N THR B 437 6.91 -29.37 -21.56
CA THR B 437 6.12 -28.79 -22.64
C THR B 437 4.67 -28.62 -22.21
N LEU B 438 4.00 -27.63 -22.79
CA LEU B 438 2.58 -27.39 -22.57
C LEU B 438 1.85 -27.50 -23.89
N GLU B 439 0.89 -28.42 -23.97
CA GLU B 439 0.08 -28.62 -25.17
C GLU B 439 -1.36 -28.28 -24.80
N ILE B 440 -1.81 -27.11 -25.24
CA ILE B 440 -3.20 -26.72 -25.09
C ILE B 440 -3.99 -27.27 -26.27
N ILE B 441 -4.95 -28.14 -25.99
CA ILE B 441 -5.74 -28.76 -27.05
C ILE B 441 -6.73 -27.73 -27.59
N ASN B 442 -6.93 -27.75 -28.90
CA ASN B 442 -7.62 -26.68 -29.61
C ASN B 442 -9.12 -26.75 -29.44
N ASP B 443 -9.77 -25.61 -29.65
CA ASP B 443 -11.23 -25.49 -29.83
C ASP B 443 -11.97 -25.64 -28.51
N THR B 444 -11.27 -26.05 -27.45
CA THR B 444 -11.96 -26.30 -26.19
C THR B 444 -11.81 -25.16 -25.19
N ILE B 445 -10.72 -24.41 -25.24
CA ILE B 445 -10.49 -23.31 -24.31
C ILE B 445 -11.08 -22.04 -24.90
N ARG B 446 -11.74 -21.26 -24.06
CA ARG B 446 -12.43 -20.05 -24.52
C ARG B 446 -12.40 -19.01 -23.41
N PHE B 447 -12.70 -17.76 -23.80
CA PHE B 447 -12.79 -16.66 -22.86
C PHE B 447 -14.02 -15.85 -23.19
N GLN B 448 -14.59 -15.20 -22.17
CA GLN B 448 -15.80 -14.41 -22.38
C GLN B 448 -15.54 -13.18 -23.24
N GLY B 449 -14.28 -12.77 -23.38
CA GLY B 449 -13.91 -11.72 -24.30
C GLY B 449 -13.34 -12.29 -25.58
N SER B 450 -13.17 -11.42 -26.57
CA SER B 450 -12.61 -11.86 -27.85
C SER B 450 -11.18 -12.35 -27.69
N GLU B 451 -10.38 -11.65 -26.88
CA GLU B 451 -9.01 -12.02 -26.60
C GLU B 451 -8.87 -12.52 -25.17
N PRO B 452 -7.79 -13.22 -24.84
CA PRO B 452 -7.56 -13.63 -23.46
C PRO B 452 -7.40 -12.42 -22.55
N PRO B 453 -7.94 -12.49 -21.32
CA PRO B 453 -7.84 -11.35 -20.39
C PRO B 453 -6.43 -10.82 -20.21
N LYS B 454 -6.24 -9.53 -20.49
CA LYS B 454 -4.93 -8.91 -20.35
C LYS B 454 -4.76 -8.35 -18.95
N ASP B 455 -3.56 -8.51 -18.40
CA ASP B 455 -3.20 -7.84 -17.16
C ASP B 455 -2.64 -6.46 -17.45
N LYS B 456 -2.37 -5.70 -16.39
CA LYS B 456 -1.70 -4.40 -16.53
C LYS B 456 -2.48 -3.47 -17.44
N THR B 457 -3.64 -3.01 -16.96
CA THR B 457 -4.45 -2.04 -17.70
C THR B 457 -3.57 -0.91 -18.24
N ILE B 458 -3.74 -0.60 -19.52
CA ILE B 458 -2.77 0.19 -20.25
C ILE B 458 -2.74 1.61 -19.71
N ILE B 459 -1.52 2.14 -19.53
CA ILE B 459 -1.31 3.56 -19.28
C ILE B 459 -0.66 4.17 -20.51
N LEU B 460 -1.06 5.39 -20.86
CA LEU B 460 -0.54 6.04 -22.05
C LEU B 460 -0.44 7.54 -21.80
N GLU B 461 0.57 8.16 -22.40
CA GLU B 461 0.78 9.59 -22.24
C GLU B 461 0.06 10.35 -23.35
N GLN B 462 -0.67 11.38 -22.97
CA GLN B 462 -1.33 12.25 -23.94
C GLN B 462 -1.13 13.69 -23.52
N LEU B 463 -0.90 14.57 -24.49
CA LEU B 463 -0.58 15.96 -24.20
C LEU B 463 -1.84 16.71 -23.78
N ARG B 464 -1.69 17.62 -22.82
CA ARG B 464 -2.78 18.51 -22.43
C ARG B 464 -2.81 19.66 -23.44
N LYS B 465 -3.78 19.61 -24.35
CA LYS B 465 -3.74 20.43 -25.55
C LYS B 465 -4.37 21.80 -25.31
N ILE B 466 -3.84 22.80 -25.99
CA ILE B 466 -4.46 24.12 -26.07
C ILE B 466 -5.67 24.00 -27.00
N SER B 467 -6.86 24.27 -26.47
CA SER B 467 -8.10 24.05 -27.20
C SER B 467 -8.06 24.70 -28.58
N LEU B 468 -8.37 23.90 -29.60
CA LEU B 468 -8.29 24.41 -30.97
C LEU B 468 -9.27 25.54 -31.26
N PRO B 469 -10.51 25.56 -30.75
CA PRO B 469 -11.39 26.70 -31.03
C PRO B 469 -10.91 28.01 -30.44
N LEU B 470 -10.27 28.00 -29.27
CA LEU B 470 -9.78 29.24 -28.69
C LEU B 470 -8.60 29.81 -29.48
N TYR B 471 -7.65 28.93 -29.82
CA TYR B 471 -6.57 29.35 -30.70
C TYR B 471 -7.10 29.82 -32.03
N SER B 472 -8.16 29.19 -32.54
CA SER B 472 -8.73 29.60 -33.81
C SER B 472 -9.34 31.00 -33.72
N ILE B 473 -10.11 31.27 -32.68
CA ILE B 473 -10.74 32.59 -32.54
C ILE B 473 -9.69 33.68 -32.33
N LEU B 474 -8.67 33.43 -31.51
CA LEU B 474 -7.68 34.49 -31.31
C LEU B 474 -6.73 34.64 -32.50
N SER B 475 -6.47 33.57 -33.25
CA SER B 475 -5.70 33.73 -34.48
C SER B 475 -6.52 34.42 -35.56
N ALA B 476 -7.84 34.28 -35.52
CA ALA B 476 -8.68 35.01 -36.47
C ALA B 476 -8.84 36.47 -36.07
N LEU B 477 -8.70 36.77 -34.78
CA LEU B 477 -8.73 38.16 -34.31
C LEU B 477 -7.41 38.88 -34.50
N THR B 478 -6.28 38.20 -34.33
CA THR B 478 -5.00 38.88 -34.53
C THR B 478 -4.70 39.15 -36.00
N ILE B 479 -5.29 38.39 -36.93
CA ILE B 479 -5.11 38.75 -38.34
C ILE B 479 -5.94 39.98 -38.67
N LEU B 480 -7.09 40.17 -38.01
CA LEU B 480 -7.80 41.44 -38.14
C LEU B 480 -6.97 42.59 -37.56
N GLY B 481 -6.30 42.35 -36.44
CA GLY B 481 -5.38 43.33 -35.92
C GLY B 481 -4.27 43.69 -36.90
N MET B 482 -3.70 42.69 -37.57
CA MET B 482 -2.65 42.94 -38.54
C MET B 482 -3.15 43.63 -39.79
N ILE B 483 -4.37 43.33 -40.25
CA ILE B 483 -4.86 44.01 -41.45
C ILE B 483 -5.24 45.45 -41.13
N MET B 484 -5.75 45.74 -39.93
CA MET B 484 -5.97 47.15 -39.61
C MET B 484 -4.66 47.89 -39.38
N ALA B 485 -3.65 47.23 -38.84
CA ALA B 485 -2.32 47.85 -38.79
C ALA B 485 -1.78 48.14 -40.18
N SER B 486 -1.96 47.22 -41.13
CA SER B 486 -1.52 47.47 -42.49
C SER B 486 -2.34 48.56 -43.19
N ALA B 487 -3.63 48.67 -42.87
CA ALA B 487 -4.41 49.78 -43.41
C ALA B 487 -3.94 51.12 -42.85
N PHE B 488 -3.56 51.16 -41.57
CA PHE B 488 -2.98 52.39 -41.04
C PHE B 488 -1.65 52.71 -41.68
N LEU B 489 -0.85 51.69 -41.98
CA LEU B 489 0.41 51.95 -42.68
C LEU B 489 0.15 52.48 -44.08
N PHE B 490 -0.89 51.98 -44.75
CA PHE B 490 -1.29 52.53 -46.05
C PHE B 490 -1.71 53.99 -45.92
N PHE B 491 -2.49 54.30 -44.88
CA PHE B 491 -2.90 55.68 -44.65
C PHE B 491 -1.69 56.58 -44.42
N ASN B 492 -0.73 56.11 -43.65
CA ASN B 492 0.48 56.88 -43.40
C ASN B 492 1.29 57.08 -44.66
N ILE B 493 1.36 56.07 -45.52
CA ILE B 493 2.24 56.13 -46.67
C ILE B 493 1.61 56.84 -47.87
N LYS B 494 0.27 56.90 -47.94
CA LYS B 494 -0.37 57.60 -49.05
C LYS B 494 -0.42 59.10 -48.82
N ASN B 495 -0.75 59.52 -47.60
CA ASN B 495 -0.86 60.92 -47.22
C ASN B 495 0.39 61.42 -46.50
N ARG B 496 1.56 60.95 -46.90
CA ARG B 496 2.82 61.33 -46.27
C ARG B 496 3.19 62.79 -46.51
N ASN B 497 2.52 63.50 -47.42
CA ASN B 497 2.94 64.85 -47.80
C ASN B 497 2.17 65.95 -47.08
N GLN B 498 0.98 65.67 -46.56
CA GLN B 498 0.20 66.70 -45.88
C GLN B 498 0.93 67.17 -44.63
N LYS B 499 0.68 68.42 -44.25
CA LYS B 499 1.32 68.98 -43.06
C LYS B 499 0.84 68.30 -41.79
N LEU B 500 -0.37 67.73 -41.81
CA LEU B 500 -0.88 67.01 -40.65
C LEU B 500 -0.09 65.74 -40.38
N ILE B 501 0.56 65.18 -41.39
CA ILE B 501 1.45 64.04 -41.21
C ILE B 501 2.91 64.44 -41.21
N LYS B 502 3.31 65.45 -42.00
CA LYS B 502 4.69 65.89 -42.03
C LYS B 502 5.14 66.52 -40.73
N MET B 503 4.20 67.01 -39.91
CA MET B 503 4.58 67.56 -38.62
C MET B 503 5.19 66.49 -37.71
N SER B 504 4.69 65.27 -37.80
CA SER B 504 5.31 64.13 -37.15
C SER B 504 6.28 63.46 -38.12
N SER B 505 7.21 62.69 -37.57
CA SER B 505 8.13 61.96 -38.42
C SER B 505 7.41 60.78 -39.04
N PRO B 506 7.24 60.76 -40.36
CA PRO B 506 6.50 59.66 -40.98
C PRO B 506 7.25 58.34 -41.03
N TYR B 507 8.56 58.35 -40.75
CA TYR B 507 9.30 57.09 -40.70
C TYR B 507 9.31 56.50 -39.30
N MET B 508 9.35 57.35 -38.27
CA MET B 508 9.21 56.83 -36.93
C MET B 508 7.81 56.31 -36.67
N ASN B 509 6.86 56.57 -37.56
CA ASN B 509 5.56 55.92 -37.48
C ASN B 509 5.55 54.57 -38.19
N ASN B 510 6.22 54.46 -39.35
CA ASN B 510 6.21 53.16 -40.02
C ASN B 510 7.19 52.18 -39.36
N LEU B 511 8.00 52.65 -38.41
CA LEU B 511 8.66 51.69 -37.53
C LEU B 511 7.75 51.18 -36.41
N ILE B 512 6.90 52.03 -35.83
CA ILE B 512 6.03 51.51 -34.79
C ILE B 512 4.93 50.63 -35.40
N ILE B 513 4.53 50.91 -36.64
CA ILE B 513 3.55 50.02 -37.25
C ILE B 513 4.18 48.67 -37.55
N LEU B 514 5.48 48.64 -37.86
CA LEU B 514 6.19 47.39 -38.02
C LEU B 514 6.29 46.64 -36.69
N GLY B 515 6.62 47.36 -35.62
CA GLY B 515 6.67 46.74 -34.31
C GLY B 515 5.36 46.09 -33.93
N GLY B 516 4.25 46.80 -34.10
CA GLY B 516 2.95 46.21 -33.82
C GLY B 516 2.58 45.09 -34.77
N MET B 517 2.97 45.21 -36.05
CA MET B 517 2.63 44.20 -37.04
C MET B 517 3.31 42.87 -36.73
N LEU B 518 4.55 42.91 -36.24
CA LEU B 518 5.19 41.65 -35.92
C LEU B 518 4.95 41.20 -34.48
N SER B 519 4.53 42.11 -33.59
CA SER B 519 4.17 41.67 -32.25
C SER B 519 2.74 41.13 -32.19
N TYR B 520 1.93 41.40 -33.20
CA TYR B 520 0.68 40.67 -33.35
C TYR B 520 0.91 39.23 -33.78
N ALA B 521 1.95 39.05 -34.60
CA ALA B 521 2.37 37.79 -35.19
C ALA B 521 2.82 36.80 -34.16
N SER B 522 3.27 37.32 -33.03
CA SER B 522 3.76 36.52 -31.91
C SER B 522 2.71 35.70 -31.16
N ILE B 523 1.43 35.97 -31.36
CA ILE B 523 0.38 35.24 -30.70
C ILE B 523 0.36 33.76 -31.08
N PHE B 524 0.58 33.45 -32.35
CA PHE B 524 0.55 32.06 -32.81
C PHE B 524 1.61 31.18 -32.19
N LEU B 525 2.81 31.70 -32.06
CA LEU B 525 3.93 30.94 -31.51
C LEU B 525 3.74 30.64 -30.02
N PHE B 526 2.72 31.21 -29.38
CA PHE B 526 2.38 30.84 -28.02
C PHE B 526 1.39 29.69 -27.95
N GLY B 527 0.77 29.32 -29.08
CA GLY B 527 -0.20 28.26 -29.11
C GLY B 527 0.29 26.95 -29.65
N LEU B 528 1.49 26.90 -30.22
CA LEU B 528 2.01 25.68 -30.82
C LEU B 528 2.48 24.77 -29.68
N ASP B 529 1.74 23.69 -29.42
CA ASP B 529 2.04 22.85 -28.28
C ASP B 529 2.92 21.67 -28.64
N GLY B 530 2.48 20.85 -29.60
CA GLY B 530 3.07 19.55 -29.80
C GLY B 530 2.07 18.56 -30.36
N SER B 531 0.81 18.99 -30.43
CA SER B 531 -0.17 18.27 -31.24
C SER B 531 0.13 18.38 -32.72
N PHE B 532 0.84 19.43 -33.14
CA PHE B 532 1.21 19.63 -34.53
C PHE B 532 2.55 20.35 -34.67
N VAL B 533 3.51 20.05 -33.79
CA VAL B 533 4.88 20.55 -33.91
C VAL B 533 5.81 19.55 -33.23
N SER B 534 6.93 19.24 -33.90
CA SER B 534 7.84 18.23 -33.42
C SER B 534 8.79 18.79 -32.36
N GLU B 535 9.77 17.98 -31.99
CA GLU B 535 10.74 18.35 -30.94
C GLU B 535 11.55 19.58 -31.31
N LYS B 536 12.33 19.48 -32.39
CA LYS B 536 13.33 20.50 -32.68
C LYS B 536 12.72 21.80 -33.21
N THR B 537 11.69 21.70 -34.04
CA THR B 537 11.03 22.90 -34.55
C THR B 537 10.21 23.60 -33.48
N PHE B 538 9.90 22.91 -32.38
CA PHE B 538 9.34 23.59 -31.21
C PHE B 538 10.45 24.23 -30.39
N GLU B 539 11.57 23.52 -30.20
CA GLU B 539 12.65 24.04 -29.40
C GLU B 539 13.23 25.33 -29.98
N THR B 540 13.39 25.39 -31.31
CA THR B 540 13.91 26.61 -31.92
C THR B 540 12.85 27.69 -32.09
N LEU B 541 11.59 27.31 -32.29
CA LEU B 541 10.52 28.28 -32.34
C LEU B 541 10.31 28.97 -31.00
N CYS B 542 10.69 28.30 -29.91
CA CYS B 542 10.58 28.88 -28.59
C CYS B 542 11.50 30.07 -28.38
N THR B 543 12.62 30.15 -29.10
CA THR B 543 13.44 31.36 -29.07
C THR B 543 13.16 32.30 -30.24
N VAL B 544 12.65 31.76 -31.35
CA VAL B 544 12.17 32.65 -32.40
C VAL B 544 11.06 33.56 -31.88
N ARG B 545 10.17 33.03 -31.03
CA ARG B 545 9.09 33.87 -30.52
C ARG B 545 9.59 34.93 -29.55
N THR B 546 10.62 34.65 -28.76
CA THR B 546 11.13 35.68 -27.87
C THR B 546 11.92 36.75 -28.61
N TRP B 547 12.72 36.40 -29.62
CA TRP B 547 13.27 37.44 -30.49
C TRP B 547 12.17 38.30 -31.09
N ILE B 548 11.15 37.67 -31.66
CA ILE B 548 10.08 38.43 -32.30
C ILE B 548 9.48 39.42 -31.33
N LEU B 549 9.04 38.94 -30.16
CA LEU B 549 8.35 39.80 -29.22
C LEU B 549 9.24 40.94 -28.73
N THR B 550 10.49 40.63 -28.34
CA THR B 550 11.30 41.68 -27.74
C THR B 550 11.72 42.73 -28.76
N VAL B 551 12.08 42.33 -29.99
CA VAL B 551 12.50 43.37 -30.94
C VAL B 551 11.29 44.15 -31.42
N GLY B 552 10.12 43.52 -31.50
CA GLY B 552 8.93 44.28 -31.83
C GLY B 552 8.62 45.35 -30.81
N TYR B 553 8.65 44.98 -29.52
CA TYR B 553 8.39 45.97 -28.48
C TYR B 553 9.44 47.07 -28.50
N THR B 554 10.71 46.70 -28.59
CA THR B 554 11.77 47.71 -28.53
C THR B 554 11.71 48.68 -29.70
N THR B 555 11.50 48.19 -30.93
CA THR B 555 11.32 49.13 -32.03
C THR B 555 10.08 49.99 -31.85
N ALA B 556 8.94 49.37 -31.52
CA ALA B 556 7.67 50.09 -31.46
C ALA B 556 7.71 51.21 -30.45
N PHE B 557 8.46 51.07 -29.36
CA PHE B 557 8.51 52.16 -28.40
C PHE B 557 9.74 53.06 -28.53
N GLY B 558 10.88 52.52 -28.95
CA GLY B 558 12.03 53.37 -29.20
C GLY B 558 11.78 54.35 -30.32
N ALA B 559 10.94 53.99 -31.28
CA ALA B 559 10.65 54.93 -32.37
C ALA B 559 9.85 56.13 -31.88
N MET B 560 8.82 55.91 -31.06
CA MET B 560 8.08 57.06 -30.53
C MET B 560 8.91 57.83 -29.52
N PHE B 561 9.79 57.17 -28.78
N PHE B 561 9.78 57.16 -28.78
CA PHE B 561 10.67 57.93 -27.89
CA PHE B 561 10.70 57.86 -27.89
C PHE B 561 11.71 58.73 -28.65
C PHE B 561 11.67 58.74 -28.67
N ALA B 562 12.14 58.28 -29.83
CA ALA B 562 13.02 59.09 -30.66
C ALA B 562 12.28 60.25 -31.28
N LYS B 563 11.03 60.02 -31.70
CA LYS B 563 10.20 61.12 -32.18
C LYS B 563 10.01 62.19 -31.11
N THR B 564 9.89 61.78 -29.85
CA THR B 564 9.75 62.76 -28.77
C THR B 564 11.08 63.43 -28.43
N TRP B 565 12.19 62.69 -28.50
CA TRP B 565 13.52 63.27 -28.41
C TRP B 565 13.70 64.41 -29.40
N ARG B 566 13.24 64.22 -30.64
CA ARG B 566 13.47 65.24 -31.65
C ARG B 566 12.71 66.52 -31.33
N VAL B 567 11.44 66.40 -30.96
CA VAL B 567 10.64 67.58 -30.64
C VAL B 567 11.09 68.23 -29.35
N HIS B 568 11.65 67.47 -28.41
CA HIS B 568 12.17 68.09 -27.19
C HIS B 568 13.51 68.78 -27.43
N ALA B 569 14.30 68.28 -28.39
CA ALA B 569 15.59 68.89 -28.65
C ALA B 569 15.48 70.12 -29.57
N ILE B 570 14.50 70.14 -30.47
CA ILE B 570 14.34 71.32 -31.33
C ILE B 570 13.74 72.48 -30.56
N PHE B 571 12.76 72.20 -29.70
CA PHE B 571 12.13 73.25 -28.91
C PHE B 571 12.96 73.62 -27.68
N LYS B 572 13.78 72.69 -27.20
CA LYS B 572 14.68 72.93 -26.07
C LYS B 572 13.93 73.43 -24.83
N GLN B 584 17.13 60.74 -39.78
CA GLN B 584 18.20 59.77 -39.95
C GLN B 584 18.95 59.59 -38.63
N LYS B 585 19.00 60.66 -37.84
CA LYS B 585 19.50 60.54 -36.47
C LYS B 585 18.48 59.89 -35.56
N LEU B 586 17.19 59.92 -35.92
CA LEU B 586 16.17 59.27 -35.12
C LEU B 586 16.22 57.75 -35.21
N LEU B 587 16.74 57.21 -36.31
CA LEU B 587 16.87 55.77 -36.45
C LEU B 587 18.09 55.22 -35.73
N VAL B 588 19.14 56.01 -35.55
CA VAL B 588 20.37 55.47 -34.99
C VAL B 588 20.20 55.13 -33.52
N ILE B 589 19.34 55.85 -32.80
CA ILE B 589 19.17 55.51 -31.39
C ILE B 589 18.26 54.30 -31.21
N VAL B 590 17.27 54.09 -32.08
CA VAL B 590 16.53 52.84 -31.98
C VAL B 590 17.40 51.68 -32.43
N GLY B 591 18.34 51.93 -33.34
CA GLY B 591 19.32 50.90 -33.67
C GLY B 591 20.26 50.60 -32.51
N GLY B 592 20.64 51.63 -31.75
CA GLY B 592 21.44 51.41 -30.56
C GLY B 592 20.69 50.70 -29.46
N MET B 593 19.36 50.89 -29.40
CA MET B 593 18.54 50.13 -28.46
C MET B 593 18.42 48.67 -28.89
N LEU B 594 18.22 48.42 -30.18
CA LEU B 594 18.20 47.05 -30.65
C LEU B 594 19.56 46.38 -30.50
N LEU B 595 20.64 47.16 -30.54
CA LEU B 595 21.96 46.62 -30.29
C LEU B 595 22.04 46.00 -28.91
N ILE B 596 21.64 46.75 -27.88
CA ILE B 596 21.73 46.21 -26.53
C ILE B 596 20.68 45.13 -26.30
N ASP B 597 19.53 45.21 -26.98
CA ASP B 597 18.55 44.14 -26.88
C ASP B 597 19.10 42.82 -27.42
N LEU B 598 19.68 42.86 -28.62
CA LEU B 598 20.25 41.65 -29.19
C LEU B 598 21.48 41.19 -28.42
N CYS B 599 22.23 42.11 -27.81
CA CYS B 599 23.32 41.68 -26.94
C CYS B 599 22.77 40.92 -25.73
N ILE B 600 21.69 41.42 -25.13
CA ILE B 600 21.06 40.73 -24.01
C ILE B 600 20.60 39.34 -24.42
N LEU B 601 19.94 39.22 -25.56
CA LEU B 601 19.42 37.92 -25.94
C LEU B 601 20.48 36.97 -26.51
N ILE B 602 21.60 37.48 -27.01
CA ILE B 602 22.70 36.58 -27.34
C ILE B 602 23.40 36.08 -26.08
N CYS B 603 23.56 36.94 -25.08
CA CYS B 603 24.06 36.46 -23.80
C CYS B 603 23.07 35.49 -23.15
N TRP B 604 21.79 35.63 -23.47
CA TRP B 604 20.79 34.65 -23.04
C TRP B 604 21.01 33.31 -23.74
N GLN B 605 21.05 33.33 -25.08
CA GLN B 605 21.12 32.10 -25.84
C GLN B 605 22.45 31.37 -25.66
N ALA B 606 23.52 32.09 -25.31
CA ALA B 606 24.82 31.44 -25.16
C ALA B 606 24.92 30.64 -23.86
N VAL B 607 24.10 30.96 -22.87
CA VAL B 607 24.16 30.30 -21.57
C VAL B 607 23.10 29.22 -21.43
N ASP B 608 21.84 29.54 -21.73
CA ASP B 608 20.74 28.61 -21.58
C ASP B 608 19.73 28.79 -22.72
N PRO B 609 19.74 27.90 -23.70
CA PRO B 609 18.93 28.11 -24.90
C PRO B 609 17.45 27.74 -24.74
N LEU B 610 16.99 27.66 -23.50
CA LEU B 610 15.59 27.33 -23.21
C LEU B 610 15.24 25.94 -23.72
N ARG B 611 15.89 24.91 -23.18
CA ARG B 611 15.63 23.54 -23.60
C ARG B 611 14.21 23.12 -23.23
N ARG B 612 13.55 22.42 -24.15
CA ARG B 612 12.19 21.96 -23.92
C ARG B 612 12.16 20.91 -22.82
N THR B 613 11.32 21.11 -21.81
CA THR B 613 11.08 20.11 -20.80
C THR B 613 9.62 19.66 -20.86
N VAL B 614 9.35 18.54 -20.19
CA VAL B 614 7.99 18.00 -20.15
C VAL B 614 7.70 17.46 -18.75
N GLU B 615 6.59 17.89 -18.17
CA GLU B 615 6.18 17.45 -16.84
C GLU B 615 5.02 16.48 -16.95
N LYS B 616 5.18 15.31 -16.33
CA LYS B 616 4.14 14.31 -16.21
C LYS B 616 3.67 14.27 -14.76
N TYR B 617 2.36 14.28 -14.55
CA TYR B 617 1.83 14.26 -13.19
C TYR B 617 0.41 13.72 -13.20
N SER B 618 -0.03 13.26 -12.03
CA SER B 618 -1.40 12.80 -11.80
C SER B 618 -1.74 11.63 -12.70
N MET B 619 -1.14 10.47 -12.45
CA MET B 619 -1.40 9.27 -13.23
C MET B 619 -2.75 8.63 -12.94
N GLU B 620 -3.58 9.30 -12.15
CA GLU B 620 -4.83 8.75 -11.62
C GLU B 620 -6.05 8.78 -12.54
N PRO B 621 -6.25 9.77 -13.41
CA PRO B 621 -7.59 10.02 -13.94
C PRO B 621 -8.12 8.88 -14.80
N ASP B 622 -9.43 8.70 -14.73
CA ASP B 622 -10.13 7.65 -15.46
C ASP B 622 -10.44 8.09 -16.88
N PRO B 623 -10.63 7.14 -17.79
CA PRO B 623 -10.96 7.48 -19.18
C PRO B 623 -12.46 7.77 -19.32
N ALA B 624 -12.89 7.96 -20.57
CA ALA B 624 -14.30 8.07 -20.88
C ALA B 624 -15.05 6.77 -20.69
N GLY B 625 -14.34 5.65 -20.57
CA GLY B 625 -14.98 4.37 -20.30
C GLY B 625 -14.41 3.21 -21.08
N ARG B 626 -13.40 3.45 -21.92
CA ARG B 626 -12.81 2.37 -22.69
C ARG B 626 -11.73 1.61 -21.93
N ASP B 627 -11.59 1.86 -20.63
CA ASP B 627 -10.69 1.10 -19.76
C ASP B 627 -9.23 1.35 -20.11
N ILE B 628 -8.83 2.62 -20.21
CA ILE B 628 -7.44 2.98 -20.44
C ILE B 628 -7.09 4.11 -19.49
N SER B 629 -6.11 3.87 -18.61
CA SER B 629 -5.69 4.90 -17.66
C SER B 629 -4.86 5.94 -18.41
N ILE B 630 -5.46 7.11 -18.64
CA ILE B 630 -4.79 8.18 -19.38
C ILE B 630 -3.91 8.98 -18.43
N ARG B 631 -2.65 9.17 -18.82
CA ARG B 631 -1.72 9.94 -18.01
C ARG B 631 -1.53 11.31 -18.64
N PRO B 632 -2.06 12.37 -18.06
CA PRO B 632 -1.86 13.70 -18.65
C PRO B 632 -0.48 14.23 -18.33
N LEU B 633 0.17 14.77 -19.37
CA LEU B 633 1.47 15.40 -19.24
C LEU B 633 1.50 16.59 -20.19
N LEU B 634 2.34 17.58 -19.89
CA LEU B 634 2.40 18.74 -20.76
C LEU B 634 3.83 19.26 -20.85
N GLU B 635 4.14 19.83 -22.01
CA GLU B 635 5.47 20.31 -22.36
C GLU B 635 5.54 21.81 -22.23
N HIS B 636 6.73 22.31 -21.88
CA HIS B 636 6.93 23.75 -21.80
C HIS B 636 8.41 24.08 -21.85
N CYS B 637 8.69 25.34 -22.16
CA CYS B 637 10.05 25.86 -22.24
C CYS B 637 10.52 26.34 -20.89
N GLU B 638 11.66 25.83 -20.44
CA GLU B 638 12.30 26.30 -19.23
C GLU B 638 13.80 26.18 -19.39
N ASN B 639 14.52 26.53 -18.34
CA ASN B 639 15.97 26.38 -18.29
C ASN B 639 16.37 26.16 -16.84
N THR B 640 17.65 26.40 -16.55
CA THR B 640 18.12 26.30 -15.18
C THR B 640 17.50 27.36 -14.27
N HIS B 641 17.48 28.62 -14.73
CA HIS B 641 16.87 29.70 -13.97
C HIS B 641 16.34 30.79 -14.88
N MET B 642 15.05 30.73 -15.21
CA MET B 642 14.48 31.73 -16.10
C MET B 642 14.23 33.06 -15.39
N THR B 643 14.19 33.05 -14.06
CA THR B 643 13.90 34.27 -13.32
C THR B 643 14.92 35.37 -13.60
N ILE B 644 16.20 35.01 -13.65
CA ILE B 644 17.25 36.00 -13.87
C ILE B 644 17.10 36.63 -15.25
N TRP B 645 16.91 35.81 -16.27
CA TRP B 645 16.86 36.34 -17.64
C TRP B 645 15.61 37.18 -17.84
N LEU B 646 14.45 36.71 -17.34
CA LEU B 646 13.24 37.50 -17.46
C LEU B 646 13.35 38.81 -16.69
N GLY B 647 14.00 38.79 -15.52
CA GLY B 647 14.18 40.01 -14.77
C GLY B 647 15.08 41.01 -15.47
N ILE B 648 16.15 40.52 -16.09
CA ILE B 648 17.04 41.41 -16.83
C ILE B 648 16.31 42.04 -18.01
N VAL B 649 15.60 41.23 -18.80
CA VAL B 649 14.89 41.76 -19.95
C VAL B 649 13.85 42.79 -19.51
N TYR B 650 13.03 42.45 -18.52
CA TYR B 650 11.99 43.37 -18.08
C TYR B 650 12.55 44.60 -17.40
N ALA B 651 13.69 44.50 -16.72
CA ALA B 651 14.28 45.69 -16.09
C ALA B 651 14.85 46.64 -17.14
N TYR B 652 15.51 46.10 -18.17
CA TYR B 652 15.98 46.96 -19.25
C TYR B 652 14.81 47.65 -19.96
N LYS B 653 13.75 46.88 -20.26
CA LYS B 653 12.60 47.47 -20.93
C LYS B 653 11.89 48.50 -20.05
N GLY B 654 11.81 48.27 -18.74
CA GLY B 654 11.20 49.25 -17.86
C GLY B 654 12.04 50.49 -17.69
N LEU B 655 13.37 50.36 -17.70
CA LEU B 655 14.22 51.53 -17.68
C LEU B 655 14.03 52.38 -18.93
N LEU B 656 13.99 51.73 -20.10
CA LEU B 656 13.68 52.45 -21.33
C LEU B 656 12.31 53.11 -21.25
N MET B 657 11.32 52.42 -20.67
CA MET B 657 9.98 52.97 -20.56
C MET B 657 9.95 54.23 -19.71
N LEU B 658 10.56 54.17 -18.52
CA LEU B 658 10.53 55.32 -17.64
C LEU B 658 11.32 56.48 -18.20
N PHE B 659 12.46 56.20 -18.86
CA PHE B 659 13.24 57.30 -19.44
C PHE B 659 12.60 57.86 -20.70
N GLY B 660 11.66 57.14 -21.31
CA GLY B 660 10.86 57.74 -22.35
C GLY B 660 9.71 58.57 -21.81
N CYS B 661 9.08 58.11 -20.73
CA CYS B 661 8.00 58.88 -20.13
C CYS B 661 8.50 60.18 -19.53
N PHE B 662 9.70 60.18 -18.95
CA PHE B 662 10.31 61.41 -18.45
C PHE B 662 10.47 62.44 -19.55
N LEU B 663 11.03 62.02 -20.68
CA LEU B 663 11.30 62.94 -21.77
C LEU B 663 10.01 63.39 -22.44
N ALA B 664 8.97 62.55 -22.42
CA ALA B 664 7.67 62.97 -22.94
C ALA B 664 7.00 63.98 -22.02
N TRP B 665 7.16 63.80 -20.70
CA TRP B 665 6.56 64.74 -19.78
C TRP B 665 7.23 66.10 -19.82
N GLU B 666 8.55 66.12 -20.04
CA GLU B 666 9.20 67.42 -20.26
C GLU B 666 8.65 68.14 -21.49
N THR B 667 8.23 67.39 -22.52
CA THR B 667 7.64 68.04 -23.68
C THR B 667 6.21 68.49 -23.40
N ARG B 668 5.46 67.73 -22.62
CA ARG B 668 4.10 68.13 -22.28
C ARG B 668 4.05 69.23 -21.22
N ASN B 669 5.18 69.52 -20.57
CA ASN B 669 5.19 70.59 -19.59
C ASN B 669 5.15 71.97 -20.26
N VAL B 670 5.51 72.05 -21.53
CA VAL B 670 5.60 73.32 -22.22
C VAL B 670 4.53 73.49 -23.31
N SER B 671 3.63 72.52 -23.48
CA SER B 671 2.46 72.69 -24.34
C SER B 671 2.78 73.02 -25.79
N ILE B 672 3.41 72.08 -26.50
CA ILE B 672 3.61 72.19 -27.95
C ILE B 672 2.22 72.19 -28.58
N PRO B 673 1.95 73.06 -29.56
CA PRO B 673 0.55 73.37 -29.89
C PRO B 673 -0.22 72.26 -30.60
N ALA B 674 0.36 71.59 -31.59
CA ALA B 674 -0.46 70.70 -32.40
C ALA B 674 0.20 69.34 -32.64
N LEU B 675 1.40 69.13 -32.10
CA LEU B 675 2.10 67.87 -32.30
C LEU B 675 2.73 67.34 -31.01
N ASN B 676 2.28 67.80 -29.85
CA ASN B 676 2.82 67.34 -28.58
C ASN B 676 2.67 65.84 -28.42
N ASP B 677 1.44 65.34 -28.45
CA ASP B 677 1.10 63.92 -28.34
C ASP B 677 1.62 63.28 -27.07
N SER B 678 2.10 64.07 -26.10
CA SER B 678 2.66 63.50 -24.90
C SER B 678 1.59 62.91 -23.98
N LYS B 679 0.35 63.40 -24.08
CA LYS B 679 -0.73 62.74 -23.38
C LYS B 679 -0.98 61.32 -23.90
N TYR B 680 -0.83 61.12 -25.21
CA TYR B 680 -0.91 59.78 -25.79
C TYR B 680 0.23 58.89 -25.34
N ILE B 681 1.45 59.43 -25.27
CA ILE B 681 2.56 58.65 -24.74
C ILE B 681 2.28 58.25 -23.30
N GLY B 682 1.78 59.18 -22.49
CA GLY B 682 1.46 58.86 -21.12
C GLY B 682 0.42 57.76 -20.99
N MET B 683 -0.66 57.85 -21.75
CA MET B 683 -1.71 56.85 -21.66
C MET B 683 -1.25 55.48 -22.17
N SER B 684 -0.59 55.45 -23.32
CA SER B 684 -0.13 54.17 -23.87
C SER B 684 0.93 53.53 -22.98
N VAL B 685 1.87 54.34 -22.47
CA VAL B 685 2.88 53.81 -21.57
C VAL B 685 2.27 53.31 -20.26
N TYR B 686 1.25 53.99 -19.74
CA TYR B 686 0.58 53.51 -18.55
C TYR B 686 -0.09 52.15 -18.80
N ASN B 687 -0.85 52.06 -19.89
CA ASN B 687 -1.54 50.82 -20.19
C ASN B 687 -0.56 49.67 -20.41
N VAL B 688 0.53 49.93 -21.14
CA VAL B 688 1.52 48.88 -21.35
C VAL B 688 2.22 48.50 -20.06
N GLY B 689 2.58 49.48 -19.22
CA GLY B 689 3.27 49.17 -18.00
C GLY B 689 2.44 48.34 -17.04
N ILE B 690 1.12 48.57 -17.03
CA ILE B 690 0.31 47.74 -16.13
C ILE B 690 0.02 46.37 -16.77
N MET B 691 -0.36 46.34 -18.05
CA MET B 691 -0.79 45.09 -18.65
C MET B 691 0.35 44.12 -18.91
N CYS B 692 1.56 44.59 -19.22
CA CYS B 692 2.66 43.66 -19.39
C CYS B 692 3.13 43.07 -18.07
N ILE B 693 3.11 43.85 -17.00
CA ILE B 693 3.43 43.30 -15.69
C ILE B 693 2.39 42.26 -15.28
N ILE B 694 1.11 42.56 -15.53
CA ILE B 694 0.06 41.60 -15.20
C ILE B 694 0.20 40.34 -16.03
N GLY B 695 0.48 40.48 -17.34
CA GLY B 695 0.62 39.32 -18.19
C GLY B 695 1.85 38.48 -17.86
N ALA B 696 2.90 39.12 -17.35
CA ALA B 696 4.07 38.37 -16.92
C ALA B 696 3.81 37.65 -15.60
N ALA B 697 3.11 38.30 -14.68
CA ALA B 697 2.89 37.70 -13.36
C ALA B 697 1.78 36.65 -13.37
N VAL B 698 0.86 36.69 -14.32
CA VAL B 698 -0.22 35.72 -14.38
C VAL B 698 0.13 34.54 -15.29
N SER B 699 0.91 34.77 -16.35
CA SER B 699 1.33 33.66 -17.20
C SER B 699 2.32 32.75 -16.49
N PHE B 700 3.14 33.29 -15.59
CA PHE B 700 4.10 32.48 -14.85
C PHE B 700 3.51 31.83 -13.60
N LEU B 701 2.26 32.14 -13.26
CA LEU B 701 1.58 31.48 -12.16
C LEU B 701 0.42 30.60 -12.60
N THR B 702 0.11 30.58 -13.90
CA THR B 702 -0.87 29.64 -14.43
C THR B 702 -0.22 28.68 -15.43
N ARG B 703 1.05 28.31 -15.21
CA ARG B 703 1.76 27.51 -16.19
C ARG B 703 1.25 26.07 -16.23
N ASP B 704 0.69 25.58 -15.14
CA ASP B 704 0.20 24.20 -15.11
C ASP B 704 -1.19 24.05 -15.73
N GLN B 705 -1.80 25.14 -16.17
CA GLN B 705 -3.04 25.11 -16.95
C GLN B 705 -2.85 26.04 -18.14
N PRO B 706 -2.45 25.49 -19.29
CA PRO B 706 -1.93 26.34 -20.37
C PRO B 706 -3.00 27.03 -21.19
N ASN B 707 -4.26 26.57 -21.15
CA ASN B 707 -5.30 27.22 -21.93
C ASN B 707 -5.59 28.63 -21.43
N VAL B 708 -5.74 28.79 -20.12
CA VAL B 708 -5.90 30.12 -19.53
C VAL B 708 -4.65 30.95 -19.74
N GLN B 709 -3.48 30.33 -19.61
CA GLN B 709 -2.22 31.03 -19.82
C GLN B 709 -2.17 31.64 -21.22
N PHE B 710 -2.56 30.87 -22.23
CA PHE B 710 -2.54 31.38 -23.60
C PHE B 710 -3.61 32.44 -23.81
N CYS B 711 -4.82 32.21 -23.28
CA CYS B 711 -5.90 33.17 -23.47
C CYS B 711 -5.60 34.50 -22.78
N ILE B 712 -4.70 34.51 -21.80
CA ILE B 712 -4.29 35.76 -21.17
C ILE B 712 -3.11 36.39 -21.91
N VAL B 713 -2.08 35.60 -22.23
CA VAL B 713 -0.89 36.18 -22.83
C VAL B 713 -1.16 36.60 -24.26
N ALA B 714 -2.23 36.09 -24.88
CA ALA B 714 -2.59 36.58 -26.20
C ALA B 714 -3.47 37.82 -26.11
N LEU B 715 -4.40 37.84 -25.15
CA LEU B 715 -5.30 38.97 -25.00
C LEU B 715 -4.56 40.23 -24.57
N VAL B 716 -3.58 40.12 -23.68
CA VAL B 716 -2.87 41.31 -23.26
C VAL B 716 -2.02 41.86 -24.41
N ILE B 717 -1.44 40.99 -25.24
CA ILE B 717 -0.69 41.45 -26.40
C ILE B 717 -1.61 42.16 -27.38
N ILE B 718 -2.78 41.57 -27.65
CA ILE B 718 -3.75 42.21 -28.53
C ILE B 718 -4.11 43.60 -28.02
N PHE B 719 -4.49 43.69 -26.74
CA PHE B 719 -4.92 44.96 -26.18
C PHE B 719 -3.82 46.02 -26.23
N CYS B 720 -2.62 45.65 -25.76
CA CYS B 720 -1.54 46.63 -25.72
C CYS B 720 -1.10 47.08 -27.11
N SER B 721 -0.89 46.14 -28.03
CA SER B 721 -0.44 46.49 -29.37
C SER B 721 -1.54 47.10 -30.22
N THR B 722 -2.80 47.07 -29.76
CA THR B 722 -3.82 47.85 -30.43
C THR B 722 -3.91 49.26 -29.87
N ILE B 723 -3.79 49.40 -28.55
CA ILE B 723 -3.83 50.74 -27.95
C ILE B 723 -2.66 51.59 -28.43
N THR B 724 -1.45 51.03 -28.38
CA THR B 724 -0.29 51.84 -28.78
C THR B 724 -0.32 52.21 -30.26
N LEU B 725 -1.07 51.47 -31.08
CA LEU B 725 -1.24 51.87 -32.47
C LEU B 725 -2.34 52.91 -32.63
N CYS B 726 -3.50 52.68 -32.03
CA CYS B 726 -4.63 53.58 -32.23
C CYS B 726 -4.37 54.95 -31.62
N LEU B 727 -3.95 55.00 -30.36
CA LEU B 727 -3.73 56.30 -29.73
C LEU B 727 -2.60 57.10 -30.37
N VAL B 728 -1.89 56.52 -31.33
CA VAL B 728 -0.87 57.27 -32.06
C VAL B 728 -1.39 57.64 -33.44
N PHE B 729 -2.24 56.77 -34.01
CA PHE B 729 -2.62 56.94 -35.41
C PHE B 729 -3.99 57.55 -35.63
N VAL B 730 -5.01 57.15 -34.86
CA VAL B 730 -6.38 57.58 -35.12
C VAL B 730 -6.63 59.07 -34.84
N PRO B 731 -5.95 59.73 -33.88
CA PRO B 731 -6.24 61.16 -33.69
C PRO B 731 -5.87 62.03 -34.87
N LYS B 732 -5.02 61.55 -35.78
CA LYS B 732 -4.65 62.31 -36.97
C LYS B 732 -5.56 62.01 -38.14
N LEU B 733 -5.97 60.75 -38.30
CA LEU B 733 -6.93 60.40 -39.32
C LEU B 733 -8.30 60.98 -39.02
N ILE B 734 -8.60 61.19 -37.73
CA ILE B 734 -9.91 61.76 -37.38
C ILE B 734 -9.98 63.25 -37.66
N THR B 735 -8.84 63.93 -37.80
CA THR B 735 -8.83 65.34 -38.18
C THR B 735 -8.46 65.57 -39.63
N LEU B 736 -7.91 64.56 -40.31
CA LEU B 736 -7.71 64.69 -41.75
C LEU B 736 -9.02 64.47 -42.51
N ARG B 737 -9.83 63.52 -42.06
CA ARG B 737 -11.13 63.27 -42.67
C ARG B 737 -12.25 63.90 -41.87
#